data_7MZD
#
_entry.id   7MZD
#
_cell.length_a   1.00
_cell.length_b   1.00
_cell.length_c   1.00
_cell.angle_alpha   90.00
_cell.angle_beta   90.00
_cell.angle_gamma   90.00
#
_symmetry.space_group_name_H-M   'P 1'
#
loop_
_entity.id
_entity.type
_entity.pdbx_description
1 polymer 'Transient receptor potential cation channel subfamily V member 1'
2 non-polymer resiniferatoxin
3 non-polymer 'SODIUM ION'
4 water water
#
_entity_poly.entity_id   1
_entity_poly.type   'polypeptide(L)'
_entity_poly.pdbx_seq_one_letter_code
;GAMGSRLYDRRSIFDAVAQSNCQELESLLPFLQRSKKRLTDSEFKDPETGKTCLLKAMLNLHNGQNDTIALLLDVARKTD
SLKQFVNASYTDSYYKGQTALHIAIERRNMTLVTLLVENGADVQAAANGDFFKKTKGRPGFYFGELPLSLAACTNQLAIV
KFLLQNSWQPADISARDSVGNTVLHALVEVADNTVDNTKFVTSMYNEILILGAKLHPTLKLEEITNRKGLTPLALAASSG
KIGVLAYILQREIHEPECRHLSRKFTEWAYGPVHSSLYDLSCIDTCEKNSVLEVIAYSSSETPNRHDMLLVEPLNRLLQD
KWDRFVKRIFYFNFFVYCLYMIIFTAAAYYRPVEGLPPYKLKNTVGDYFRVTGEILSVSGGVYFFFRGIQYFLQRRPSLK
SLFVDSYSEILFFVQSLFMLVSVVLYFSQRKEYVASMVFSLAMGWTNMLYYTRGFQQMGIYAVMIEKMILRDLCRFMFVY
LVFLFGFSTAVVTLIEDGKYNSLYSTCLELFKFTIGMGDLEFTENYDFKAVFIILLLAYVILTYILLLNMLIALMGETVN
KIAQESKNIWKLQRAITILDTEKSFLKCMRKAFRSGKLLQVGFTPDGKDDYRWCFRVDEVNWTTWNTNVGIINEDPG
;
_entity_poly.pdbx_strand_id   A,D,B,C
#
loop_
_chem_comp.id
_chem_comp.type
_chem_comp.name
_chem_comp.formula
6EU non-polymer resiniferatoxin 'C37 H40 O9'
NA non-polymer 'SODIUM ION' 'Na 1'
#
# COMPACT_ATOMS: atom_id res chain seq x y z
N TYR A 94 41.19 -15.05 31.95
CA TYR A 94 40.62 -14.38 30.79
C TYR A 94 40.99 -15.13 29.50
N TYR A 95 42.29 -15.24 29.24
CA TYR A 95 42.83 -16.05 28.15
C TYR A 95 43.26 -17.43 28.62
N LYS A 96 42.71 -17.90 29.74
CA LYS A 96 43.10 -19.18 30.32
C LYS A 96 42.91 -20.33 29.34
N GLY A 97 43.93 -21.18 29.24
CA GLY A 97 43.88 -22.37 28.42
C GLY A 97 44.38 -22.20 27.01
N GLN A 98 44.54 -20.97 26.52
CA GLN A 98 44.98 -20.76 25.15
C GLN A 98 46.44 -21.20 24.99
N THR A 99 46.72 -21.88 23.90
CA THR A 99 48.06 -22.38 23.57
C THR A 99 48.46 -21.89 22.19
N ALA A 100 49.69 -22.25 21.79
CA ALA A 100 50.22 -21.82 20.51
C ALA A 100 49.40 -22.36 19.35
N LEU A 101 48.81 -23.54 19.50
CA LEU A 101 47.99 -24.11 18.44
C LEU A 101 46.77 -23.26 18.16
N HIS A 102 46.14 -22.72 19.22
CA HIS A 102 45.01 -21.83 19.03
C HIS A 102 45.42 -20.58 18.28
N ILE A 103 46.60 -20.04 18.58
CA ILE A 103 47.09 -18.86 17.87
C ILE A 103 47.35 -19.21 16.41
N ALA A 104 47.94 -20.36 16.15
CA ALA A 104 48.25 -20.75 14.79
C ALA A 104 46.98 -20.90 13.96
N ILE A 105 45.95 -21.51 14.53
CA ILE A 105 44.68 -21.64 13.81
C ILE A 105 44.03 -20.27 13.64
N GLU A 106 44.10 -19.43 14.68
CA GLU A 106 43.53 -18.09 14.62
C GLU A 106 44.15 -17.28 13.49
N ARG A 107 45.47 -17.32 13.36
CA ARG A 107 46.16 -16.59 12.31
C ARG A 107 46.06 -17.27 10.95
N ARG A 108 45.41 -18.43 10.86
CA ARG A 108 45.20 -19.12 9.60
C ARG A 108 46.52 -19.51 8.95
N ASN A 109 47.45 -20.00 9.76
CA ASN A 109 48.78 -20.41 9.32
C ASN A 109 48.82 -21.94 9.32
N MET A 110 48.62 -22.53 8.14
CA MET A 110 48.63 -23.99 8.04
C MET A 110 50.00 -24.56 8.40
N THR A 111 51.07 -23.91 7.95
CA THR A 111 52.41 -24.41 8.22
C THR A 111 52.71 -24.42 9.71
N LEU A 112 52.34 -23.35 10.42
CA LEU A 112 52.61 -23.31 11.85
C LEU A 112 51.80 -24.37 12.58
N VAL A 113 50.56 -24.61 12.18
CA VAL A 113 49.76 -25.67 12.79
C VAL A 113 50.42 -27.02 12.56
N THR A 114 50.90 -27.26 11.34
CA THR A 114 51.55 -28.52 11.03
C THR A 114 52.79 -28.71 11.89
N LEU A 115 53.61 -27.67 12.02
CA LEU A 115 54.82 -27.77 12.84
C LEU A 115 54.48 -27.98 14.30
N LEU A 116 53.47 -27.27 14.82
CA LEU A 116 53.12 -27.40 16.24
C LEU A 116 52.59 -28.80 16.55
N VAL A 117 51.73 -29.34 15.69
CA VAL A 117 51.25 -30.70 15.89
C VAL A 117 52.40 -31.69 15.76
N GLU A 118 53.30 -31.46 14.81
CA GLU A 118 54.47 -32.32 14.67
C GLU A 118 55.34 -32.30 15.92
N ASN A 119 55.44 -31.16 16.59
CA ASN A 119 56.33 -31.00 17.73
C ASN A 119 55.69 -31.39 19.05
N GLY A 120 54.52 -32.03 19.03
CA GLY A 120 53.88 -32.50 20.24
C GLY A 120 52.85 -31.59 20.86
N ALA A 121 52.29 -30.66 20.09
CA ALA A 121 51.22 -29.82 20.61
C ALA A 121 50.01 -30.66 20.97
N ASP A 122 49.31 -30.24 22.02
CA ASP A 122 48.13 -30.96 22.52
C ASP A 122 46.92 -30.46 21.75
N VAL A 123 46.43 -31.29 20.83
CA VAL A 123 45.28 -30.92 20.00
C VAL A 123 43.96 -30.92 20.78
N GLN A 124 43.96 -31.38 22.03
CA GLN A 124 42.76 -31.41 22.87
C GLN A 124 42.77 -30.33 23.94
N ALA A 125 43.68 -29.35 23.84
CA ALA A 125 43.73 -28.28 24.84
C ALA A 125 42.44 -27.48 24.84
N ALA A 126 41.97 -27.16 26.06
CA ALA A 126 40.71 -26.46 26.26
C ALA A 126 41.01 -25.00 26.60
N ALA A 127 40.65 -24.09 25.69
CA ALA A 127 40.78 -22.66 25.92
C ALA A 127 39.51 -22.18 26.65
N ASN A 128 39.49 -22.46 27.95
CA ASN A 128 38.29 -22.25 28.78
C ASN A 128 38.33 -20.93 29.54
N GLY A 129 39.02 -19.92 29.00
CA GLY A 129 39.02 -18.61 29.63
C GLY A 129 37.72 -17.86 29.39
N ASP A 130 37.54 -16.79 30.15
CA ASP A 130 36.31 -16.00 30.05
C ASP A 130 36.16 -15.40 28.66
N PHE A 131 37.28 -15.05 28.01
CA PHE A 131 37.20 -14.50 26.67
C PHE A 131 36.62 -15.49 25.67
N PHE A 132 36.76 -16.79 25.92
CA PHE A 132 36.34 -17.82 24.97
C PHE A 132 34.97 -18.41 25.29
N LYS A 133 34.24 -17.84 26.25
CA LYS A 133 32.89 -18.28 26.60
C LYS A 133 31.87 -17.35 25.97
N LYS A 134 30.60 -17.75 26.07
CA LYS A 134 29.51 -16.94 25.52
C LYS A 134 29.51 -15.56 26.14
N THR A 135 29.25 -15.48 27.45
CA THR A 135 29.43 -14.27 28.27
C THR A 135 28.89 -13.00 27.61
N LYS A 136 27.57 -12.94 27.41
CA LYS A 136 26.95 -11.87 26.62
C LYS A 136 27.30 -10.48 27.14
N GLY A 137 27.59 -10.33 28.43
CA GLY A 137 27.90 -9.04 29.01
C GLY A 137 29.34 -8.57 28.87
N ARG A 138 30.19 -9.34 28.19
CA ARG A 138 31.59 -9.00 28.00
C ARG A 138 32.00 -9.40 26.59
N PRO A 139 33.05 -8.78 26.04
CA PRO A 139 33.53 -9.21 24.72
C PRO A 139 34.12 -10.61 24.77
N GLY A 140 34.07 -11.29 23.64
CA GLY A 140 34.62 -12.62 23.54
C GLY A 140 34.17 -13.29 22.26
N PHE A 141 34.53 -14.57 22.15
CA PHE A 141 34.19 -15.37 20.98
C PHE A 141 34.15 -16.83 21.39
N TYR A 142 32.97 -17.43 21.37
CA TYR A 142 32.80 -18.84 21.69
C TYR A 142 32.93 -19.67 20.43
N PHE A 143 33.74 -20.73 20.50
CA PHE A 143 33.96 -21.62 19.37
C PHE A 143 33.98 -23.09 19.74
N GLY A 144 33.77 -23.44 21.02
CA GLY A 144 33.88 -24.81 21.49
C GLY A 144 35.14 -25.10 22.26
N GLU A 145 36.04 -24.13 22.42
CA GLU A 145 37.18 -24.19 23.33
C GLU A 145 38.30 -25.11 22.83
N LEU A 146 38.09 -25.82 21.70
CA LEU A 146 39.04 -26.82 21.21
C LEU A 146 39.64 -26.41 19.88
N PRO A 147 40.88 -26.81 19.56
CA PRO A 147 41.44 -26.49 18.24
C PRO A 147 40.61 -26.99 17.07
N LEU A 148 40.02 -28.19 17.19
CA LEU A 148 39.19 -28.71 16.10
C LEU A 148 37.98 -27.82 15.86
N SER A 149 37.27 -27.46 16.92
CA SER A 149 36.11 -26.60 16.76
C SER A 149 36.51 -25.18 16.39
N LEU A 150 37.71 -24.74 16.77
CA LEU A 150 38.20 -23.44 16.32
C LEU A 150 38.41 -23.44 14.81
N ALA A 151 39.02 -24.51 14.29
CA ALA A 151 39.21 -24.61 12.85
C ALA A 151 37.87 -24.71 12.13
N ALA A 152 36.94 -25.49 12.70
CA ALA A 152 35.65 -25.66 12.04
C ALA A 152 34.85 -24.37 12.03
N CYS A 153 34.83 -23.64 13.15
CA CYS A 153 34.04 -22.42 13.24
C CYS A 153 34.62 -21.28 12.39
N THR A 154 35.89 -21.35 12.02
CA THR A 154 36.54 -20.31 11.24
C THR A 154 36.62 -20.63 9.75
N ASN A 155 35.92 -21.66 9.30
CA ASN A 155 35.85 -22.02 7.89
C ASN A 155 37.22 -22.36 7.34
N GLN A 156 37.95 -23.20 8.08
CA GLN A 156 39.27 -23.70 7.68
C GLN A 156 39.17 -25.22 7.60
N LEU A 157 38.73 -25.72 6.44
CA LEU A 157 38.52 -27.15 6.29
C LEU A 157 39.84 -27.92 6.27
N ALA A 158 40.88 -27.33 5.68
CA ALA A 158 42.17 -28.01 5.59
C ALA A 158 42.73 -28.31 6.97
N ILE A 159 42.63 -27.35 7.89
CA ILE A 159 43.14 -27.58 9.24
C ILE A 159 42.30 -28.64 9.94
N VAL A 160 40.99 -28.67 9.70
CA VAL A 160 40.14 -29.69 10.28
C VAL A 160 40.58 -31.07 9.82
N LYS A 161 40.80 -31.22 8.50
CA LYS A 161 41.23 -32.50 7.97
C LYS A 161 42.59 -32.90 8.55
N PHE A 162 43.50 -31.94 8.67
CA PHE A 162 44.80 -32.26 9.27
C PHE A 162 44.65 -32.71 10.71
N LEU A 163 43.88 -31.96 11.51
CA LEU A 163 43.76 -32.26 12.93
C LEU A 163 43.12 -33.63 13.15
N LEU A 164 42.12 -33.97 12.34
CA LEU A 164 41.41 -35.22 12.57
C LEU A 164 42.27 -36.43 12.22
N GLN A 165 43.04 -36.35 11.13
CA GLN A 165 43.73 -37.51 10.57
C GLN A 165 45.18 -37.18 10.22
N ASN A 166 45.90 -36.56 11.16
CA ASN A 166 47.34 -36.40 11.04
C ASN A 166 48.03 -37.69 11.47
N SER A 167 49.35 -37.74 11.30
CA SER A 167 50.14 -38.92 11.63
C SER A 167 50.66 -38.94 13.07
N TRP A 168 50.61 -37.81 13.78
CA TRP A 168 51.23 -37.68 15.09
C TRP A 168 50.22 -37.81 16.24
N GLN A 169 49.16 -37.01 16.21
CA GLN A 169 48.20 -36.97 17.32
C GLN A 169 46.84 -36.58 16.73
N PRO A 170 45.98 -37.54 16.41
CA PRO A 170 44.68 -37.18 15.82
C PRO A 170 43.78 -36.51 16.84
N ALA A 171 42.95 -35.60 16.35
CA ALA A 171 41.99 -34.92 17.20
C ALA A 171 40.81 -35.84 17.48
N ASP A 172 40.26 -35.71 18.68
CA ASP A 172 39.10 -36.51 19.10
C ASP A 172 37.84 -35.81 18.59
N ILE A 173 37.23 -36.38 17.55
CA ILE A 173 36.08 -35.75 16.92
C ILE A 173 34.87 -35.70 17.84
N SER A 174 34.83 -36.55 18.86
CA SER A 174 33.71 -36.60 19.81
C SER A 174 34.00 -35.84 21.10
N ALA A 175 35.10 -35.10 21.17
CA ALA A 175 35.46 -34.40 22.40
C ALA A 175 34.42 -33.33 22.72
N ARG A 176 34.22 -33.12 24.02
CA ARG A 176 33.24 -32.18 24.54
C ARG A 176 33.96 -31.12 25.39
N ASP A 177 33.47 -29.89 25.32
CA ASP A 177 34.05 -28.78 26.07
C ASP A 177 33.42 -28.74 27.46
N SER A 178 33.68 -27.66 28.20
CA SER A 178 33.14 -27.51 29.54
C SER A 178 31.62 -27.43 29.56
N VAL A 179 31.01 -26.96 28.46
CA VAL A 179 29.54 -26.94 28.36
C VAL A 179 28.99 -28.29 27.92
N GLY A 180 29.84 -29.21 27.45
CA GLY A 180 29.39 -30.45 26.85
C GLY A 180 29.22 -30.38 25.35
N ASN A 181 29.55 -29.26 24.73
CA ASN A 181 29.38 -29.10 23.29
C ASN A 181 30.52 -29.74 22.54
N THR A 182 30.18 -30.45 21.46
CA THR A 182 31.15 -31.01 20.53
C THR A 182 31.36 -30.02 19.38
N VAL A 183 32.06 -30.46 18.35
CA VAL A 183 32.28 -29.62 17.18
C VAL A 183 30.96 -29.28 16.51
N LEU A 184 30.02 -30.23 16.47
CA LEU A 184 28.74 -29.96 15.83
C LEU A 184 27.92 -28.96 16.62
N HIS A 185 27.93 -29.08 17.95
CA HIS A 185 27.25 -28.09 18.79
C HIS A 185 27.87 -26.71 18.57
N ALA A 186 29.20 -26.64 18.49
CA ALA A 186 29.85 -25.36 18.24
C ALA A 186 29.45 -24.79 16.88
N LEU A 187 29.36 -25.64 15.86
CA LEU A 187 28.94 -25.16 14.54
C LEU A 187 27.52 -24.62 14.58
N VAL A 188 26.64 -25.28 15.33
CA VAL A 188 25.28 -24.77 15.48
C VAL A 188 25.31 -23.43 16.22
N GLU A 189 26.15 -23.32 17.25
CA GLU A 189 26.18 -22.10 18.06
C GLU A 189 26.59 -20.88 17.25
N VAL A 190 27.60 -21.04 16.38
CA VAL A 190 28.12 -19.90 15.62
C VAL A 190 27.23 -19.47 14.47
N ALA A 191 26.11 -20.15 14.25
CA ALA A 191 25.20 -19.76 13.18
C ALA A 191 24.40 -18.53 13.58
N ASP A 192 24.11 -17.66 12.61
CA ASP A 192 23.26 -16.49 12.83
C ASP A 192 22.24 -16.28 11.71
N ASN A 193 22.01 -17.29 10.86
CA ASN A 193 20.95 -17.30 9.86
C ASN A 193 21.17 -16.28 8.75
N THR A 194 22.39 -15.79 8.56
CA THR A 194 22.73 -15.00 7.38
C THR A 194 23.19 -15.92 6.26
N VAL A 195 23.31 -15.35 5.06
CA VAL A 195 23.51 -16.17 3.86
C VAL A 195 24.87 -16.86 3.88
N ASP A 196 25.95 -16.09 4.00
CA ASP A 196 27.29 -16.67 3.94
C ASP A 196 27.56 -17.53 5.17
N ASN A 197 27.07 -17.08 6.32
CA ASN A 197 27.15 -17.89 7.54
C ASN A 197 26.49 -19.24 7.31
N THR A 198 25.28 -19.23 6.75
CA THR A 198 24.58 -20.48 6.49
C THR A 198 25.35 -21.36 5.53
N LYS A 199 25.91 -20.77 4.47
CA LYS A 199 26.66 -21.56 3.50
C LYS A 199 27.83 -22.26 4.15
N PHE A 200 28.68 -21.51 4.86
CA PHE A 200 29.90 -22.14 5.38
C PHE A 200 29.58 -23.07 6.54
N VAL A 201 28.59 -22.75 7.38
CA VAL A 201 28.25 -23.65 8.47
C VAL A 201 27.68 -24.95 7.92
N THR A 202 26.82 -24.87 6.90
CA THR A 202 26.28 -26.07 6.29
C THR A 202 27.39 -26.93 5.69
N SER A 203 28.30 -26.31 4.94
CA SER A 203 29.37 -27.07 4.31
C SER A 203 30.27 -27.72 5.36
N MET A 204 30.64 -26.97 6.40
CA MET A 204 31.51 -27.52 7.43
C MET A 204 30.82 -28.65 8.18
N TYR A 205 29.53 -28.49 8.47
CA TYR A 205 28.77 -29.55 9.15
C TYR A 205 28.77 -30.82 8.32
N ASN A 206 28.52 -30.69 7.01
CA ASN A 206 28.51 -31.85 6.13
C ASN A 206 29.87 -32.52 6.09
N GLU A 207 30.94 -31.72 5.97
CA GLU A 207 32.28 -32.30 5.92
C GLU A 207 32.64 -33.01 7.21
N ILE A 208 32.26 -32.43 8.35
CA ILE A 208 32.53 -33.08 9.62
C ILE A 208 31.81 -34.41 9.69
N LEU A 209 30.55 -34.45 9.25
CA LEU A 209 29.82 -35.72 9.29
C LEU A 209 30.49 -36.76 8.41
N ILE A 210 30.92 -36.37 7.21
CA ILE A 210 31.56 -37.33 6.31
C ILE A 210 32.84 -37.87 6.94
N LEU A 211 33.67 -36.98 7.48
CA LEU A 211 34.93 -37.41 8.06
C LEU A 211 34.70 -38.29 9.29
N GLY A 212 33.71 -37.95 10.11
CA GLY A 212 33.41 -38.78 11.26
C GLY A 212 32.94 -40.17 10.87
N ALA A 213 32.10 -40.25 9.84
CA ALA A 213 31.65 -41.56 9.38
C ALA A 213 32.81 -42.37 8.82
N LYS A 214 33.71 -41.73 8.08
CA LYS A 214 34.82 -42.47 7.49
C LYS A 214 35.81 -42.94 8.55
N LEU A 215 36.16 -42.07 9.50
CA LEU A 215 37.14 -42.43 10.51
C LEU A 215 36.54 -43.33 11.59
N HIS A 216 35.27 -43.10 11.94
CA HIS A 216 34.60 -43.83 13.02
C HIS A 216 33.20 -44.22 12.55
N PRO A 217 33.09 -45.26 11.73
CA PRO A 217 31.75 -45.66 11.22
C PRO A 217 30.77 -46.02 12.31
N THR A 218 31.23 -46.47 13.48
CA THR A 218 30.34 -46.86 14.56
C THR A 218 29.99 -45.71 15.50
N LEU A 219 30.45 -44.49 15.22
CA LEU A 219 30.20 -43.33 16.06
C LEU A 219 29.03 -42.53 15.48
N LYS A 220 28.05 -42.23 16.33
CA LYS A 220 26.89 -41.42 15.96
C LYS A 220 27.08 -40.06 16.62
N LEU A 221 27.66 -39.12 15.87
CA LEU A 221 27.97 -37.81 16.43
C LEU A 221 26.72 -37.05 16.83
N GLU A 222 25.68 -37.10 16.00
CA GLU A 222 24.50 -36.29 16.23
C GLU A 222 23.66 -36.75 17.41
N GLU A 223 23.94 -37.92 17.97
CA GLU A 223 23.25 -38.40 19.16
C GLU A 223 23.91 -37.95 20.45
N ILE A 224 25.05 -37.26 20.38
CA ILE A 224 25.76 -36.80 21.57
C ILE A 224 25.07 -35.55 22.09
N THR A 225 24.79 -35.51 23.38
CA THR A 225 24.13 -34.40 24.03
C THR A 225 25.10 -33.62 24.90
N ASN A 226 24.88 -32.31 24.97
CA ASN A 226 25.67 -31.44 25.83
C ASN A 226 25.08 -31.49 27.24
N ARG A 227 25.57 -30.64 28.15
CA ARG A 227 25.11 -30.68 29.53
C ARG A 227 23.66 -30.29 29.68
N LYS A 228 23.08 -29.60 28.70
CA LYS A 228 21.65 -29.31 28.69
C LYS A 228 20.81 -30.44 28.13
N GLY A 229 21.44 -31.52 27.67
CA GLY A 229 20.72 -32.63 27.08
C GLY A 229 20.32 -32.43 25.63
N LEU A 230 20.86 -31.42 24.96
CA LEU A 230 20.47 -31.07 23.61
C LEU A 230 21.43 -31.68 22.59
N THR A 231 20.86 -32.34 21.58
CA THR A 231 21.63 -32.74 20.42
C THR A 231 21.80 -31.54 19.50
N PRO A 232 22.72 -31.63 18.53
CA PRO A 232 22.88 -30.50 17.59
C PRO A 232 21.60 -30.12 16.87
N LEU A 233 20.76 -31.10 16.52
CA LEU A 233 19.47 -30.78 15.93
C LEU A 233 18.58 -30.08 16.94
N ALA A 234 18.51 -30.60 18.16
CA ALA A 234 17.71 -29.96 19.20
C ALA A 234 18.26 -28.59 19.55
N LEU A 235 19.58 -28.44 19.55
CA LEU A 235 20.17 -27.13 19.82
C LEU A 235 19.81 -26.13 18.73
N ALA A 236 19.87 -26.56 17.47
CA ALA A 236 19.50 -25.69 16.36
C ALA A 236 18.04 -25.28 16.47
N ALA A 237 17.16 -26.22 16.81
CA ALA A 237 15.75 -25.89 16.97
C ALA A 237 15.53 -24.93 18.12
N SER A 238 16.22 -25.14 19.25
CA SER A 238 16.02 -24.30 20.41
C SER A 238 16.52 -22.88 20.18
N SER A 239 17.70 -22.74 19.57
CA SER A 239 18.28 -21.43 19.37
C SER A 239 17.71 -20.68 18.18
N GLY A 240 16.86 -21.32 17.37
CA GLY A 240 16.27 -20.65 16.23
C GLY A 240 17.17 -20.55 15.03
N LYS A 241 18.15 -21.43 14.90
CA LYS A 241 19.06 -21.41 13.76
C LYS A 241 18.36 -22.12 12.60
N ILE A 242 17.48 -21.36 11.93
CA ILE A 242 16.61 -21.94 10.92
C ILE A 242 17.41 -22.47 9.73
N GLY A 243 18.53 -21.83 9.39
CA GLY A 243 19.32 -22.32 8.27
C GLY A 243 19.86 -23.72 8.52
N VAL A 244 20.45 -23.92 9.71
CA VAL A 244 21.03 -25.21 10.04
C VAL A 244 19.93 -26.26 10.19
N LEU A 245 18.81 -25.88 10.82
CA LEU A 245 17.70 -26.81 10.96
C LEU A 245 17.17 -27.24 9.60
N ALA A 246 16.99 -26.27 8.69
CA ALA A 246 16.50 -26.59 7.36
C ALA A 246 17.47 -27.50 6.63
N TYR A 247 18.78 -27.26 6.77
CA TYR A 247 19.76 -28.14 6.14
C TYR A 247 19.65 -29.55 6.69
N ILE A 248 19.61 -29.69 8.01
CA ILE A 248 19.67 -31.01 8.63
C ILE A 248 18.41 -31.81 8.29
N LEU A 249 17.23 -31.17 8.40
CA LEU A 249 15.98 -31.91 8.31
C LEU A 249 15.81 -32.59 6.95
N GLN A 250 16.33 -32.00 5.89
CA GLN A 250 16.22 -32.53 4.53
C GLN A 250 17.61 -32.76 3.93
N ARG A 251 18.54 -33.23 4.77
CA ARG A 251 19.88 -33.54 4.32
C ARG A 251 19.88 -34.83 3.51
N GLU A 252 20.48 -34.78 2.33
CA GLU A 252 20.64 -35.96 1.47
C GLU A 252 22.06 -35.97 0.95
N ILE A 253 22.76 -37.10 1.15
CA ILE A 253 24.17 -37.25 0.81
C ILE A 253 24.29 -38.30 -0.27
N HIS A 254 24.77 -37.90 -1.45
CA HIS A 254 24.84 -38.76 -2.62
C HIS A 254 26.27 -39.28 -2.81
N GLU A 255 26.64 -40.29 -2.02
CA GLU A 255 27.87 -41.01 -2.29
C GLU A 255 27.84 -42.33 -1.53
N PRO A 256 28.58 -43.35 -1.97
CA PRO A 256 28.62 -44.61 -1.21
C PRO A 256 29.27 -44.42 0.15
N GLU A 257 28.87 -45.27 1.09
CA GLU A 257 29.41 -45.33 2.45
C GLU A 257 29.04 -44.12 3.30
N CYS A 258 28.18 -43.23 2.80
CA CYS A 258 27.62 -42.13 3.57
C CYS A 258 26.13 -41.96 3.33
N ARG A 259 25.48 -42.92 2.66
CA ARG A 259 24.05 -42.87 2.47
C ARG A 259 23.30 -42.90 3.79
N HIS A 260 23.81 -43.69 4.75
CA HIS A 260 23.15 -43.83 6.04
C HIS A 260 23.09 -42.53 6.81
N LEU A 261 23.99 -41.58 6.53
CA LEU A 261 23.94 -40.28 7.18
C LEU A 261 22.80 -39.41 6.68
N SER A 262 22.22 -39.73 5.52
CA SER A 262 21.15 -38.91 4.98
C SER A 262 19.89 -39.03 5.83
N ARG A 263 19.17 -37.91 5.94
CA ARG A 263 17.85 -37.88 6.55
C ARG A 263 16.72 -37.76 5.54
N LYS A 264 17.00 -37.23 4.35
CA LYS A 264 16.09 -37.27 3.21
C LYS A 264 16.57 -38.32 2.24
N PHE A 265 15.71 -39.30 1.95
CA PHE A 265 16.04 -40.42 1.07
C PHE A 265 15.00 -40.49 -0.03
N THR A 266 15.46 -40.74 -1.26
CA THR A 266 14.58 -40.85 -2.41
C THR A 266 14.11 -42.29 -2.52
N GLU A 267 12.82 -42.52 -2.25
CA GLU A 267 12.30 -43.89 -2.31
C GLU A 267 12.25 -44.38 -3.75
N TRP A 268 11.69 -43.58 -4.66
CA TRP A 268 11.67 -43.98 -6.06
C TRP A 268 11.46 -42.75 -6.92
N ALA A 269 11.79 -42.92 -8.21
CA ALA A 269 11.54 -41.88 -9.20
C ALA A 269 11.16 -42.56 -10.50
N TYR A 270 9.96 -42.27 -10.99
CA TYR A 270 9.45 -42.87 -12.21
C TYR A 270 9.71 -42.00 -13.44
N GLY A 271 9.21 -40.77 -13.42
CA GLY A 271 9.41 -39.83 -14.49
C GLY A 271 9.68 -38.47 -13.89
N PRO A 272 8.91 -37.43 -14.25
CA PRO A 272 9.05 -36.16 -13.53
C PRO A 272 8.64 -36.24 -12.07
N VAL A 273 7.89 -37.28 -11.68
CA VAL A 273 7.41 -37.46 -10.32
C VAL A 273 8.37 -38.38 -9.58
N HIS A 274 8.68 -38.06 -8.33
CA HIS A 274 9.45 -38.93 -7.46
C HIS A 274 8.90 -38.85 -6.06
N SER A 275 9.18 -39.89 -5.28
CA SER A 275 8.73 -40.01 -3.90
C SER A 275 9.94 -40.17 -3.01
N SER A 276 10.05 -39.27 -2.03
CA SER A 276 11.16 -39.21 -1.08
C SER A 276 10.65 -39.47 0.34
N LEU A 277 11.60 -39.76 1.22
CA LEU A 277 11.33 -40.12 2.61
C LEU A 277 12.12 -39.22 3.53
N TYR A 278 11.44 -38.63 4.51
CA TYR A 278 12.07 -37.85 5.56
C TYR A 278 12.17 -38.69 6.83
N ASP A 279 13.21 -38.45 7.61
CA ASP A 279 13.59 -39.41 8.65
C ASP A 279 12.57 -39.43 9.79
N LEU A 280 12.21 -38.26 10.32
CA LEU A 280 11.36 -38.08 11.50
C LEU A 280 12.02 -38.50 12.81
N SER A 281 13.25 -39.00 12.77
CA SER A 281 13.91 -39.37 14.02
C SER A 281 14.23 -38.11 14.81
N CYS A 282 13.84 -38.11 16.09
CA CYS A 282 13.98 -36.97 16.99
C CYS A 282 13.16 -35.77 16.55
N ILE A 283 12.19 -35.95 15.66
CA ILE A 283 11.25 -34.91 15.26
C ILE A 283 9.85 -35.20 15.80
N ASP A 284 9.31 -36.37 15.46
CA ASP A 284 8.00 -36.74 15.96
C ASP A 284 8.02 -37.01 17.45
N THR A 285 9.04 -37.72 17.92
CA THR A 285 9.14 -38.05 19.35
C THR A 285 10.54 -38.57 19.63
N CYS A 286 10.96 -38.39 20.88
CA CYS A 286 12.20 -38.94 21.39
C CYS A 286 12.16 -38.81 22.91
N GLU A 287 13.28 -39.13 23.57
CA GLU A 287 13.27 -39.20 25.02
C GLU A 287 13.08 -37.83 25.65
N LYS A 288 13.86 -36.84 25.23
CA LYS A 288 13.93 -35.55 25.93
C LYS A 288 13.43 -34.39 25.08
N ASN A 289 14.03 -34.14 23.91
CA ASN A 289 13.82 -32.90 23.17
C ASN A 289 13.58 -33.20 21.70
N SER A 290 12.32 -33.40 21.33
CA SER A 290 11.97 -33.48 19.92
C SER A 290 11.94 -32.08 19.32
N VAL A 291 12.11 -32.03 18.00
CA VAL A 291 12.14 -30.74 17.31
C VAL A 291 10.81 -30.01 17.48
N LEU A 292 9.70 -30.75 17.34
CA LEU A 292 8.39 -30.12 17.48
C LEU A 292 8.18 -29.58 18.88
N GLU A 293 8.56 -30.36 19.90
CA GLU A 293 8.42 -29.87 21.28
C GLU A 293 9.31 -28.67 21.53
N VAL A 294 10.54 -28.71 21.02
CA VAL A 294 11.48 -27.61 21.25
C VAL A 294 10.96 -26.33 20.60
N ILE A 295 10.47 -26.43 19.37
CA ILE A 295 9.99 -25.24 18.66
C ILE A 295 8.72 -24.72 19.31
N ALA A 296 7.75 -25.61 19.56
CA ALA A 296 6.44 -25.16 20.02
C ALA A 296 6.51 -24.57 21.42
N TYR A 297 7.26 -25.21 22.33
CA TYR A 297 7.36 -24.76 23.71
C TYR A 297 8.57 -23.87 23.93
N SER A 298 8.94 -23.10 22.91
CA SER A 298 10.02 -22.13 23.07
C SER A 298 9.60 -21.02 24.03
N SER A 299 10.57 -20.26 24.47
CA SER A 299 10.34 -19.18 25.44
C SER A 299 9.88 -17.88 24.80
N SER A 300 9.69 -17.85 23.48
CA SER A 300 9.39 -16.70 22.65
C SER A 300 10.64 -15.84 22.39
N GLU A 301 11.79 -16.19 22.98
CA GLU A 301 13.05 -15.56 22.64
C GLU A 301 13.74 -16.21 21.45
N THR A 302 13.27 -17.36 21.01
CA THR A 302 13.80 -17.98 19.81
C THR A 302 13.48 -17.07 18.63
N PRO A 303 14.49 -16.57 17.88
CA PRO A 303 14.18 -15.57 16.84
C PRO A 303 13.24 -16.03 15.75
N ASN A 304 13.29 -17.31 15.35
CA ASN A 304 12.59 -17.79 14.16
C ASN A 304 11.55 -18.86 14.49
N ARG A 305 10.96 -18.82 15.69
CA ARG A 305 9.98 -19.84 16.06
C ARG A 305 8.79 -19.86 15.11
N HIS A 306 8.43 -18.72 14.53
CA HIS A 306 7.33 -18.69 13.57
C HIS A 306 7.73 -19.35 12.25
N ASP A 307 8.98 -19.18 11.83
CA ASP A 307 9.41 -19.58 10.50
C ASP A 307 9.96 -20.99 10.43
N MET A 308 10.45 -21.53 11.55
CA MET A 308 11.04 -22.86 11.52
C MET A 308 10.04 -23.93 11.14
N LEU A 309 8.76 -23.73 11.48
CA LEU A 309 7.75 -24.71 11.12
C LEU A 309 7.42 -24.71 9.64
N LEU A 310 7.88 -23.72 8.88
CA LEU A 310 7.66 -23.70 7.44
C LEU A 310 8.58 -24.63 6.68
N VAL A 311 9.57 -25.23 7.34
CA VAL A 311 10.41 -26.23 6.70
C VAL A 311 9.53 -27.44 6.38
N GLU A 312 9.63 -27.92 5.13
CA GLU A 312 8.65 -28.80 4.50
C GLU A 312 8.25 -30.02 5.34
N PRO A 313 9.19 -30.84 5.84
CA PRO A 313 8.76 -32.00 6.64
C PRO A 313 7.95 -31.63 7.86
N LEU A 314 8.27 -30.53 8.53
CA LEU A 314 7.52 -30.16 9.73
C LEU A 314 6.11 -29.71 9.40
N ASN A 315 5.96 -28.88 8.36
CA ASN A 315 4.64 -28.41 7.99
C ASN A 315 3.77 -29.55 7.52
N ARG A 316 4.31 -30.44 6.67
CA ARG A 316 3.53 -31.57 6.21
C ARG A 316 3.18 -32.52 7.35
N LEU A 317 4.14 -32.73 8.26
CA LEU A 317 3.87 -33.61 9.40
C LEU A 317 2.77 -33.07 10.28
N LEU A 318 2.79 -31.76 10.54
CA LEU A 318 1.76 -31.17 11.37
C LEU A 318 0.39 -31.23 10.70
N GLN A 319 0.34 -30.97 9.38
CA GLN A 319 -0.93 -31.08 8.68
C GLN A 319 -1.46 -32.51 8.71
N ASP A 320 -0.57 -33.49 8.53
CA ASP A 320 -0.99 -34.89 8.58
C ASP A 320 -1.50 -35.26 9.97
N LYS A 321 -0.79 -34.84 11.01
CA LYS A 321 -1.23 -35.10 12.37
C LYS A 321 -2.60 -34.50 12.62
N TRP A 322 -2.79 -33.26 12.20
CA TRP A 322 -4.08 -32.59 12.32
C TRP A 322 -5.17 -33.45 11.69
N ASP A 323 -5.06 -33.67 10.36
CA ASP A 323 -6.13 -34.32 9.61
C ASP A 323 -6.41 -35.72 10.11
N ARG A 324 -5.37 -36.45 10.54
CA ARG A 324 -5.56 -37.84 10.90
C ARG A 324 -6.08 -38.02 12.32
N PHE A 325 -5.58 -37.24 13.28
CA PHE A 325 -5.81 -37.49 14.70
C PHE A 325 -6.52 -36.34 15.40
N VAL A 326 -6.08 -35.10 15.17
CA VAL A 326 -6.39 -34.03 16.13
C VAL A 326 -7.63 -33.25 15.73
N LYS A 327 -7.99 -33.24 14.45
CA LYS A 327 -9.13 -32.47 13.98
C LYS A 327 -10.41 -32.85 14.72
N ARG A 328 -10.69 -34.15 14.80
CA ARG A 328 -11.92 -34.61 15.44
C ARG A 328 -11.92 -34.31 16.93
N ILE A 329 -10.79 -34.53 17.60
CA ILE A 329 -10.71 -34.29 19.03
C ILE A 329 -10.88 -32.80 19.32
N PHE A 330 -10.28 -31.95 18.50
CA PHE A 330 -10.41 -30.51 18.68
C PHE A 330 -11.85 -30.06 18.51
N TYR A 331 -12.53 -30.59 17.47
CA TYR A 331 -13.93 -30.22 17.29
C TYR A 331 -14.80 -30.74 18.42
N PHE A 332 -14.48 -31.92 18.96
CA PHE A 332 -15.21 -32.42 20.11
C PHE A 332 -15.03 -31.51 21.31
N ASN A 333 -13.79 -31.06 21.55
CA ASN A 333 -13.55 -30.12 22.64
C ASN A 333 -14.31 -28.82 22.43
N PHE A 334 -14.35 -28.33 21.19
CA PHE A 334 -15.10 -27.11 20.89
C PHE A 334 -16.58 -27.31 21.20
N PHE A 335 -17.13 -28.46 20.80
CA PHE A 335 -18.53 -28.76 21.09
C PHE A 335 -18.80 -28.81 22.59
N VAL A 336 -17.91 -29.45 23.34
CA VAL A 336 -18.10 -29.56 24.79
C VAL A 336 -18.03 -28.18 25.42
N TYR A 337 -17.11 -27.33 24.97
CA TYR A 337 -17.03 -25.98 25.51
C TYR A 337 -18.26 -25.17 25.14
N CYS A 338 -18.82 -25.39 23.95
CA CYS A 338 -20.08 -24.75 23.60
C CYS A 338 -21.18 -25.14 24.56
N LEU A 339 -21.29 -26.44 24.86
CA LEU A 339 -22.31 -26.89 25.82
C LEU A 339 -22.07 -26.28 27.19
N TYR A 340 -20.80 -26.23 27.62
CA TYR A 340 -20.48 -25.66 28.92
C TYR A 340 -20.90 -24.21 28.99
N MET A 341 -20.57 -23.42 27.96
CA MET A 341 -20.93 -22.01 27.98
C MET A 341 -22.44 -21.81 27.88
N ILE A 342 -23.15 -22.66 27.14
CA ILE A 342 -24.59 -22.54 27.08
C ILE A 342 -25.20 -22.82 28.45
N ILE A 343 -24.71 -23.85 29.13
CA ILE A 343 -25.23 -24.19 30.45
C ILE A 343 -24.92 -23.06 31.43
N PHE A 344 -23.71 -22.51 31.37
CA PHE A 344 -23.35 -21.41 32.25
C PHE A 344 -24.23 -20.19 32.00
N THR A 345 -24.46 -19.85 30.73
CA THR A 345 -25.31 -18.72 30.40
C THR A 345 -26.72 -18.93 30.91
N ALA A 346 -27.26 -20.14 30.73
CA ALA A 346 -28.62 -20.42 31.21
C ALA A 346 -28.70 -20.34 32.72
N ALA A 347 -27.71 -20.90 33.43
CA ALA A 347 -27.74 -20.87 34.88
C ALA A 347 -27.62 -19.45 35.41
N ALA A 348 -26.75 -18.64 34.81
CA ALA A 348 -26.57 -17.27 35.26
C ALA A 348 -27.80 -16.43 34.94
N TYR A 349 -28.41 -16.65 33.78
CA TYR A 349 -29.55 -15.86 33.36
C TYR A 349 -30.71 -15.97 34.33
N TYR A 350 -31.01 -17.18 34.80
CA TYR A 350 -32.15 -17.44 35.67
C TYR A 350 -31.78 -17.43 37.15
N ARG A 351 -30.78 -16.66 37.55
CA ARG A 351 -30.44 -16.57 38.96
C ARG A 351 -31.60 -15.91 39.71
N PRO A 352 -31.83 -16.26 40.97
CA PRO A 352 -32.87 -15.58 41.73
C PRO A 352 -32.45 -14.16 42.08
N VAL A 353 -33.47 -13.32 42.30
CA VAL A 353 -33.25 -11.89 42.54
C VAL A 353 -33.39 -11.50 44.00
N GLU A 354 -33.85 -12.41 44.87
CA GLU A 354 -33.91 -12.12 46.29
C GLU A 354 -32.50 -11.92 46.83
N GLY A 355 -32.40 -11.18 47.92
CA GLY A 355 -31.10 -10.85 48.45
C GLY A 355 -30.51 -11.97 49.29
N LEU A 356 -29.27 -11.75 49.73
CA LEU A 356 -28.61 -12.60 50.72
C LEU A 356 -28.47 -14.04 50.26
N PRO A 357 -27.56 -14.33 49.33
CA PRO A 357 -27.25 -15.73 49.02
C PRO A 357 -26.61 -16.41 50.21
N PRO A 358 -26.47 -17.75 50.19
CA PRO A 358 -26.94 -18.71 49.19
C PRO A 358 -28.45 -18.89 49.27
N TYR A 359 -29.05 -19.36 48.19
CA TYR A 359 -30.51 -19.41 48.05
C TYR A 359 -31.01 -20.83 48.29
N LYS A 360 -32.15 -20.92 48.97
CA LYS A 360 -32.76 -22.21 49.24
C LYS A 360 -33.24 -22.85 47.95
N LEU A 361 -33.01 -24.15 47.83
CA LEU A 361 -33.49 -24.91 46.68
C LEU A 361 -34.95 -25.28 46.89
N LYS A 362 -35.82 -24.81 46.00
CA LYS A 362 -37.23 -25.14 46.06
C LYS A 362 -37.47 -26.47 45.34
N ASN A 363 -38.48 -27.20 45.80
CA ASN A 363 -38.81 -28.51 45.24
C ASN A 363 -39.63 -28.31 43.96
N THR A 364 -38.93 -27.84 42.93
CA THR A 364 -39.54 -27.59 41.63
C THR A 364 -38.50 -27.83 40.54
N VAL A 365 -39.01 -28.18 39.36
CA VAL A 365 -38.13 -28.67 38.28
C VAL A 365 -37.16 -27.60 37.83
N GLY A 366 -37.65 -26.36 37.67
CA GLY A 366 -36.79 -25.29 37.19
C GLY A 366 -35.60 -25.04 38.10
N ASP A 367 -35.82 -25.11 39.40
CA ASP A 367 -34.72 -24.88 40.34
C ASP A 367 -33.76 -26.06 40.39
N TYR A 368 -34.25 -27.28 40.18
CA TYR A 368 -33.33 -28.41 40.06
C TYR A 368 -32.43 -28.25 38.85
N PHE A 369 -32.99 -27.83 37.71
CA PHE A 369 -32.16 -27.58 36.53
C PHE A 369 -31.18 -26.44 36.80
N ARG A 370 -31.64 -25.38 37.46
CA ARG A 370 -30.77 -24.25 37.75
C ARG A 370 -29.58 -24.67 38.61
N VAL A 371 -29.85 -25.44 39.67
CA VAL A 371 -28.76 -25.86 40.55
C VAL A 371 -27.82 -26.81 39.82
N THR A 372 -28.35 -27.68 38.97
CA THR A 372 -27.50 -28.56 38.19
C THR A 372 -26.59 -27.76 37.28
N GLY A 373 -27.14 -26.74 36.62
CA GLY A 373 -26.32 -25.90 35.75
C GLY A 373 -25.26 -25.14 36.53
N GLU A 374 -25.60 -24.64 37.71
CA GLU A 374 -24.62 -23.95 38.54
C GLU A 374 -23.49 -24.88 38.95
N ILE A 375 -23.84 -26.12 39.33
CA ILE A 375 -22.82 -27.08 39.74
C ILE A 375 -21.90 -27.40 38.57
N LEU A 376 -22.48 -27.59 37.38
CA LEU A 376 -21.66 -27.85 36.20
C LEU A 376 -20.75 -26.66 35.89
N SER A 377 -21.27 -25.44 36.04
CA SER A 377 -20.47 -24.25 35.78
C SER A 377 -19.28 -24.18 36.73
N VAL A 378 -19.51 -24.43 38.01
CA VAL A 378 -18.43 -24.40 38.98
C VAL A 378 -17.42 -25.51 38.70
N SER A 379 -17.92 -26.69 38.31
CA SER A 379 -17.03 -27.79 37.98
C SER A 379 -16.13 -27.44 36.82
N GLY A 380 -16.68 -26.83 35.78
CA GLY A 380 -15.85 -26.40 34.66
C GLY A 380 -14.85 -25.34 35.05
N GLY A 381 -15.26 -24.40 35.91
CA GLY A 381 -14.31 -23.42 36.40
C GLY A 381 -13.16 -24.04 37.15
N VAL A 382 -13.45 -25.03 38.00
CA VAL A 382 -12.39 -25.72 38.72
C VAL A 382 -11.48 -26.46 37.75
N TYR A 383 -12.07 -27.11 36.74
CA TYR A 383 -11.27 -27.81 35.75
C TYR A 383 -10.30 -26.88 35.06
N PHE A 384 -10.78 -25.73 34.60
CA PHE A 384 -9.88 -24.79 33.92
C PHE A 384 -8.86 -24.20 34.89
N PHE A 385 -9.24 -24.04 36.15
CA PHE A 385 -8.29 -23.58 37.17
C PHE A 385 -7.10 -24.53 37.28
N PHE A 386 -7.39 -25.82 37.46
CA PHE A 386 -6.30 -26.77 37.61
C PHE A 386 -5.53 -26.95 36.30
N ARG A 387 -6.21 -26.84 35.16
CA ARG A 387 -5.49 -26.90 33.89
C ARG A 387 -4.50 -25.75 33.76
N GLY A 388 -4.92 -24.54 34.15
CA GLY A 388 -4.02 -23.41 34.10
C GLY A 388 -2.84 -23.57 35.04
N ILE A 389 -3.09 -24.07 36.25
CA ILE A 389 -1.99 -24.30 37.19
C ILE A 389 -1.01 -25.32 36.62
N GLN A 390 -1.53 -26.40 36.05
CA GLN A 390 -0.65 -27.42 35.47
C GLN A 390 0.18 -26.83 34.34
N TYR A 391 -0.44 -26.01 33.48
CA TYR A 391 0.30 -25.37 32.40
C TYR A 391 1.43 -24.51 32.95
N PHE A 392 1.12 -23.66 33.93
CA PHE A 392 2.14 -22.75 34.44
C PHE A 392 3.26 -23.51 35.15
N LEU A 393 2.92 -24.59 35.85
CA LEU A 393 3.96 -25.39 36.50
C LEU A 393 4.85 -26.08 35.47
N GLN A 394 4.25 -26.57 34.38
CA GLN A 394 5.05 -27.28 33.38
C GLN A 394 5.94 -26.33 32.59
N ARG A 395 5.43 -25.16 32.22
CA ARG A 395 6.16 -24.27 31.33
C ARG A 395 7.09 -23.31 32.07
N ARG A 396 6.67 -22.81 33.23
CA ARG A 396 7.40 -21.80 33.98
C ARG A 396 7.64 -20.56 33.12
N PRO A 397 6.61 -19.79 32.80
CA PRO A 397 6.83 -18.56 32.03
C PRO A 397 7.68 -17.56 32.80
N SER A 398 8.36 -16.70 32.05
CA SER A 398 9.37 -15.80 32.59
C SER A 398 8.82 -14.45 33.01
N LEU A 399 7.49 -14.25 32.98
CA LEU A 399 6.82 -13.01 33.34
C LEU A 399 7.02 -11.88 32.33
N LYS A 400 7.82 -12.11 31.29
CA LYS A 400 7.85 -11.30 30.08
C LYS A 400 7.31 -12.05 28.89
N SER A 401 7.67 -13.32 28.77
CA SER A 401 7.00 -14.26 27.86
C SER A 401 5.61 -14.63 28.34
N LEU A 402 5.24 -14.24 29.55
CA LEU A 402 3.97 -14.68 30.13
C LEU A 402 2.78 -14.23 29.29
N PHE A 403 2.83 -13.00 28.77
CA PHE A 403 1.70 -12.43 28.02
C PHE A 403 1.88 -12.51 26.51
N VAL A 404 3.08 -12.25 25.99
CA VAL A 404 3.28 -12.30 24.55
C VAL A 404 3.10 -13.73 24.02
N ASP A 405 3.34 -14.72 24.85
CA ASP A 405 2.93 -16.10 24.61
C ASP A 405 1.99 -16.50 25.75
N SER A 406 1.43 -17.71 25.67
CA SER A 406 0.56 -18.24 26.72
C SER A 406 -0.65 -17.34 26.97
N TYR A 407 -1.09 -16.59 25.96
CA TYR A 407 -2.16 -15.62 26.15
C TYR A 407 -3.49 -16.30 26.46
N SER A 408 -3.86 -17.29 25.65
CA SER A 408 -5.13 -17.97 25.86
C SER A 408 -5.18 -18.71 27.18
N GLU A 409 -4.05 -19.29 27.60
CA GLU A 409 -4.01 -19.96 28.89
C GLU A 409 -4.28 -18.98 30.02
N ILE A 410 -3.74 -17.76 29.91
CA ILE A 410 -4.01 -16.73 30.91
C ILE A 410 -5.48 -16.37 30.91
N LEU A 411 -6.08 -16.21 29.73
CA LEU A 411 -7.49 -15.83 29.70
C LEU A 411 -8.37 -16.90 30.32
N PHE A 412 -8.11 -18.16 30.01
CA PHE A 412 -8.89 -19.24 30.62
C PHE A 412 -8.67 -19.29 32.13
N PHE A 413 -7.43 -19.10 32.58
CA PHE A 413 -7.15 -19.13 34.01
C PHE A 413 -7.85 -17.98 34.73
N VAL A 414 -7.88 -16.79 34.12
CA VAL A 414 -8.52 -15.64 34.74
C VAL A 414 -10.03 -15.84 34.79
N GLN A 415 -10.60 -16.44 33.75
CA GLN A 415 -12.01 -16.83 33.80
C GLN A 415 -12.26 -17.76 35.00
N SER A 416 -11.39 -18.74 35.19
CA SER A 416 -11.53 -19.64 36.32
C SER A 416 -11.43 -18.89 37.65
N LEU A 417 -10.51 -17.93 37.73
CA LEU A 417 -10.37 -17.15 38.96
C LEU A 417 -11.63 -16.39 39.26
N PHE A 418 -12.24 -15.76 38.25
CA PHE A 418 -13.49 -15.06 38.47
C PHE A 418 -14.58 -16.00 38.93
N MET A 419 -14.65 -17.20 38.34
CA MET A 419 -15.64 -18.18 38.76
C MET A 419 -15.44 -18.58 40.22
N LEU A 420 -14.20 -18.82 40.62
CA LEU A 420 -13.97 -19.27 42.00
C LEU A 420 -14.22 -18.15 43.00
N VAL A 421 -13.84 -16.92 42.65
CA VAL A 421 -14.17 -15.79 43.52
C VAL A 421 -15.67 -15.64 43.63
N SER A 422 -16.39 -15.87 42.54
CA SER A 422 -17.84 -15.83 42.59
C SER A 422 -18.39 -16.88 43.55
N VAL A 423 -17.85 -18.09 43.51
CA VAL A 423 -18.32 -19.13 44.43
C VAL A 423 -18.06 -18.72 45.88
N VAL A 424 -16.86 -18.19 46.15
CA VAL A 424 -16.52 -17.81 47.52
C VAL A 424 -17.44 -16.70 48.02
N LEU A 425 -17.69 -15.70 47.17
CA LEU A 425 -18.61 -14.63 47.56
C LEU A 425 -20.03 -15.16 47.72
N TYR A 426 -20.42 -16.12 46.88
CA TYR A 426 -21.76 -16.69 46.95
C TYR A 426 -22.00 -17.33 48.30
N PHE A 427 -21.08 -18.19 48.74
CA PHE A 427 -21.24 -18.82 50.04
C PHE A 427 -20.85 -17.92 51.21
N SER A 428 -20.23 -16.78 50.95
CA SER A 428 -19.94 -15.80 51.99
C SER A 428 -21.10 -14.85 52.25
N GLN A 429 -22.26 -15.06 51.63
CA GLN A 429 -23.43 -14.21 51.82
C GLN A 429 -23.17 -12.78 51.36
N ARG A 430 -22.53 -12.64 50.20
CA ARG A 430 -22.30 -11.33 49.57
C ARG A 430 -22.90 -11.35 48.18
N LYS A 431 -23.80 -10.41 47.90
CA LYS A 431 -24.38 -10.28 46.57
C LYS A 431 -23.33 -9.92 45.52
N GLU A 432 -22.18 -9.38 45.94
CA GLU A 432 -21.09 -9.04 45.04
C GLU A 432 -20.61 -10.23 44.20
N TYR A 433 -20.98 -11.47 44.56
CA TYR A 433 -20.65 -12.60 43.70
C TYR A 433 -21.13 -12.39 42.28
N VAL A 434 -22.27 -11.71 42.10
CA VAL A 434 -22.78 -11.45 40.76
C VAL A 434 -21.75 -10.67 39.96
N ALA A 435 -21.14 -9.66 40.60
CA ALA A 435 -20.11 -8.86 39.95
C ALA A 435 -18.99 -9.74 39.40
N SER A 436 -18.59 -10.77 40.15
CA SER A 436 -17.58 -11.66 39.61
C SER A 436 -18.14 -12.51 38.48
N MET A 437 -19.34 -13.06 38.70
CA MET A 437 -19.86 -14.09 37.80
C MET A 437 -20.00 -13.56 36.39
N VAL A 438 -20.57 -12.35 36.26
CA VAL A 438 -20.80 -11.78 34.94
C VAL A 438 -19.48 -11.60 34.20
N PHE A 439 -18.42 -11.19 34.92
CA PHE A 439 -17.13 -11.05 34.24
C PHE A 439 -16.68 -12.38 33.67
N SER A 440 -16.78 -13.44 34.48
CA SER A 440 -16.43 -14.76 33.98
C SER A 440 -17.28 -15.10 32.78
N LEU A 441 -18.58 -14.81 32.86
CA LEU A 441 -19.48 -15.12 31.76
C LEU A 441 -19.02 -14.41 30.50
N ALA A 442 -18.69 -13.13 30.61
CA ALA A 442 -18.23 -12.40 29.44
C ALA A 442 -16.96 -13.04 28.90
N MET A 443 -15.99 -13.31 29.79
CA MET A 443 -14.76 -13.91 29.34
C MET A 443 -15.03 -15.28 28.76
N GLY A 444 -15.98 -16.01 29.37
CA GLY A 444 -16.28 -17.35 28.90
C GLY A 444 -16.71 -17.36 27.44
N TRP A 445 -17.36 -16.29 26.99
CA TRP A 445 -17.76 -16.23 25.60
C TRP A 445 -16.62 -15.75 24.72
N THR A 446 -15.84 -14.77 25.18
CA THR A 446 -14.77 -14.27 24.32
C THR A 446 -13.68 -15.30 24.13
N ASN A 447 -13.50 -16.19 25.12
CA ASN A 447 -12.55 -17.27 24.98
C ASN A 447 -12.96 -18.26 23.91
N MET A 448 -14.19 -18.17 23.36
CA MET A 448 -14.52 -18.94 22.17
C MET A 448 -13.53 -18.68 21.04
N LEU A 449 -12.95 -17.47 21.00
CA LEU A 449 -11.98 -17.16 19.95
C LEU A 449 -10.77 -18.08 20.01
N TYR A 450 -10.47 -18.68 21.17
CA TYR A 450 -9.39 -19.66 21.24
C TYR A 450 -9.58 -20.76 20.22
N TYR A 451 -10.82 -21.18 19.99
CA TYR A 451 -11.09 -22.27 19.07
C TYR A 451 -11.13 -21.84 17.62
N THR A 452 -10.80 -20.58 17.30
CA THR A 452 -10.72 -20.21 15.89
C THR A 452 -9.49 -20.82 15.23
N ARG A 453 -8.48 -21.23 15.99
CA ARG A 453 -7.41 -22.02 15.42
C ARG A 453 -7.97 -23.36 14.96
N GLY A 454 -7.43 -23.88 13.86
CA GLY A 454 -8.06 -24.93 13.10
C GLY A 454 -8.87 -24.43 11.93
N PHE A 455 -9.20 -23.14 11.91
CA PHE A 455 -9.77 -22.46 10.76
C PHE A 455 -8.80 -21.35 10.39
N GLN A 456 -8.23 -21.44 9.19
CA GLN A 456 -7.11 -20.57 8.82
C GLN A 456 -7.48 -19.09 8.91
N GLN A 457 -8.58 -18.70 8.26
CA GLN A 457 -8.92 -17.28 8.20
C GLN A 457 -9.38 -16.76 9.55
N MET A 458 -10.25 -17.51 10.22
CA MET A 458 -10.76 -17.08 11.52
C MET A 458 -9.63 -17.07 12.54
N GLY A 459 -8.75 -18.07 12.49
CA GLY A 459 -7.60 -18.06 13.38
C GLY A 459 -6.69 -16.88 13.14
N ILE A 460 -6.48 -16.52 11.87
CA ILE A 460 -5.67 -15.36 11.55
C ILE A 460 -6.30 -14.10 12.13
N TYR A 461 -7.62 -13.97 11.99
CA TYR A 461 -8.30 -12.79 12.53
C TYR A 461 -8.19 -12.74 14.05
N ALA A 462 -8.34 -13.88 14.73
CA ALA A 462 -8.19 -13.91 16.18
C ALA A 462 -6.77 -13.56 16.59
N VAL A 463 -5.78 -14.01 15.81
CA VAL A 463 -4.39 -13.66 16.09
C VAL A 463 -4.18 -12.16 15.96
N MET A 464 -4.79 -11.56 14.93
CA MET A 464 -4.71 -10.11 14.77
C MET A 464 -5.28 -9.40 15.98
N ILE A 465 -6.41 -9.89 16.49
CA ILE A 465 -7.02 -9.27 17.67
C ILE A 465 -6.08 -9.38 18.88
N GLU A 466 -5.53 -10.58 19.08
CA GLU A 466 -4.62 -10.80 20.21
C GLU A 466 -3.43 -9.87 20.15
N LYS A 467 -2.80 -9.77 18.99
CA LYS A 467 -1.60 -8.94 18.88
C LYS A 467 -1.95 -7.46 18.93
N MET A 468 -3.13 -7.07 18.43
CA MET A 468 -3.58 -5.69 18.60
C MET A 468 -3.68 -5.33 20.07
N ILE A 469 -4.28 -6.22 20.87
CA ILE A 469 -4.44 -5.93 22.29
C ILE A 469 -3.08 -5.90 22.98
N LEU A 470 -2.24 -6.90 22.70
CA LEU A 470 -0.99 -7.04 23.45
C LEU A 470 0.02 -5.95 23.08
N ARG A 471 0.10 -5.61 21.80
CA ARG A 471 1.17 -4.76 21.29
C ARG A 471 0.79 -3.29 21.28
N ASP A 472 -0.36 -2.96 20.66
CA ASP A 472 -0.68 -1.59 20.28
C ASP A 472 -1.63 -0.89 21.23
N LEU A 473 -2.43 -1.63 21.99
CA LEU A 473 -3.53 -1.01 22.73
C LEU A 473 -3.03 -0.01 23.77
N CYS A 474 -1.95 -0.35 24.48
CA CYS A 474 -1.51 0.49 25.59
C CYS A 474 -1.06 1.86 25.13
N ARG A 475 -0.33 1.92 24.00
CA ARG A 475 0.15 3.20 23.49
C ARG A 475 -0.99 4.14 23.16
N PHE A 476 -1.93 3.67 22.34
CA PHE A 476 -3.02 4.53 21.90
C PHE A 476 -3.96 4.85 23.05
N MET A 477 -4.20 3.89 23.94
CA MET A 477 -5.06 4.17 25.08
C MET A 477 -4.42 5.18 26.02
N PHE A 478 -3.10 5.12 26.21
CA PHE A 478 -2.45 6.12 27.05
C PHE A 478 -2.63 7.50 26.46
N VAL A 479 -2.35 7.67 25.16
CA VAL A 479 -2.46 9.00 24.57
C VAL A 479 -3.91 9.48 24.61
N TYR A 480 -4.86 8.61 24.25
CA TYR A 480 -6.26 8.99 24.26
C TYR A 480 -6.72 9.37 25.66
N LEU A 481 -6.34 8.59 26.67
CA LEU A 481 -6.73 8.90 28.02
C LEU A 481 -6.09 10.20 28.52
N VAL A 482 -4.87 10.50 28.07
CA VAL A 482 -4.26 11.77 28.41
C VAL A 482 -5.11 12.92 27.90
N PHE A 483 -5.49 12.86 26.61
CA PHE A 483 -6.33 13.91 26.05
C PHE A 483 -7.68 13.99 26.74
N LEU A 484 -8.32 12.84 26.94
CA LEU A 484 -9.64 12.80 27.56
C LEU A 484 -9.60 13.38 28.97
N PHE A 485 -8.62 12.97 29.77
CA PHE A 485 -8.56 13.43 31.15
C PHE A 485 -8.22 14.91 31.21
N GLY A 486 -7.32 15.38 30.34
CA GLY A 486 -7.01 16.80 30.33
C GLY A 486 -8.22 17.66 30.01
N PHE A 487 -8.95 17.30 28.97
CA PHE A 487 -10.10 18.13 28.61
C PHE A 487 -11.25 17.95 29.59
N SER A 488 -11.40 16.76 30.18
CA SER A 488 -12.42 16.57 31.20
C SER A 488 -12.13 17.42 32.42
N THR A 489 -10.86 17.48 32.85
CA THR A 489 -10.50 18.32 33.99
C THR A 489 -10.74 19.79 33.67
N ALA A 490 -10.41 20.23 32.46
CA ALA A 490 -10.66 21.61 32.09
C ALA A 490 -12.16 21.92 32.11
N VAL A 491 -12.98 21.04 31.55
CA VAL A 491 -14.41 21.31 31.45
C VAL A 491 -15.06 21.26 32.83
N VAL A 492 -14.69 20.28 33.66
CA VAL A 492 -15.32 20.19 34.97
C VAL A 492 -14.86 21.33 35.86
N THR A 493 -13.64 21.83 35.67
CA THR A 493 -13.23 23.03 36.37
C THR A 493 -14.07 24.22 35.92
N LEU A 494 -14.37 24.31 34.62
CA LEU A 494 -15.18 25.40 34.13
C LEU A 494 -16.61 25.34 34.70
N ILE A 495 -17.16 24.13 34.81
CA ILE A 495 -18.53 23.98 35.28
C ILE A 495 -18.61 24.38 36.75
N GLU A 496 -19.65 25.11 37.11
CA GLU A 496 -19.81 25.71 38.43
C GLU A 496 -21.09 25.20 39.07
N ASP A 497 -20.95 24.25 40.00
CA ASP A 497 -22.06 23.73 40.80
C ASP A 497 -23.24 23.29 39.93
N GLY A 498 -22.93 22.53 38.89
CA GLY A 498 -23.92 21.99 37.98
C GLY A 498 -24.35 20.59 38.37
N LYS A 499 -25.20 20.01 37.53
CA LYS A 499 -25.56 18.60 37.70
C LYS A 499 -24.35 17.70 37.50
N TYR A 500 -23.47 18.03 36.56
CA TYR A 500 -22.36 17.13 36.25
C TYR A 500 -21.24 17.30 37.26
N ASN A 501 -20.55 18.45 37.19
CA ASN A 501 -19.62 18.96 38.21
C ASN A 501 -18.77 17.90 38.89
N SER A 502 -18.30 16.92 38.13
CA SER A 502 -17.53 15.82 38.70
C SER A 502 -16.74 15.17 37.60
N LEU A 503 -15.61 14.57 37.97
CA LEU A 503 -14.75 13.97 36.96
C LEU A 503 -15.44 12.83 36.24
N TYR A 504 -16.20 12.01 36.97
CA TYR A 504 -16.85 10.86 36.34
C TYR A 504 -17.85 11.30 35.29
N SER A 505 -18.76 12.21 35.64
CA SER A 505 -19.81 12.60 34.71
C SER A 505 -19.24 13.32 33.50
N THR A 506 -18.29 14.23 33.71
CA THR A 506 -17.71 14.96 32.59
C THR A 506 -16.87 14.03 31.72
N CYS A 507 -16.16 13.09 32.33
CA CYS A 507 -15.41 12.12 31.54
C CYS A 507 -16.33 11.28 30.67
N LEU A 508 -17.48 10.86 31.21
CA LEU A 508 -18.44 10.13 30.38
C LEU A 508 -18.97 11.01 29.26
N GLU A 509 -19.29 12.27 29.55
CA GLU A 509 -19.85 13.13 28.51
C GLU A 509 -18.84 13.38 27.40
N LEU A 510 -17.57 13.51 27.74
CA LEU A 510 -16.55 13.68 26.71
C LEU A 510 -16.27 12.38 25.98
N PHE A 511 -16.35 11.25 26.69
CA PHE A 511 -16.18 9.95 26.03
C PHE A 511 -17.27 9.70 25.02
N LYS A 512 -18.48 10.19 25.29
CA LYS A 512 -19.60 10.01 24.37
C LYS A 512 -19.31 10.57 22.98
N PHE A 513 -18.43 11.56 22.87
CA PHE A 513 -18.07 12.06 21.54
C PHE A 513 -17.36 10.99 20.73
N THR A 514 -16.60 10.11 21.38
CA THR A 514 -15.89 9.07 20.65
C THR A 514 -16.83 8.05 20.04
N ILE A 515 -17.98 7.80 20.69
CA ILE A 515 -18.94 6.82 20.21
C ILE A 515 -20.07 7.48 19.42
N GLY A 516 -19.88 8.71 18.96
CA GLY A 516 -20.90 9.37 18.18
C GLY A 516 -22.15 9.71 18.94
N MET A 517 -22.04 10.05 20.23
CA MET A 517 -23.18 10.42 21.05
C MET A 517 -22.91 11.66 21.88
N GLY A 518 -21.88 12.43 21.54
CA GLY A 518 -21.56 13.62 22.32
C GLY A 518 -22.63 14.68 22.16
N ASP A 519 -23.14 15.18 23.28
CA ASP A 519 -24.25 16.12 23.22
C ASP A 519 -23.81 17.48 22.69
N LEU A 520 -22.66 17.97 23.16
CA LEU A 520 -22.06 19.26 22.80
C LEU A 520 -22.75 20.45 23.46
N GLU A 521 -23.89 20.25 24.12
CA GLU A 521 -24.52 21.27 24.95
C GLU A 521 -25.08 20.62 26.21
N PHE A 522 -24.32 19.69 26.81
CA PHE A 522 -24.88 18.86 27.87
C PHE A 522 -25.13 19.64 29.16
N THR A 523 -24.57 20.84 29.29
CA THR A 523 -24.81 21.64 30.49
C THR A 523 -24.71 23.12 30.13
N GLU A 524 -25.33 23.94 30.96
CA GLU A 524 -25.20 25.39 30.89
C GLU A 524 -24.76 26.00 32.22
N ASN A 525 -24.34 25.17 33.19
CA ASN A 525 -23.95 25.66 34.51
C ASN A 525 -22.50 26.11 34.46
N TYR A 526 -22.28 27.21 33.74
CA TYR A 526 -20.96 27.81 33.62
C TYR A 526 -21.12 29.27 33.24
N ASP A 527 -20.03 30.01 33.41
CA ASP A 527 -19.83 31.27 32.71
C ASP A 527 -18.91 31.00 31.53
N PHE A 528 -18.75 32.01 30.67
CA PHE A 528 -17.84 31.92 29.53
C PHE A 528 -18.19 30.74 28.62
N LYS A 529 -19.37 30.84 28.00
CA LYS A 529 -19.82 29.80 27.08
C LYS A 529 -18.84 29.58 25.95
N ALA A 530 -18.17 30.65 25.51
CA ALA A 530 -17.19 30.52 24.45
C ALA A 530 -16.07 29.58 24.85
N VAL A 531 -15.64 29.65 26.10
CA VAL A 531 -14.58 28.76 26.57
C VAL A 531 -15.05 27.31 26.55
N PHE A 532 -16.28 27.07 27.01
CA PHE A 532 -16.82 25.72 27.04
C PHE A 532 -16.89 25.13 25.64
N ILE A 533 -17.46 25.87 24.69
CA ILE A 533 -17.63 25.34 23.35
C ILE A 533 -16.27 25.19 22.66
N ILE A 534 -15.34 26.11 22.91
CA ILE A 534 -14.00 26.00 22.33
C ILE A 534 -13.30 24.76 22.84
N LEU A 535 -13.41 24.49 24.14
CA LEU A 535 -12.80 23.28 24.70
C LEU A 535 -13.38 22.03 24.07
N LEU A 536 -14.71 21.97 23.95
CA LEU A 536 -15.31 20.77 23.38
C LEU A 536 -14.93 20.59 21.92
N LEU A 537 -14.94 21.66 21.13
CA LEU A 537 -14.56 21.54 19.73
C LEU A 537 -13.11 21.13 19.57
N ALA A 538 -12.22 21.70 20.39
CA ALA A 538 -10.82 21.31 20.34
C ALA A 538 -10.66 19.84 20.71
N TYR A 539 -11.40 19.37 21.72
CA TYR A 539 -11.32 17.97 22.10
C TYR A 539 -11.78 17.08 20.95
N VAL A 540 -12.86 17.46 20.29
CA VAL A 540 -13.38 16.65 19.18
C VAL A 540 -12.35 16.56 18.06
N ILE A 541 -11.79 17.70 17.67
CA ILE A 541 -10.86 17.72 16.56
C ILE A 541 -9.60 16.94 16.90
N LEU A 542 -9.08 17.12 18.13
CA LEU A 542 -7.88 16.40 18.53
C LEU A 542 -8.15 14.90 18.61
N THR A 543 -9.33 14.50 19.07
CA THR A 543 -9.66 13.08 19.13
C THR A 543 -9.72 12.47 17.74
N TYR A 544 -10.31 13.18 16.78
CA TYR A 544 -10.32 12.65 15.42
C TYR A 544 -8.92 12.60 14.83
N ILE A 545 -8.07 13.58 15.16
CA ILE A 545 -6.67 13.51 14.74
C ILE A 545 -6.00 12.27 15.33
N LEU A 546 -6.28 11.98 16.60
CA LEU A 546 -5.69 10.81 17.25
C LEU A 546 -6.13 9.53 16.55
N LEU A 547 -7.42 9.39 16.28
CA LEU A 547 -7.90 8.17 15.64
C LEU A 547 -7.35 8.04 14.22
N LEU A 548 -7.25 9.15 13.50
CA LEU A 548 -6.70 9.12 12.15
C LEU A 548 -5.24 8.70 12.17
N ASN A 549 -4.46 9.22 13.11
CA ASN A 549 -3.05 8.84 13.20
C ASN A 549 -2.90 7.39 13.65
N MET A 550 -3.79 6.92 14.51
CA MET A 550 -3.81 5.51 14.86
C MET A 550 -4.01 4.65 13.63
N LEU A 551 -4.97 5.06 12.78
CA LEU A 551 -5.25 4.31 11.57
C LEU A 551 -4.02 4.27 10.67
N ILE A 552 -3.37 5.42 10.47
CA ILE A 552 -2.20 5.47 9.60
C ILE A 552 -1.05 4.66 10.18
N ALA A 553 -0.84 4.76 11.49
CA ALA A 553 0.25 4.02 12.12
C ALA A 553 0.06 2.52 11.96
N LEU A 554 -1.17 2.04 12.15
CA LEU A 554 -1.41 0.61 11.95
C LEU A 554 -1.34 0.22 10.49
N MET A 555 -1.70 1.13 9.58
CA MET A 555 -1.51 0.88 8.17
C MET A 555 -0.04 0.83 7.77
N GLY A 556 0.84 1.42 8.58
CA GLY A 556 2.26 1.37 8.28
C GLY A 556 2.85 -0.03 8.31
N GLU A 557 2.15 -0.99 8.92
CA GLU A 557 2.62 -2.37 9.03
C GLU A 557 1.95 -3.33 8.05
N THR A 558 1.05 -2.85 7.19
CA THR A 558 0.26 -3.73 6.35
C THR A 558 0.92 -4.06 5.01
N VAL A 559 2.19 -3.68 4.80
CA VAL A 559 2.81 -3.94 3.52
C VAL A 559 3.33 -5.37 3.54
N ASN A 560 2.40 -6.31 3.33
CA ASN A 560 2.69 -7.75 3.22
C ASN A 560 3.20 -8.37 4.52
N LYS A 561 3.32 -7.58 5.59
CA LYS A 561 3.97 -8.05 6.81
C LYS A 561 2.95 -8.69 7.74
N ILE A 562 1.87 -7.99 8.05
CA ILE A 562 0.93 -8.45 9.07
C ILE A 562 0.23 -9.73 8.62
N ALA A 563 -0.09 -9.85 7.33
CA ALA A 563 -0.78 -11.04 6.85
C ALA A 563 0.07 -12.28 7.03
N GLN A 564 1.32 -12.24 6.56
CA GLN A 564 2.19 -13.40 6.68
C GLN A 564 2.54 -13.67 8.14
N GLU A 565 2.74 -12.61 8.93
CA GLU A 565 3.08 -12.82 10.33
C GLU A 565 1.94 -13.47 11.09
N SER A 566 0.71 -13.02 10.83
CA SER A 566 -0.45 -13.63 11.48
C SER A 566 -0.63 -15.06 11.02
N LYS A 567 -0.39 -15.34 9.73
CA LYS A 567 -0.53 -16.71 9.25
C LYS A 567 0.48 -17.63 9.93
N ASN A 568 1.73 -17.19 10.05
CA ASN A 568 2.73 -18.02 10.70
C ASN A 568 2.43 -18.19 12.19
N ILE A 569 1.94 -17.14 12.84
CA ILE A 569 1.58 -17.27 14.26
C ILE A 569 0.43 -18.25 14.42
N TRP A 570 -0.55 -18.20 13.51
CA TRP A 570 -1.63 -19.17 13.57
C TRP A 570 -1.12 -20.60 13.38
N LYS A 571 -0.19 -20.79 12.46
CA LYS A 571 0.40 -22.12 12.27
C LYS A 571 1.08 -22.58 13.54
N LEU A 572 1.82 -21.70 14.21
CA LEU A 572 2.48 -22.06 15.46
C LEU A 572 1.45 -22.43 16.53
N GLN A 573 0.38 -21.65 16.62
CA GLN A 573 -0.66 -21.95 17.62
C GLN A 573 -1.32 -23.30 17.34
N ARG A 574 -1.59 -23.59 16.08
CA ARG A 574 -2.16 -24.89 15.75
C ARG A 574 -1.19 -26.01 16.06
N ALA A 575 0.11 -25.79 15.84
CA ALA A 575 1.10 -26.80 16.19
C ALA A 575 1.09 -27.07 17.70
N ILE A 576 1.00 -26.00 18.49
CA ILE A 576 0.92 -26.17 19.94
C ILE A 576 -0.33 -26.96 20.31
N THR A 577 -1.45 -26.65 19.67
CA THR A 577 -2.68 -27.38 19.94
C THR A 577 -2.52 -28.87 19.61
N ILE A 578 -1.87 -29.16 18.48
CA ILE A 578 -1.64 -30.55 18.08
C ILE A 578 -0.81 -31.28 19.13
N LEU A 579 0.27 -30.65 19.58
CA LEU A 579 1.14 -31.32 20.53
C LEU A 579 0.45 -31.52 21.87
N ASP A 580 -0.34 -30.53 22.32
CA ASP A 580 -1.09 -30.70 23.56
C ASP A 580 -2.10 -31.83 23.43
N THR A 581 -2.80 -31.90 22.29
CA THR A 581 -3.77 -32.97 22.09
C THR A 581 -3.10 -34.33 22.10
N GLU A 582 -1.93 -34.45 21.47
CA GLU A 582 -1.19 -35.70 21.49
C GLU A 582 -0.78 -36.07 22.91
N LYS A 583 -0.33 -35.08 23.69
CA LYS A 583 0.07 -35.36 25.06
C LYS A 583 -1.11 -35.82 25.90
N SER A 584 -2.30 -35.29 25.64
CA SER A 584 -3.47 -35.69 26.42
C SER A 584 -3.93 -37.10 26.02
N PHE A 585 -4.36 -37.25 24.76
CA PHE A 585 -4.67 -38.47 24.00
C PHE A 585 -5.83 -39.30 24.54
N LEU A 586 -6.23 -39.11 25.80
CA LEU A 586 -7.58 -39.38 26.29
C LEU A 586 -8.02 -40.85 26.33
N LYS A 587 -7.29 -41.77 25.67
CA LYS A 587 -7.73 -43.15 25.62
C LYS A 587 -6.58 -44.17 25.55
N CYS A 588 -5.36 -43.77 25.89
CA CYS A 588 -4.19 -44.65 25.78
C CYS A 588 -4.04 -45.22 24.36
N MET A 589 -4.23 -44.34 23.36
CA MET A 589 -4.12 -44.73 21.96
C MET A 589 -2.70 -44.52 21.45
N ARG A 590 -2.23 -45.48 20.65
CA ARG A 590 -0.90 -45.43 20.06
C ARG A 590 -0.91 -45.02 18.58
N LYS A 591 -2.09 -44.85 17.97
CA LYS A 591 -2.14 -44.52 16.55
C LYS A 591 -1.61 -43.14 16.23
N ALA A 592 -1.37 -42.29 17.24
CA ALA A 592 -0.83 -40.97 16.99
C ALA A 592 0.59 -41.00 16.41
N PHE A 593 1.29 -42.13 16.53
CA PHE A 593 2.64 -42.27 15.99
C PHE A 593 2.49 -42.66 14.52
N ARG A 594 2.66 -41.70 13.63
CA ARG A 594 2.28 -41.82 12.23
C ARG A 594 3.51 -42.11 11.36
N SER A 595 3.26 -42.23 10.07
CA SER A 595 4.21 -42.34 8.97
C SER A 595 4.80 -43.73 8.79
N GLY A 596 4.51 -44.69 9.67
CA GLY A 596 4.88 -46.06 9.44
C GLY A 596 6.38 -46.29 9.49
N LYS A 597 6.76 -47.56 9.63
CA LYS A 597 8.14 -47.97 9.81
C LYS A 597 8.66 -48.52 8.50
N LEU A 598 9.54 -47.76 7.84
CA LEU A 598 10.08 -48.10 6.53
C LEU A 598 11.58 -48.32 6.61
N LEU A 599 12.08 -49.22 5.76
CA LEU A 599 13.51 -49.44 5.60
C LEU A 599 14.05 -48.43 4.59
N GLN A 600 14.91 -47.53 5.05
CA GLN A 600 15.40 -46.45 4.20
C GLN A 600 16.49 -46.94 3.26
N VAL A 601 17.60 -47.43 3.82
CA VAL A 601 18.76 -47.87 3.06
C VAL A 601 18.98 -49.37 3.20
N GLY A 602 18.93 -49.88 4.43
CA GLY A 602 19.23 -51.27 4.70
C GLY A 602 20.70 -51.59 4.74
N PHE A 603 21.58 -50.59 4.62
CA PHE A 603 23.03 -50.78 4.68
C PHE A 603 23.58 -49.77 5.68
N THR A 604 23.60 -50.17 6.95
CA THR A 604 24.25 -49.41 8.01
C THR A 604 25.75 -49.64 7.91
N PRO A 605 26.55 -48.96 8.73
CA PRO A 605 27.99 -49.24 8.74
C PRO A 605 28.33 -50.70 9.00
N ASP A 606 27.50 -51.40 9.77
CA ASP A 606 27.58 -52.84 9.93
C ASP A 606 26.53 -53.50 9.03
N GLY A 607 26.39 -54.81 9.15
CA GLY A 607 25.52 -55.55 8.26
C GLY A 607 24.04 -55.46 8.56
N LYS A 608 23.64 -54.66 9.54
CA LYS A 608 22.23 -54.55 9.88
C LYS A 608 21.52 -53.59 8.93
N ASP A 609 20.20 -53.72 8.88
CA ASP A 609 19.32 -52.83 8.13
C ASP A 609 18.70 -51.82 9.09
N ASP A 610 18.36 -50.65 8.55
CA ASP A 610 17.89 -49.51 9.35
C ASP A 610 16.44 -49.21 9.01
N TYR A 611 15.58 -49.33 10.02
CA TYR A 611 14.20 -48.87 9.95
C TYR A 611 14.10 -47.59 10.77
N ARG A 612 13.64 -46.51 10.14
CA ARG A 612 13.80 -45.16 10.71
C ARG A 612 12.49 -44.37 10.79
N TRP A 613 11.34 -45.04 10.64
CA TRP A 613 10.02 -44.40 10.81
C TRP A 613 9.89 -43.13 9.96
N CYS A 614 9.86 -43.32 8.65
CA CYS A 614 9.98 -42.21 7.72
C CYS A 614 8.63 -41.72 7.20
N PHE A 615 8.62 -40.46 6.75
CA PHE A 615 7.45 -39.78 6.21
C PHE A 615 7.60 -39.65 4.71
N ARG A 616 6.60 -40.11 3.97
CA ARG A 616 6.66 -40.13 2.51
C ARG A 616 6.09 -38.85 1.94
N VAL A 617 6.81 -38.24 1.00
CA VAL A 617 6.38 -37.03 0.31
C VAL A 617 6.64 -37.18 -1.17
N ASP A 618 5.64 -36.89 -1.98
CA ASP A 618 5.75 -36.94 -3.44
C ASP A 618 5.94 -35.54 -4.00
N GLU A 619 6.79 -35.44 -5.02
CA GLU A 619 7.09 -34.17 -5.67
C GLU A 619 7.22 -34.41 -7.16
N VAL A 620 6.99 -33.34 -7.93
CA VAL A 620 7.09 -33.37 -9.39
C VAL A 620 8.04 -32.27 -9.83
N ASN A 621 9.03 -32.64 -10.64
CA ASN A 621 10.02 -31.71 -11.18
C ASN A 621 10.06 -31.91 -12.68
N TRP A 622 9.71 -30.87 -13.44
CA TRP A 622 9.65 -30.94 -14.89
C TRP A 622 10.97 -30.57 -15.56
N THR A 623 12.02 -30.33 -14.79
CA THR A 623 13.37 -30.11 -15.31
C THR A 623 14.33 -31.04 -14.59
N THR A 624 15.58 -31.03 -15.02
CA THR A 624 16.61 -31.93 -14.49
C THR A 624 16.16 -33.39 -14.65
N TRP A 625 15.99 -33.78 -15.91
CA TRP A 625 15.59 -35.15 -16.22
C TRP A 625 16.71 -36.13 -15.90
N TYR B 94 -1.44 -53.51 -10.55
CA TYR B 94 -0.94 -52.19 -10.18
C TYR B 94 -0.03 -51.63 -11.27
N TYR B 95 1.01 -52.39 -11.60
CA TYR B 95 1.88 -52.09 -12.73
C TYR B 95 1.45 -52.82 -13.99
N LYS B 96 0.16 -53.16 -14.10
CA LYS B 96 -0.35 -53.94 -15.22
C LYS B 96 -0.06 -53.26 -16.55
N GLY B 97 0.41 -54.05 -17.51
CA GLY B 97 0.65 -53.58 -18.86
C GLY B 97 2.03 -53.03 -19.13
N GLN B 98 2.80 -52.72 -18.09
CA GLN B 98 4.15 -52.19 -18.30
C GLN B 98 5.04 -53.25 -18.91
N THR B 99 5.82 -52.86 -19.92
CA THR B 99 6.74 -53.76 -20.61
C THR B 99 8.09 -53.06 -20.77
N ALA B 100 9.02 -53.77 -21.41
CA ALA B 100 10.40 -53.30 -21.49
C ALA B 100 10.52 -52.00 -22.27
N LEU B 101 9.63 -51.77 -23.24
CA LEU B 101 9.69 -50.52 -24.01
C LEU B 101 9.41 -49.32 -23.12
N HIS B 102 8.42 -49.44 -22.23
CA HIS B 102 8.13 -48.36 -21.29
C HIS B 102 9.33 -48.10 -20.39
N ILE B 103 9.99 -49.16 -19.91
CA ILE B 103 11.16 -48.99 -19.04
C ILE B 103 12.27 -48.29 -19.82
N ALA B 104 12.48 -48.68 -21.07
CA ALA B 104 13.53 -48.06 -21.87
C ALA B 104 13.25 -46.58 -22.07
N ILE B 105 11.99 -46.22 -22.33
CA ILE B 105 11.65 -44.81 -22.53
C ILE B 105 11.82 -44.03 -21.23
N GLU B 106 11.43 -44.64 -20.10
CA GLU B 106 11.56 -43.97 -18.81
C GLU B 106 13.01 -43.65 -18.49
N ARG B 107 13.93 -44.57 -18.77
CA ARG B 107 15.34 -44.34 -18.51
C ARG B 107 16.01 -43.46 -19.55
N ARG B 108 15.28 -43.01 -20.58
CA ARG B 108 15.82 -42.14 -21.62
C ARG B 108 17.00 -42.80 -22.33
N ASN B 109 16.84 -44.07 -22.66
CA ASN B 109 17.85 -44.87 -23.35
C ASN B 109 17.37 -45.08 -24.78
N MET B 110 17.87 -44.24 -25.70
CA MET B 110 17.48 -44.34 -27.10
C MET B 110 17.91 -45.68 -27.69
N THR B 111 19.12 -46.14 -27.34
CA THR B 111 19.63 -47.38 -27.91
C THR B 111 18.76 -48.57 -27.50
N LEU B 112 18.36 -48.63 -26.23
CA LEU B 112 17.54 -49.74 -25.77
C LEU B 112 16.18 -49.73 -26.45
N VAL B 113 15.59 -48.54 -26.64
CA VAL B 113 14.32 -48.44 -27.34
C VAL B 113 14.47 -48.93 -28.78
N THR B 114 15.57 -48.52 -29.43
CA THR B 114 15.81 -48.96 -30.81
C THR B 114 15.93 -50.49 -30.89
N LEU B 115 16.68 -51.07 -29.96
CA LEU B 115 16.84 -52.52 -29.97
C LEU B 115 15.52 -53.23 -29.69
N LEU B 116 14.74 -52.72 -28.73
CA LEU B 116 13.48 -53.37 -28.38
C LEU B 116 12.49 -53.31 -29.53
N VAL B 117 12.38 -52.16 -30.20
CA VAL B 117 11.50 -52.05 -31.35
C VAL B 117 12.00 -52.95 -32.48
N GLU B 118 13.32 -53.01 -32.68
CA GLU B 118 13.88 -53.90 -33.68
C GLU B 118 13.56 -55.35 -33.40
N ASN B 119 13.51 -55.74 -32.13
CA ASN B 119 13.30 -57.13 -31.74
C ASN B 119 11.83 -57.52 -31.63
N GLY B 120 10.91 -56.67 -32.11
CA GLY B 120 9.50 -57.00 -32.13
C GLY B 120 8.69 -56.49 -30.96
N ALA B 121 9.18 -55.49 -30.24
CA ALA B 121 8.38 -54.91 -29.16
C ALA B 121 7.11 -54.28 -29.72
N ASP B 122 6.03 -54.38 -28.94
CA ASP B 122 4.73 -53.86 -29.35
C ASP B 122 4.66 -52.39 -28.95
N VAL B 123 4.78 -51.49 -29.93
CA VAL B 123 4.75 -50.06 -29.66
C VAL B 123 3.37 -49.55 -29.27
N GLN B 124 2.33 -50.37 -29.36
CA GLN B 124 0.97 -49.99 -28.98
C GLN B 124 0.54 -50.58 -27.66
N ALA B 125 1.46 -51.17 -26.88
CA ALA B 125 1.11 -51.75 -25.60
C ALA B 125 0.57 -50.69 -24.66
N ALA B 126 -0.47 -51.05 -23.92
CA ALA B 126 -1.16 -50.14 -23.01
C ALA B 126 -0.77 -50.47 -21.56
N ALA B 127 -0.07 -49.53 -20.91
CA ALA B 127 0.28 -49.66 -19.50
C ALA B 127 -0.87 -49.09 -18.67
N ASN B 128 -1.93 -49.90 -18.53
CA ASN B 128 -3.19 -49.47 -17.94
C ASN B 128 -3.32 -49.89 -16.49
N GLY B 129 -2.21 -50.05 -15.77
CA GLY B 129 -2.28 -50.34 -14.36
C GLY B 129 -2.69 -49.12 -13.55
N ASP B 130 -3.03 -49.37 -12.28
CA ASP B 130 -3.49 -48.29 -11.41
C ASP B 130 -2.41 -47.24 -11.21
N PHE B 131 -1.14 -47.65 -11.22
CA PHE B 131 -0.05 -46.70 -11.09
C PHE B 131 -0.02 -45.69 -12.23
N PHE B 132 -0.49 -46.07 -13.41
CA PHE B 132 -0.40 -45.25 -14.61
C PHE B 132 -1.68 -44.45 -14.90
N LYS B 133 -2.65 -44.48 -13.99
CA LYS B 133 -3.88 -43.72 -14.13
C LYS B 133 -3.81 -42.45 -13.28
N LYS B 134 -4.81 -41.58 -13.47
CA LYS B 134 -4.86 -40.33 -12.71
C LYS B 134 -4.86 -40.60 -11.20
N THR B 135 -5.90 -41.30 -10.72
CA THR B 135 -5.97 -41.87 -9.37
C THR B 135 -5.50 -40.92 -8.28
N LYS B 136 -6.23 -39.82 -8.08
CA LYS B 136 -5.80 -38.74 -7.19
C LYS B 136 -5.50 -39.21 -5.77
N GLY B 137 -6.12 -40.30 -5.33
CA GLY B 137 -5.91 -40.81 -4.00
C GLY B 137 -4.73 -41.73 -3.82
N ARG B 138 -3.92 -41.94 -4.86
CA ARG B 138 -2.76 -42.81 -4.82
C ARG B 138 -1.63 -42.14 -5.59
N PRO B 139 -0.38 -42.51 -5.32
CA PRO B 139 0.72 -42.03 -6.17
C PRO B 139 0.67 -42.68 -7.55
N GLY B 140 1.23 -41.98 -8.52
CA GLY B 140 1.25 -42.49 -9.87
C GLY B 140 1.63 -41.38 -10.85
N PHE B 141 1.54 -41.72 -12.12
CA PHE B 141 1.86 -40.78 -13.19
C PHE B 141 1.08 -41.17 -14.43
N TYR B 142 0.18 -40.29 -14.86
CA TYR B 142 -0.59 -40.50 -16.08
C TYR B 142 0.12 -39.87 -17.26
N PHE B 143 0.24 -40.63 -18.35
CA PHE B 143 0.91 -40.17 -19.55
C PHE B 143 0.21 -40.58 -20.84
N GLY B 144 -0.95 -41.22 -20.76
CA GLY B 144 -1.62 -41.76 -21.94
C GLY B 144 -1.44 -43.25 -22.14
N GLU B 145 -0.69 -43.92 -21.26
CA GLU B 145 -0.62 -45.37 -21.20
C GLU B 145 0.16 -46.01 -22.36
N LEU B 146 0.63 -45.20 -23.33
CA LEU B 146 1.24 -45.71 -24.55
C LEU B 146 2.71 -45.28 -24.63
N PRO B 147 3.58 -46.08 -25.28
CA PRO B 147 4.98 -45.63 -25.44
C PRO B 147 5.13 -44.29 -26.15
N LEU B 148 4.31 -44.02 -27.17
CA LEU B 148 4.42 -42.75 -27.89
C LEU B 148 4.08 -41.59 -26.98
N SER B 149 2.96 -41.68 -26.26
CA SER B 149 2.59 -40.61 -25.35
C SER B 149 3.53 -40.54 -24.16
N LEU B 150 4.14 -41.67 -23.78
CA LEU B 150 5.16 -41.65 -22.73
C LEU B 150 6.37 -40.85 -23.18
N ALA B 151 6.84 -41.07 -24.41
CA ALA B 151 7.96 -40.32 -24.93
C ALA B 151 7.60 -38.84 -25.06
N ALA B 152 6.38 -38.55 -25.52
CA ALA B 152 5.97 -37.16 -25.69
C ALA B 152 5.89 -36.45 -24.35
N CYS B 153 5.34 -37.11 -23.32
CA CYS B 153 5.17 -36.47 -22.02
C CYS B 153 6.48 -36.27 -21.27
N THR B 154 7.52 -37.04 -21.61
CA THR B 154 8.80 -36.97 -20.92
C THR B 154 9.82 -36.08 -21.63
N ASN B 155 9.39 -35.33 -22.66
CA ASN B 155 10.26 -34.39 -23.36
C ASN B 155 11.42 -35.12 -24.05
N GLN B 156 11.10 -36.24 -24.69
CA GLN B 156 12.06 -37.02 -25.47
C GLN B 156 11.56 -37.01 -26.92
N LEU B 157 11.98 -35.97 -27.66
CA LEU B 157 11.51 -35.80 -29.03
C LEU B 157 12.12 -36.85 -29.95
N ALA B 158 13.38 -37.22 -29.72
CA ALA B 158 14.04 -38.19 -30.58
C ALA B 158 13.32 -39.53 -30.55
N ILE B 159 12.89 -39.97 -29.36
CA ILE B 159 12.18 -41.23 -29.26
C ILE B 159 10.84 -41.13 -29.96
N VAL B 160 10.17 -39.98 -29.87
CA VAL B 160 8.90 -39.80 -30.56
C VAL B 160 9.09 -39.94 -32.07
N LYS B 161 10.12 -39.26 -32.60
CA LYS B 161 10.39 -39.34 -34.03
C LYS B 161 10.71 -40.77 -34.44
N PHE B 162 11.49 -41.48 -33.64
CA PHE B 162 11.79 -42.87 -33.95
C PHE B 162 10.53 -43.72 -33.96
N LEU B 163 9.72 -43.60 -32.90
CA LEU B 163 8.54 -44.46 -32.77
C LEU B 163 7.55 -44.23 -33.89
N LEU B 164 7.35 -42.96 -34.28
CA LEU B 164 6.37 -42.68 -35.31
C LEU B 164 6.77 -43.26 -36.67
N GLN B 165 8.06 -43.18 -37.00
CA GLN B 165 8.54 -43.52 -38.35
C GLN B 165 9.79 -44.40 -38.28
N ASN B 166 9.72 -45.46 -37.48
CA ASN B 166 10.78 -46.47 -37.49
C ASN B 166 10.64 -47.35 -38.72
N SER B 167 11.56 -48.30 -38.88
CA SER B 167 11.58 -49.19 -40.04
C SER B 167 10.76 -50.46 -39.85
N TRP B 168 10.45 -50.84 -38.62
CA TRP B 168 9.86 -52.14 -38.32
C TRP B 168 8.38 -52.07 -38.01
N GLN B 169 7.98 -51.21 -37.07
CA GLN B 169 6.59 -51.14 -36.60
C GLN B 169 6.31 -49.70 -36.19
N PRO B 170 5.77 -48.87 -37.07
CA PRO B 170 5.53 -47.48 -36.69
C PRO B 170 4.42 -47.37 -35.66
N ALA B 171 4.54 -46.37 -34.80
CA ALA B 171 3.53 -46.10 -33.79
C ALA B 171 2.31 -45.45 -34.43
N ASP B 172 1.14 -45.77 -33.88
CA ASP B 172 -0.12 -45.22 -34.36
C ASP B 172 -0.34 -43.87 -33.67
N ILE B 173 -0.16 -42.79 -34.43
CA ILE B 173 -0.24 -41.45 -33.85
C ILE B 173 -1.65 -41.12 -33.38
N SER B 174 -2.67 -41.80 -33.88
CA SER B 174 -4.06 -41.56 -33.51
C SER B 174 -4.57 -42.54 -32.45
N ALA B 175 -3.70 -43.36 -31.87
CA ALA B 175 -4.15 -44.35 -30.91
C ALA B 175 -4.71 -43.68 -29.66
N ARG B 176 -5.70 -44.34 -29.05
CA ARG B 176 -6.40 -43.85 -27.88
C ARG B 176 -6.25 -44.85 -26.74
N ASP B 177 -6.13 -44.32 -25.53
CA ASP B 177 -5.97 -45.16 -24.35
C ASP B 177 -7.34 -45.56 -23.81
N SER B 178 -7.36 -46.14 -22.61
CA SER B 178 -8.62 -46.59 -22.02
C SER B 178 -9.57 -45.44 -21.75
N VAL B 179 -9.04 -44.25 -21.49
CA VAL B 179 -9.87 -43.06 -21.31
C VAL B 179 -10.31 -42.46 -22.65
N GLY B 180 -9.69 -42.86 -23.76
CA GLY B 180 -9.94 -42.24 -25.05
C GLY B 180 -8.96 -41.14 -25.40
N ASN B 181 -7.97 -40.88 -24.57
CA ASN B 181 -7.01 -39.82 -24.82
C ASN B 181 -5.94 -40.27 -25.81
N THR B 182 -5.61 -39.38 -26.74
CA THR B 182 -4.51 -39.58 -27.67
C THR B 182 -3.26 -38.92 -27.09
N VAL B 183 -2.22 -38.81 -27.92
CA VAL B 183 -1.00 -38.15 -27.48
C VAL B 183 -1.26 -36.69 -27.13
N LEU B 184 -2.05 -36.00 -27.95
CA LEU B 184 -2.32 -34.60 -27.71
C LEU B 184 -3.11 -34.39 -26.42
N HIS B 185 -4.07 -35.27 -26.15
CA HIS B 185 -4.80 -35.20 -24.89
C HIS B 185 -3.86 -35.40 -23.71
N ALA B 186 -2.93 -36.36 -23.82
CA ALA B 186 -1.96 -36.57 -22.75
C ALA B 186 -1.07 -35.35 -22.56
N LEU B 187 -0.65 -34.71 -23.65
CA LEU B 187 0.17 -33.52 -23.54
C LEU B 187 -0.59 -32.40 -22.85
N VAL B 188 -1.88 -32.26 -23.14
CA VAL B 188 -2.69 -31.28 -22.42
C VAL B 188 -2.78 -31.65 -20.95
N GLU B 189 -2.93 -32.95 -20.65
CA GLU B 189 -3.11 -33.38 -19.26
C GLU B 189 -1.89 -33.05 -18.41
N VAL B 190 -0.68 -33.26 -18.95
CA VAL B 190 0.53 -33.05 -18.16
C VAL B 190 0.86 -31.57 -17.95
N ALA B 191 0.13 -30.67 -18.60
CA ALA B 191 0.37 -29.25 -18.39
C ALA B 191 -0.06 -28.85 -16.98
N ASP B 192 0.69 -27.90 -16.40
CA ASP B 192 0.34 -27.33 -15.11
C ASP B 192 0.56 -25.83 -15.05
N ASN B 193 0.72 -25.16 -16.20
CA ASN B 193 0.80 -23.70 -16.29
C ASN B 193 2.08 -23.14 -15.68
N THR B 194 3.09 -23.97 -15.43
CA THR B 194 4.41 -23.48 -15.09
C THR B 194 5.20 -23.16 -16.36
N VAL B 195 6.28 -22.41 -16.19
CA VAL B 195 6.98 -21.85 -17.34
C VAL B 195 7.64 -22.93 -18.16
N ASP B 196 8.51 -23.74 -17.54
CA ASP B 196 9.26 -24.74 -18.28
C ASP B 196 8.34 -25.84 -18.80
N ASN B 197 7.36 -26.25 -17.98
CA ASN B 197 6.40 -27.25 -18.43
C ASN B 197 5.63 -26.73 -19.62
N THR B 198 5.18 -25.47 -19.57
CA THR B 198 4.45 -24.91 -20.69
C THR B 198 5.31 -24.85 -21.94
N LYS B 199 6.58 -24.45 -21.80
CA LYS B 199 7.47 -24.37 -22.95
C LYS B 199 7.62 -25.72 -23.63
N PHE B 200 7.99 -26.74 -22.85
CA PHE B 200 8.26 -28.03 -23.49
C PHE B 200 6.98 -28.68 -23.99
N VAL B 201 5.85 -28.48 -23.30
CA VAL B 201 4.59 -29.04 -23.77
C VAL B 201 4.19 -28.39 -25.08
N THR B 202 4.36 -27.07 -25.17
CA THR B 202 4.07 -26.36 -26.42
C THR B 202 4.93 -26.88 -27.55
N SER B 203 6.23 -27.02 -27.32
CA SER B 203 7.12 -27.49 -28.37
C SER B 203 6.76 -28.90 -28.80
N MET B 204 6.48 -29.79 -27.85
CA MET B 204 6.14 -31.16 -28.19
C MET B 204 4.82 -31.22 -28.95
N TYR B 205 3.84 -30.40 -28.54
CA TYR B 205 2.56 -30.36 -29.24
C TYR B 205 2.76 -29.94 -30.69
N ASN B 206 3.56 -28.91 -30.90
CA ASN B 206 3.83 -28.44 -32.26
C ASN B 206 4.52 -29.52 -33.09
N GLU B 207 5.52 -30.18 -32.51
CA GLU B 207 6.23 -31.22 -33.25
C GLU B 207 5.32 -32.38 -33.59
N ILE B 208 4.44 -32.78 -32.67
CA ILE B 208 3.50 -33.86 -32.94
C ILE B 208 2.59 -33.48 -34.10
N LEU B 209 2.10 -32.24 -34.10
CA LEU B 209 1.22 -31.83 -35.19
C LEU B 209 1.94 -31.86 -36.53
N ILE B 210 3.19 -31.37 -36.57
CA ILE B 210 3.93 -31.37 -37.83
C ILE B 210 4.14 -32.78 -38.33
N LEU B 211 4.56 -33.68 -37.43
CA LEU B 211 4.82 -35.06 -37.85
C LEU B 211 3.54 -35.75 -38.29
N GLY B 212 2.43 -35.50 -37.59
CA GLY B 212 1.17 -36.10 -37.99
C GLY B 212 0.71 -35.61 -39.35
N ALA B 213 0.87 -34.32 -39.62
CA ALA B 213 0.50 -33.80 -40.93
C ALA B 213 1.38 -34.38 -42.02
N LYS B 214 2.68 -34.52 -41.76
CA LYS B 214 3.56 -35.05 -42.79
C LYS B 214 3.30 -36.52 -43.06
N LEU B 215 3.11 -37.32 -42.01
CA LEU B 215 2.88 -38.76 -42.18
C LEU B 215 1.46 -39.06 -42.65
N HIS B 216 0.48 -38.29 -42.17
CA HIS B 216 -0.93 -38.53 -42.45
C HIS B 216 -1.60 -37.20 -42.77
N PRO B 217 -1.40 -36.68 -43.98
CA PRO B 217 -2.00 -35.37 -44.32
C PRO B 217 -3.51 -35.33 -44.23
N THR B 218 -4.19 -36.47 -44.38
CA THR B 218 -5.64 -36.52 -44.31
C THR B 218 -6.18 -36.74 -42.90
N LEU B 219 -5.31 -36.81 -41.89
CA LEU B 219 -5.72 -37.05 -40.51
C LEU B 219 -5.79 -35.72 -39.77
N LYS B 220 -6.91 -35.48 -39.10
CA LYS B 220 -7.13 -34.29 -38.27
C LYS B 220 -7.04 -34.75 -36.82
N LEU B 221 -5.86 -34.62 -36.22
CA LEU B 221 -5.64 -35.12 -34.87
C LEU B 221 -6.50 -34.36 -33.86
N GLU B 222 -6.60 -33.04 -34.02
CA GLU B 222 -7.26 -32.22 -33.02
C GLU B 222 -8.77 -32.37 -33.01
N GLU B 223 -9.35 -33.05 -33.99
CA GLU B 223 -10.78 -33.33 -33.99
C GLU B 223 -11.14 -34.63 -33.29
N ILE B 224 -10.15 -35.39 -32.81
CA ILE B 224 -10.41 -36.65 -32.14
C ILE B 224 -10.83 -36.34 -30.70
N THR B 225 -11.91 -36.97 -30.26
CA THR B 225 -12.45 -36.77 -28.92
C THR B 225 -12.23 -37.99 -28.05
N ASN B 226 -12.02 -37.76 -26.77
CA ASN B 226 -11.90 -38.83 -25.79
C ASN B 226 -13.28 -39.27 -25.37
N ARG B 227 -13.36 -40.18 -24.37
CA ARG B 227 -14.65 -40.70 -23.94
C ARG B 227 -15.56 -39.63 -23.35
N LYS B 228 -15.00 -38.51 -22.89
CA LYS B 228 -15.80 -37.40 -22.41
C LYS B 228 -16.25 -36.48 -23.54
N GLY B 229 -15.86 -36.76 -24.78
CA GLY B 229 -16.24 -35.93 -25.90
C GLY B 229 -15.40 -34.69 -26.09
N LEU B 230 -14.27 -34.57 -25.39
CA LEU B 230 -13.46 -33.36 -25.40
C LEU B 230 -12.32 -33.50 -26.40
N THR B 231 -12.16 -32.49 -27.24
CA THR B 231 -10.98 -32.36 -28.06
C THR B 231 -9.83 -31.82 -27.21
N PRO B 232 -8.59 -31.90 -27.71
CA PRO B 232 -7.47 -31.32 -26.94
C PRO B 232 -7.65 -29.86 -26.60
N LEU B 233 -8.23 -29.08 -27.52
CA LEU B 233 -8.53 -27.68 -27.22
C LEU B 233 -9.59 -27.58 -26.13
N ALA B 234 -10.67 -28.37 -26.28
CA ALA B 234 -11.71 -28.37 -25.27
C ALA B 234 -11.20 -28.88 -23.94
N LEU B 235 -10.32 -29.89 -23.96
CA LEU B 235 -9.74 -30.39 -22.72
C LEU B 235 -8.87 -29.32 -22.05
N ALA B 236 -8.08 -28.60 -22.84
CA ALA B 236 -7.26 -27.53 -22.28
C ALA B 236 -8.14 -26.45 -21.66
N ALA B 237 -9.23 -26.08 -22.34
CA ALA B 237 -10.13 -25.08 -21.79
C ALA B 237 -10.80 -25.58 -20.51
N SER B 238 -11.22 -26.84 -20.49
CA SER B 238 -11.92 -27.37 -19.33
C SER B 238 -11.00 -27.47 -18.12
N SER B 239 -9.78 -27.95 -18.31
CA SER B 239 -8.87 -28.16 -17.20
C SER B 239 -8.15 -26.90 -16.75
N GLY B 240 -8.32 -25.78 -17.48
CA GLY B 240 -7.68 -24.54 -17.07
C GLY B 240 -6.22 -24.44 -17.43
N LYS B 241 -5.76 -25.19 -18.43
CA LYS B 241 -4.36 -25.15 -18.85
C LYS B 241 -4.19 -23.94 -19.76
N ILE B 242 -4.06 -22.77 -19.13
CA ILE B 242 -4.04 -21.52 -19.86
C ILE B 242 -2.84 -21.42 -20.79
N GLY B 243 -1.72 -22.03 -20.42
CA GLY B 243 -0.55 -21.98 -21.29
C GLY B 243 -0.79 -22.67 -22.62
N VAL B 244 -1.28 -23.91 -22.56
CA VAL B 244 -1.51 -24.67 -23.78
C VAL B 244 -2.64 -24.05 -24.58
N LEU B 245 -3.70 -23.59 -23.90
CA LEU B 245 -4.80 -22.93 -24.57
C LEU B 245 -4.32 -21.69 -25.31
N ALA B 246 -3.51 -20.87 -24.63
CA ALA B 246 -2.99 -19.66 -25.25
C ALA B 246 -2.14 -20.01 -26.46
N TYR B 247 -1.30 -21.04 -26.35
CA TYR B 247 -0.51 -21.46 -27.50
C TYR B 247 -1.40 -21.86 -28.67
N ILE B 248 -2.41 -22.66 -28.41
CA ILE B 248 -3.24 -23.21 -29.49
C ILE B 248 -4.03 -22.10 -30.17
N LEU B 249 -4.62 -21.19 -29.38
CA LEU B 249 -5.57 -20.22 -29.93
C LEU B 249 -4.93 -19.32 -30.97
N GLN B 250 -3.69 -18.89 -30.73
CA GLN B 250 -2.96 -18.00 -31.63
C GLN B 250 -1.76 -18.72 -32.23
N ARG B 251 -1.94 -20.00 -32.53
CA ARG B 251 -0.87 -20.79 -33.13
C ARG B 251 -0.67 -20.38 -34.59
N GLU B 252 0.58 -20.13 -34.96
CA GLU B 252 0.94 -19.81 -36.34
C GLU B 252 2.18 -20.60 -36.70
N ILE B 253 2.10 -21.34 -37.80
CA ILE B 253 3.17 -22.23 -38.25
C ILE B 253 3.70 -21.70 -39.58
N HIS B 254 5.00 -21.44 -39.64
CA HIS B 254 5.64 -20.82 -40.80
C HIS B 254 6.50 -21.87 -41.50
N GLU B 255 5.89 -22.64 -42.38
CA GLU B 255 6.61 -23.51 -43.30
C GLU B 255 5.67 -24.02 -44.36
N PRO B 256 6.15 -24.42 -45.54
CA PRO B 256 5.25 -24.98 -46.56
C PRO B 256 4.63 -26.29 -46.09
N GLU B 257 3.44 -26.57 -46.60
CA GLU B 257 2.70 -27.80 -46.35
C GLU B 257 2.23 -27.96 -44.91
N CYS B 258 2.33 -26.90 -44.10
CA CYS B 258 1.83 -26.90 -42.73
C CYS B 258 1.03 -25.65 -42.41
N ARG B 259 0.69 -24.83 -43.42
CA ARG B 259 -0.11 -23.64 -43.17
C ARG B 259 -1.51 -24.00 -42.67
N HIS B 260 -2.09 -25.08 -43.19
CA HIS B 260 -3.43 -25.48 -42.79
C HIS B 260 -3.53 -25.78 -41.31
N LEU B 261 -2.43 -26.13 -40.66
CA LEU B 261 -2.43 -26.38 -39.22
C LEU B 261 -2.50 -25.10 -38.39
N SER B 262 -2.18 -23.95 -38.98
CA SER B 262 -2.19 -22.71 -38.23
C SER B 262 -3.62 -22.30 -37.89
N ARG B 263 -3.77 -21.61 -36.76
CA ARG B 263 -5.03 -20.97 -36.38
C ARG B 263 -4.93 -19.46 -36.38
N LYS B 264 -3.73 -18.89 -36.35
CA LYS B 264 -3.50 -17.48 -36.56
C LYS B 264 -2.82 -17.28 -37.91
N PHE B 265 -3.41 -16.45 -38.75
CA PHE B 265 -2.93 -16.18 -40.10
C PHE B 265 -2.72 -14.68 -40.25
N THR B 266 -1.85 -14.32 -41.19
CA THR B 266 -1.59 -12.92 -41.55
C THR B 266 -2.27 -12.65 -42.89
N GLU B 267 -3.33 -11.84 -42.88
CA GLU B 267 -4.03 -11.53 -44.11
C GLU B 267 -3.22 -10.60 -44.99
N TRP B 268 -2.66 -9.55 -44.41
CA TRP B 268 -1.82 -8.62 -45.16
C TRP B 268 -0.97 -7.83 -44.17
N ALA B 269 0.09 -7.22 -44.69
CA ALA B 269 0.92 -6.31 -43.91
C ALA B 269 1.50 -5.28 -44.85
N TYR B 270 1.28 -4.00 -44.54
CA TYR B 270 1.67 -2.93 -45.44
C TYR B 270 3.00 -2.31 -45.02
N GLY B 271 3.02 -1.70 -43.84
CA GLY B 271 4.21 -1.15 -43.26
C GLY B 271 4.46 -1.73 -41.89
N PRO B 272 4.38 -0.90 -40.82
CA PRO B 272 4.38 -1.47 -39.47
C PRO B 272 3.06 -2.11 -39.08
N VAL B 273 2.01 -1.92 -39.87
CA VAL B 273 0.68 -2.40 -39.54
C VAL B 273 0.42 -3.69 -40.32
N HIS B 274 -0.11 -4.69 -39.62
CA HIS B 274 -0.51 -5.93 -40.26
C HIS B 274 -1.82 -6.41 -39.66
N SER B 275 -2.60 -7.09 -40.49
CA SER B 275 -3.93 -7.57 -40.12
C SER B 275 -3.88 -9.09 -40.08
N SER B 276 -4.16 -9.66 -38.91
CA SER B 276 -4.13 -11.09 -38.69
C SER B 276 -5.54 -11.65 -38.61
N LEU B 277 -5.65 -12.96 -38.80
CA LEU B 277 -6.91 -13.67 -38.81
C LEU B 277 -6.85 -14.80 -37.81
N TYR B 278 -7.87 -14.90 -36.96
CA TYR B 278 -7.99 -15.97 -35.98
C TYR B 278 -9.09 -16.93 -36.39
N ASP B 279 -8.82 -18.23 -36.26
CA ASP B 279 -9.63 -19.25 -36.92
C ASP B 279 -11.04 -19.31 -36.35
N LEU B 280 -11.17 -19.41 -35.03
CA LEU B 280 -12.44 -19.45 -34.32
C LEU B 280 -13.29 -20.68 -34.65
N SER B 281 -12.71 -21.72 -35.23
CA SER B 281 -13.41 -23.00 -35.29
C SER B 281 -13.41 -23.62 -33.90
N CYS B 282 -14.58 -24.06 -33.45
CA CYS B 282 -14.79 -24.67 -32.14
C CYS B 282 -14.54 -23.70 -30.98
N ILE B 283 -14.48 -22.40 -31.26
CA ILE B 283 -14.43 -21.37 -30.23
C ILE B 283 -15.74 -20.60 -30.16
N ASP B 284 -16.20 -20.09 -31.30
CA ASP B 284 -17.48 -19.40 -31.33
C ASP B 284 -18.64 -20.37 -31.14
N THR B 285 -18.59 -21.51 -31.82
CA THR B 285 -19.65 -22.50 -31.73
C THR B 285 -19.18 -23.81 -32.33
N CYS B 286 -19.77 -24.90 -31.85
CA CYS B 286 -19.58 -26.23 -32.40
C CYS B 286 -20.65 -27.12 -31.80
N GLU B 287 -20.55 -28.43 -32.09
CA GLU B 287 -21.63 -29.33 -31.74
C GLU B 287 -21.76 -29.49 -30.22
N LYS B 288 -20.65 -29.77 -29.52
CA LYS B 288 -20.71 -30.17 -28.12
C LYS B 288 -20.02 -29.18 -27.20
N ASN B 289 -18.73 -28.88 -27.39
CA ASN B 289 -17.94 -28.14 -26.41
C ASN B 289 -17.13 -27.05 -27.10
N SER B 290 -17.72 -25.86 -27.22
CA SER B 290 -16.95 -24.70 -27.65
C SER B 290 -16.11 -24.19 -26.50
N VAL B 291 -15.03 -23.48 -26.84
CA VAL B 291 -14.12 -22.96 -25.82
C VAL B 291 -14.85 -21.98 -24.91
N LEU B 292 -15.67 -21.10 -25.48
CA LEU B 292 -16.39 -20.12 -24.67
C LEU B 292 -17.37 -20.81 -23.73
N GLU B 293 -18.10 -21.81 -24.22
CA GLU B 293 -19.04 -22.53 -23.35
C GLU B 293 -18.29 -23.28 -22.26
N VAL B 294 -17.17 -23.90 -22.59
CA VAL B 294 -16.42 -24.67 -21.60
C VAL B 294 -15.88 -23.75 -20.51
N ILE B 295 -15.34 -22.60 -20.90
CA ILE B 295 -14.78 -21.69 -19.91
C ILE B 295 -15.88 -21.08 -19.05
N ALA B 296 -16.93 -20.57 -19.71
CA ALA B 296 -17.96 -19.83 -18.98
C ALA B 296 -18.72 -20.73 -18.02
N TYR B 297 -19.08 -21.94 -18.45
CA TYR B 297 -19.85 -22.86 -17.64
C TYR B 297 -18.97 -23.84 -16.88
N SER B 298 -17.77 -23.41 -16.49
CA SER B 298 -16.91 -24.22 -15.66
C SER B 298 -17.55 -24.40 -14.28
N SER B 299 -17.03 -25.36 -13.53
CA SER B 299 -17.55 -25.70 -12.22
C SER B 299 -16.95 -24.85 -11.10
N SER B 300 -16.17 -23.83 -11.43
CA SER B 300 -15.43 -22.95 -10.52
C SER B 300 -14.18 -23.64 -9.96
N GLU B 301 -13.96 -24.93 -10.23
CA GLU B 301 -12.74 -25.62 -9.86
C GLU B 301 -11.65 -25.49 -10.90
N THR B 302 -11.95 -24.95 -12.08
CA THR B 302 -10.93 -24.70 -13.08
C THR B 302 -9.96 -23.66 -12.52
N PRO B 303 -8.64 -23.92 -12.48
CA PRO B 303 -7.74 -22.97 -11.82
C PRO B 303 -7.73 -21.57 -12.40
N ASN B 304 -7.89 -21.41 -13.72
CA ASN B 304 -7.68 -20.14 -14.40
C ASN B 304 -8.89 -19.72 -15.23
N ARG B 305 -10.10 -19.98 -14.73
CA ARG B 305 -11.29 -19.58 -15.48
C ARG B 305 -11.36 -18.07 -15.67
N HIS B 306 -10.82 -17.31 -14.72
CA HIS B 306 -10.81 -15.85 -14.85
C HIS B 306 -9.81 -15.37 -15.88
N ASP B 307 -8.67 -16.06 -16.01
CA ASP B 307 -7.56 -15.59 -16.83
C ASP B 307 -7.61 -16.09 -18.27
N MET B 308 -8.26 -17.22 -18.52
CA MET B 308 -8.27 -17.77 -19.87
C MET B 308 -8.96 -16.84 -20.86
N LEU B 309 -9.94 -16.06 -20.40
CA LEU B 309 -10.63 -15.13 -21.30
C LEU B 309 -9.77 -13.94 -21.69
N LEU B 310 -8.62 -13.75 -21.06
CA LEU B 310 -7.73 -12.65 -21.43
C LEU B 310 -6.90 -12.94 -22.67
N VAL B 311 -6.94 -14.18 -23.18
CA VAL B 311 -6.25 -14.49 -24.41
C VAL B 311 -6.92 -13.75 -25.55
N GLU B 312 -6.11 -13.04 -26.36
CA GLU B 312 -6.51 -12.01 -27.31
C GLU B 312 -7.77 -12.32 -28.12
N PRO B 313 -7.81 -13.42 -28.88
CA PRO B 313 -9.02 -13.68 -29.68
C PRO B 313 -10.28 -13.80 -28.86
N LEU B 314 -10.21 -14.38 -27.66
CA LEU B 314 -11.42 -14.54 -26.87
C LEU B 314 -11.92 -13.21 -26.34
N ASN B 315 -11.02 -12.37 -25.82
CA ASN B 315 -11.43 -11.08 -25.30
C ASN B 315 -12.00 -10.21 -26.41
N ARG B 316 -11.33 -10.17 -27.56
CA ARG B 316 -11.83 -9.35 -28.65
C ARG B 316 -13.15 -9.89 -29.19
N LEU B 317 -13.29 -11.22 -29.27
CA LEU B 317 -14.54 -11.80 -29.74
C LEU B 317 -15.70 -11.48 -28.80
N LEU B 318 -15.46 -11.55 -27.49
CA LEU B 318 -16.51 -11.23 -26.54
C LEU B 318 -16.90 -9.77 -26.62
N GLN B 319 -15.92 -8.87 -26.75
CA GLN B 319 -16.23 -7.45 -26.89
C GLN B 319 -17.04 -7.20 -28.17
N ASP B 320 -16.66 -7.87 -29.26
CA ASP B 320 -17.40 -7.71 -30.52
C ASP B 320 -18.82 -8.22 -30.39
N LYS B 321 -18.99 -9.40 -29.77
CA LYS B 321 -20.33 -9.95 -29.56
C LYS B 321 -21.18 -8.99 -28.75
N TRP B 322 -20.60 -8.45 -27.67
CA TRP B 322 -21.29 -7.47 -26.85
C TRP B 322 -21.78 -6.32 -27.71
N ASP B 323 -20.83 -5.56 -28.29
CA ASP B 323 -21.16 -4.32 -28.99
C ASP B 323 -22.10 -4.55 -30.17
N ARG B 324 -22.00 -5.69 -30.84
CA ARG B 324 -22.79 -5.91 -32.03
C ARG B 324 -24.20 -6.41 -31.72
N PHE B 325 -24.33 -7.37 -30.80
CA PHE B 325 -25.58 -8.10 -30.60
C PHE B 325 -26.17 -7.90 -29.22
N VAL B 326 -25.36 -7.98 -28.16
CA VAL B 326 -25.91 -8.27 -26.83
C VAL B 326 -26.17 -7.00 -26.03
N LYS B 327 -25.47 -5.91 -26.34
CA LYS B 327 -25.62 -4.67 -25.58
C LYS B 327 -27.07 -4.19 -25.56
N ARG B 328 -27.71 -4.14 -26.73
CA ARG B 328 -29.07 -3.63 -26.80
C ARG B 328 -30.04 -4.56 -26.10
N ILE B 329 -29.87 -5.87 -26.27
CA ILE B 329 -30.78 -6.82 -25.63
C ILE B 329 -30.64 -6.75 -24.11
N PHE B 330 -29.41 -6.62 -23.62
CA PHE B 330 -29.19 -6.51 -22.19
C PHE B 330 -29.83 -5.26 -21.64
N TYR B 331 -29.68 -4.13 -22.33
CA TYR B 331 -30.30 -2.90 -21.85
C TYR B 331 -31.82 -3.01 -21.90
N PHE B 332 -32.38 -3.68 -22.91
CA PHE B 332 -33.81 -3.89 -22.95
C PHE B 332 -34.28 -4.73 -21.77
N ASN B 333 -33.53 -5.79 -21.44
CA ASN B 333 -33.87 -6.59 -20.28
C ASN B 333 -33.80 -5.76 -19.00
N PHE B 334 -32.79 -4.90 -18.88
CA PHE B 334 -32.67 -4.03 -17.73
C PHE B 334 -33.89 -3.11 -17.61
N PHE B 335 -34.31 -2.53 -18.74
CA PHE B 335 -35.48 -1.66 -18.75
C PHE B 335 -36.74 -2.42 -18.34
N VAL B 336 -36.91 -3.63 -18.86
CA VAL B 336 -38.10 -4.42 -18.52
C VAL B 336 -38.09 -4.76 -17.04
N TYR B 337 -36.93 -5.10 -16.49
CA TYR B 337 -36.85 -5.41 -15.06
C TYR B 337 -37.12 -4.15 -14.23
N CYS B 338 -36.68 -2.99 -14.69
CA CYS B 338 -37.02 -1.75 -14.02
C CYS B 338 -38.53 -1.55 -13.97
N LEU B 339 -39.20 -1.76 -15.11
CA LEU B 339 -40.66 -1.62 -15.13
C LEU B 339 -41.32 -2.64 -14.19
N TYR B 340 -40.81 -3.87 -14.20
CA TYR B 340 -41.37 -4.90 -13.33
C TYR B 340 -41.25 -4.50 -11.86
N MET B 341 -40.07 -4.04 -11.46
CA MET B 341 -39.88 -3.66 -10.07
C MET B 341 -40.69 -2.43 -9.70
N ILE B 342 -40.86 -1.49 -10.62
CA ILE B 342 -41.68 -0.33 -10.33
C ILE B 342 -43.14 -0.75 -10.13
N ILE B 343 -43.63 -1.64 -10.99
CA ILE B 343 -45.01 -2.11 -10.86
C ILE B 343 -45.19 -2.87 -9.56
N PHE B 344 -44.22 -3.72 -9.21
CA PHE B 344 -44.30 -4.48 -7.96
C PHE B 344 -44.29 -3.54 -6.76
N THR B 345 -43.42 -2.53 -6.78
CA THR B 345 -43.38 -1.57 -5.68
C THR B 345 -44.69 -0.83 -5.54
N ALA B 346 -45.27 -0.40 -6.67
CA ALA B 346 -46.54 0.31 -6.61
C ALA B 346 -47.65 -0.59 -6.10
N ALA B 347 -47.71 -1.85 -6.56
CA ALA B 347 -48.76 -2.74 -6.12
C ALA B 347 -48.64 -3.06 -4.63
N ALA B 348 -47.41 -3.27 -4.15
CA ALA B 348 -47.21 -3.57 -2.74
C ALA B 348 -47.50 -2.36 -1.86
N TYR B 349 -47.11 -1.16 -2.33
CA TYR B 349 -47.27 0.05 -1.53
C TYR B 349 -48.74 0.31 -1.21
N TYR B 350 -49.61 0.14 -2.19
CA TYR B 350 -51.04 0.45 -2.05
C TYR B 350 -51.87 -0.77 -1.67
N ARG B 351 -51.29 -1.74 -0.97
CA ARG B 351 -52.07 -2.88 -0.53
C ARG B 351 -53.13 -2.43 0.47
N PRO B 352 -54.28 -3.10 0.54
CA PRO B 352 -55.26 -2.73 1.56
C PRO B 352 -54.80 -3.17 2.94
N VAL B 353 -55.33 -2.46 3.95
CA VAL B 353 -54.92 -2.66 5.33
C VAL B 353 -55.95 -3.41 6.15
N GLU B 354 -57.14 -3.68 5.61
CA GLU B 354 -58.11 -4.50 6.31
C GLU B 354 -57.57 -5.92 6.44
N GLY B 355 -58.06 -6.63 7.45
CA GLY B 355 -57.53 -7.95 7.73
C GLY B 355 -58.13 -9.02 6.84
N LEU B 356 -57.62 -10.24 7.02
CA LEU B 356 -58.20 -11.43 6.41
C LEU B 356 -58.18 -11.37 4.88
N PRO B 357 -57.04 -11.53 4.23
CA PRO B 357 -57.03 -11.69 2.77
C PRO B 357 -57.69 -13.00 2.38
N PRO B 358 -57.97 -13.21 1.09
CA PRO B 358 -57.84 -12.29 -0.04
C PRO B 358 -58.90 -11.20 0.00
N TYR B 359 -58.66 -10.10 -0.69
CA TYR B 359 -59.49 -8.90 -0.59
C TYR B 359 -60.42 -8.80 -1.79
N LYS B 360 -61.65 -8.36 -1.54
CA LYS B 360 -62.61 -8.19 -2.61
C LYS B 360 -62.19 -7.07 -3.54
N LEU B 361 -62.34 -7.30 -4.84
CA LEU B 361 -62.04 -6.29 -5.84
C LEU B 361 -63.21 -5.32 -5.93
N LYS B 362 -62.94 -4.04 -5.66
CA LYS B 362 -63.96 -3.02 -5.76
C LYS B 362 -64.04 -2.49 -7.18
N ASN B 363 -65.23 -2.04 -7.56
CA ASN B 363 -65.47 -1.51 -8.91
C ASN B 363 -65.00 -0.06 -8.98
N THR B 364 -63.68 0.09 -8.92
CA THR B 364 -63.05 1.41 -8.97
C THR B 364 -61.71 1.30 -9.67
N VAL B 365 -61.29 2.41 -10.28
CA VAL B 365 -60.14 2.39 -11.18
C VAL B 365 -58.86 2.02 -10.43
N GLY B 366 -58.66 2.63 -9.25
CA GLY B 366 -57.44 2.38 -8.50
C GLY B 366 -57.26 0.92 -8.15
N ASP B 367 -58.34 0.24 -7.81
CA ASP B 367 -58.23 -1.17 -7.46
C ASP B 367 -58.03 -2.04 -8.68
N TYR B 368 -58.56 -1.64 -9.85
CA TYR B 368 -58.24 -2.38 -11.07
C TYR B 368 -56.75 -2.27 -11.38
N PHE B 369 -56.18 -1.07 -11.25
CA PHE B 369 -54.74 -0.94 -11.44
C PHE B 369 -53.97 -1.77 -10.42
N ARG B 370 -54.43 -1.76 -9.16
CA ARG B 370 -53.73 -2.50 -8.11
C ARG B 370 -53.73 -3.99 -8.40
N VAL B 371 -54.88 -4.56 -8.75
CA VAL B 371 -54.93 -5.99 -8.99
C VAL B 371 -54.17 -6.35 -10.25
N THR B 372 -54.17 -5.47 -11.26
CA THR B 372 -53.36 -5.71 -12.45
C THR B 372 -51.88 -5.76 -12.09
N GLY B 373 -51.43 -4.83 -11.26
CA GLY B 373 -50.04 -4.83 -10.83
C GLY B 373 -49.68 -6.06 -10.03
N GLU B 374 -50.60 -6.50 -9.17
CA GLU B 374 -50.35 -7.72 -8.39
C GLU B 374 -50.24 -8.93 -9.31
N ILE B 375 -51.10 -9.02 -10.31
CA ILE B 375 -51.05 -10.15 -11.24
C ILE B 375 -49.73 -10.12 -12.00
N LEU B 376 -49.30 -8.95 -12.45
CA LEU B 376 -48.02 -8.85 -13.15
C LEU B 376 -46.87 -9.24 -12.23
N SER B 377 -46.92 -8.84 -10.97
CA SER B 377 -45.87 -9.19 -10.01
C SER B 377 -45.77 -10.70 -9.84
N VAL B 378 -46.92 -11.35 -9.67
CA VAL B 378 -46.93 -12.81 -9.51
C VAL B 378 -46.43 -13.48 -10.78
N SER B 379 -46.82 -12.95 -11.94
CA SER B 379 -46.37 -13.52 -13.21
C SER B 379 -44.85 -13.45 -13.33
N GLY B 380 -44.27 -12.30 -12.98
CA GLY B 380 -42.82 -12.19 -13.00
C GLY B 380 -42.15 -13.13 -12.02
N GLY B 381 -42.74 -13.28 -10.83
CA GLY B 381 -42.21 -14.24 -9.88
C GLY B 381 -42.20 -15.66 -10.42
N VAL B 382 -43.29 -16.05 -11.06
CA VAL B 382 -43.36 -17.38 -11.67
C VAL B 382 -42.30 -17.53 -12.76
N TYR B 383 -42.13 -16.48 -13.57
CA TYR B 383 -41.13 -16.51 -14.63
C TYR B 383 -39.74 -16.74 -14.05
N PHE B 384 -39.37 -15.99 -13.02
CA PHE B 384 -38.04 -16.16 -12.42
C PHE B 384 -37.91 -17.51 -11.74
N PHE B 385 -39.00 -18.03 -11.17
CA PHE B 385 -38.97 -19.36 -10.58
C PHE B 385 -38.62 -20.42 -11.61
N PHE B 386 -39.32 -20.41 -12.74
CA PHE B 386 -39.04 -21.41 -13.76
C PHE B 386 -37.67 -21.19 -14.40
N ARG B 387 -37.24 -19.94 -14.54
CA ARG B 387 -35.90 -19.69 -15.06
C ARG B 387 -34.83 -20.26 -14.14
N GLY B 388 -35.01 -20.08 -12.83
CA GLY B 388 -34.06 -20.66 -11.88
C GLY B 388 -34.03 -22.17 -11.93
N ILE B 389 -35.21 -22.80 -12.03
CA ILE B 389 -35.24 -24.25 -12.13
C ILE B 389 -34.54 -24.71 -13.41
N GLN B 390 -34.79 -24.04 -14.52
CA GLN B 390 -34.13 -24.42 -15.77
C GLN B 390 -32.61 -24.28 -15.65
N TYR B 391 -32.15 -23.20 -15.03
CA TYR B 391 -30.71 -23.03 -14.84
C TYR B 391 -30.13 -24.16 -14.01
N PHE B 392 -30.77 -24.48 -12.88
CA PHE B 392 -30.20 -25.51 -12.01
C PHE B 392 -30.24 -26.88 -12.67
N LEU B 393 -31.28 -27.16 -13.46
CA LEU B 393 -31.32 -28.43 -14.17
C LEU B 393 -30.23 -28.49 -15.23
N GLN B 394 -30.00 -27.40 -15.96
CA GLN B 394 -29.00 -27.43 -17.02
C GLN B 394 -27.59 -27.54 -16.45
N ARG B 395 -27.28 -26.81 -15.39
CA ARG B 395 -25.93 -26.74 -14.87
C ARG B 395 -25.64 -27.84 -13.85
N ARG B 396 -26.60 -28.15 -12.99
CA ARG B 396 -26.42 -29.09 -11.89
C ARG B 396 -25.24 -28.68 -11.01
N PRO B 397 -25.34 -27.59 -10.25
CA PRO B 397 -24.25 -27.21 -9.35
C PRO B 397 -24.04 -28.27 -8.27
N SER B 398 -22.81 -28.32 -7.75
CA SER B 398 -22.38 -29.37 -6.85
C SER B 398 -22.46 -28.98 -5.38
N LEU B 399 -23.28 -27.98 -5.05
CA LEU B 399 -23.52 -27.55 -3.67
C LEU B 399 -22.31 -26.91 -2.99
N LYS B 400 -21.20 -26.76 -3.70
CA LYS B 400 -20.06 -25.95 -3.29
C LYS B 400 -19.77 -24.88 -4.32
N SER B 401 -19.79 -25.25 -5.61
CA SER B 401 -19.88 -24.28 -6.69
C SER B 401 -21.23 -23.57 -6.71
N LEU B 402 -22.21 -24.07 -5.94
CA LEU B 402 -23.55 -23.50 -5.95
C LEU B 402 -23.54 -22.03 -5.56
N PHE B 403 -22.74 -21.65 -4.56
CA PHE B 403 -22.73 -20.28 -4.04
C PHE B 403 -21.58 -19.45 -4.56
N VAL B 404 -20.36 -20.00 -4.62
CA VAL B 404 -19.23 -19.21 -5.11
C VAL B 404 -19.40 -18.85 -6.57
N ASP B 405 -20.13 -19.66 -7.32
CA ASP B 405 -20.66 -19.31 -8.63
C ASP B 405 -22.18 -19.33 -8.56
N SER B 406 -22.85 -18.94 -9.65
CA SER B 406 -24.30 -19.00 -9.72
C SER B 406 -24.97 -18.16 -8.62
N TYR B 407 -24.29 -17.12 -8.15
CA TYR B 407 -24.79 -16.33 -7.04
C TYR B 407 -26.06 -15.57 -7.42
N SER B 408 -26.02 -14.86 -8.54
CA SER B 408 -27.18 -14.06 -8.96
C SER B 408 -28.37 -14.94 -9.29
N GLU B 409 -28.14 -16.12 -9.85
CA GLU B 409 -29.24 -17.03 -10.12
C GLU B 409 -29.92 -17.46 -8.83
N ILE B 410 -29.13 -17.70 -7.77
CA ILE B 410 -29.71 -18.05 -6.48
C ILE B 410 -30.53 -16.88 -5.95
N LEU B 411 -30.01 -15.67 -6.06
CA LEU B 411 -30.75 -14.53 -5.52
C LEU B 411 -32.08 -14.34 -6.24
N PHE B 412 -32.08 -14.46 -7.57
CA PHE B 412 -33.34 -14.33 -8.30
C PHE B 412 -34.29 -15.47 -7.95
N PHE B 413 -33.77 -16.69 -7.80
CA PHE B 413 -34.63 -17.81 -7.45
C PHE B 413 -35.23 -17.64 -6.06
N VAL B 414 -34.44 -17.14 -5.10
CA VAL B 414 -34.96 -16.95 -3.75
C VAL B 414 -36.00 -15.84 -3.74
N GLN B 415 -35.79 -14.79 -4.54
CA GLN B 415 -36.82 -13.76 -4.69
C GLN B 415 -38.12 -14.39 -5.19
N SER B 416 -38.04 -15.23 -6.22
CA SER B 416 -39.25 -15.86 -6.72
C SER B 416 -39.88 -16.78 -5.69
N LEU B 417 -39.06 -17.47 -4.89
CA LEU B 417 -39.60 -18.32 -3.84
C LEU B 417 -40.38 -17.50 -2.82
N PHE B 418 -39.85 -16.34 -2.43
CA PHE B 418 -40.57 -15.48 -1.51
C PHE B 418 -41.89 -15.02 -2.12
N MET B 419 -41.87 -14.67 -3.42
CA MET B 419 -43.09 -14.26 -4.09
C MET B 419 -44.14 -15.37 -4.08
N LEU B 420 -43.72 -16.61 -4.37
CA LEU B 420 -44.70 -17.70 -4.43
C LEU B 420 -45.22 -18.04 -3.05
N VAL B 421 -44.36 -18.01 -2.03
CA VAL B 421 -44.83 -18.23 -0.67
C VAL B 421 -45.82 -17.14 -0.29
N SER B 422 -45.57 -15.91 -0.72
CA SER B 422 -46.50 -14.83 -0.46
C SER B 422 -47.85 -15.10 -1.11
N VAL B 423 -47.85 -15.60 -2.34
CA VAL B 423 -49.12 -15.91 -3.00
C VAL B 423 -49.87 -17.00 -2.23
N VAL B 424 -49.15 -18.05 -1.81
CA VAL B 424 -49.79 -19.15 -1.10
C VAL B 424 -50.39 -18.67 0.21
N LEU B 425 -49.64 -17.85 0.95
CA LEU B 425 -50.17 -17.30 2.20
C LEU B 425 -51.34 -16.36 1.94
N TYR B 426 -51.28 -15.61 0.84
CA TYR B 426 -52.35 -14.69 0.51
C TYR B 426 -53.66 -15.41 0.32
N PHE B 427 -53.66 -16.48 -0.49
CA PHE B 427 -54.88 -17.23 -0.71
C PHE B 427 -55.20 -18.18 0.42
N SER B 428 -54.28 -18.41 1.35
CA SER B 428 -54.55 -19.20 2.54
C SER B 428 -55.18 -18.39 3.67
N GLN B 429 -55.52 -17.13 3.43
CA GLN B 429 -56.14 -16.27 4.44
C GLN B 429 -55.22 -16.06 5.65
N ARG B 430 -53.95 -15.79 5.37
CA ARG B 430 -52.97 -15.47 6.40
C ARG B 430 -52.34 -14.13 6.07
N LYS B 431 -52.42 -13.19 7.01
CA LYS B 431 -51.79 -11.88 6.83
C LYS B 431 -50.28 -11.99 6.73
N GLU B 432 -49.69 -13.09 7.19
CA GLU B 432 -48.25 -13.32 7.12
C GLU B 432 -47.70 -13.25 5.70
N TYR B 433 -48.56 -13.29 4.67
CA TYR B 433 -48.08 -13.11 3.31
C TYR B 433 -47.30 -11.81 3.17
N VAL B 434 -47.70 -10.77 3.91
CA VAL B 434 -46.96 -9.51 3.84
C VAL B 434 -45.51 -9.72 4.23
N ALA B 435 -45.28 -10.52 5.28
CA ALA B 435 -43.92 -10.81 5.71
C ALA B 435 -43.09 -11.40 4.58
N SER B 436 -43.69 -12.26 3.76
CA SER B 436 -42.94 -12.78 2.63
C SER B 436 -42.75 -11.70 1.57
N MET B 437 -43.83 -10.97 1.27
CA MET B 437 -43.82 -10.08 0.10
C MET B 437 -42.74 -9.03 0.22
N VAL B 438 -42.63 -8.41 1.40
CA VAL B 438 -41.66 -7.35 1.59
C VAL B 438 -40.26 -7.87 1.38
N PHE B 439 -39.96 -9.11 1.83
CA PHE B 439 -38.64 -9.65 1.61
C PHE B 439 -38.35 -9.74 0.12
N SER B 440 -39.30 -10.27 -0.64
CA SER B 440 -39.14 -10.34 -2.08
C SER B 440 -38.91 -8.95 -2.64
N LEU B 441 -39.70 -7.98 -2.16
CA LEU B 441 -39.58 -6.61 -2.65
C LEU B 441 -38.18 -6.10 -2.40
N ALA B 442 -37.65 -6.31 -1.19
CA ALA B 442 -36.30 -5.86 -0.89
C ALA B 442 -35.31 -6.55 -1.82
N MET B 443 -35.42 -7.87 -1.95
CA MET B 443 -34.50 -8.58 -2.83
C MET B 443 -34.68 -8.11 -4.25
N GLY B 444 -35.93 -7.84 -4.65
CA GLY B 444 -36.18 -7.42 -6.00
C GLY B 444 -35.42 -6.16 -6.38
N TRP B 445 -35.19 -5.29 -5.40
CA TRP B 445 -34.42 -4.09 -5.69
C TRP B 445 -32.93 -4.37 -5.63
N THR B 446 -32.47 -5.18 -4.68
CA THR B 446 -31.03 -5.39 -4.59
C THR B 446 -30.53 -6.20 -5.78
N ASN B 447 -31.38 -7.05 -6.36
CA ASN B 447 -31.02 -7.78 -7.56
C ASN B 447 -30.81 -6.85 -8.75
N MET B 448 -31.16 -5.57 -8.64
CA MET B 448 -30.75 -4.61 -9.67
C MET B 448 -29.24 -4.64 -9.87
N LEU B 449 -28.48 -4.94 -8.82
CA LEU B 449 -27.03 -5.01 -8.96
C LEU B 449 -26.59 -6.05 -9.98
N TYR B 450 -27.42 -7.06 -10.25
CA TYR B 450 -27.09 -8.02 -11.30
C TYR B 450 -26.80 -7.32 -12.62
N TYR B 451 -27.54 -6.25 -12.91
CA TYR B 451 -27.40 -5.56 -14.18
C TYR B 451 -26.24 -4.57 -14.18
N THR B 452 -25.43 -4.51 -13.12
CA THR B 452 -24.26 -3.64 -13.18
C THR B 452 -23.19 -4.22 -14.11
N ARG B 453 -23.23 -5.52 -14.40
CA ARG B 453 -22.39 -6.05 -15.46
C ARG B 453 -22.82 -5.45 -16.79
N GLY B 454 -21.84 -5.22 -17.66
CA GLY B 454 -22.02 -4.35 -18.80
C GLY B 454 -21.54 -2.94 -18.57
N PHE B 455 -21.34 -2.57 -17.31
CA PHE B 455 -20.67 -1.34 -16.92
C PHE B 455 -19.45 -1.75 -16.10
N GLN B 456 -18.25 -1.44 -16.61
CA GLN B 456 -17.02 -1.97 -16.04
C GLN B 456 -16.88 -1.61 -14.56
N GLN B 457 -17.00 -0.33 -14.23
CA GLN B 457 -16.71 0.10 -12.87
C GLN B 457 -17.81 -0.32 -11.90
N MET B 458 -19.07 -0.13 -12.28
CA MET B 458 -20.17 -0.52 -11.42
C MET B 458 -20.22 -2.04 -11.27
N GLY B 459 -19.94 -2.75 -12.36
CA GLY B 459 -19.86 -4.20 -12.27
C GLY B 459 -18.76 -4.66 -11.33
N ILE B 460 -17.61 -3.98 -11.37
CA ILE B 460 -16.53 -4.32 -10.47
C ILE B 460 -16.94 -4.09 -9.03
N TYR B 461 -17.65 -2.98 -8.76
CA TYR B 461 -18.11 -2.71 -7.41
C TYR B 461 -19.09 -3.78 -6.93
N ALA B 462 -20.02 -4.19 -7.80
CA ALA B 462 -20.96 -5.24 -7.45
C ALA B 462 -20.24 -6.56 -7.19
N VAL B 463 -19.21 -6.85 -7.97
CA VAL B 463 -18.41 -8.06 -7.76
C VAL B 463 -17.73 -8.01 -6.40
N MET B 464 -17.20 -6.85 -6.03
CA MET B 464 -16.59 -6.69 -4.71
C MET B 464 -17.60 -6.97 -3.61
N ILE B 465 -18.83 -6.46 -3.77
CA ILE B 465 -19.86 -6.69 -2.76
C ILE B 465 -20.16 -8.19 -2.65
N GLU B 466 -20.34 -8.84 -3.80
CA GLU B 466 -20.66 -10.26 -3.82
C GLU B 466 -19.57 -11.08 -3.13
N LYS B 467 -18.31 -10.82 -3.47
CA LYS B 467 -17.24 -11.62 -2.92
C LYS B 467 -17.00 -11.31 -1.45
N MET B 468 -17.23 -10.07 -1.02
CA MET B 468 -17.14 -9.77 0.40
C MET B 468 -18.20 -10.53 1.18
N ILE B 469 -19.42 -10.59 0.66
CA ILE B 469 -20.48 -11.33 1.35
C ILE B 469 -20.14 -12.81 1.40
N LEU B 470 -19.70 -13.37 0.27
CA LEU B 470 -19.49 -14.82 0.20
C LEU B 470 -18.28 -15.26 0.99
N ARG B 471 -17.20 -14.48 0.96
CA ARG B 471 -15.91 -14.90 1.51
C ARG B 471 -15.73 -14.45 2.96
N ASP B 472 -15.88 -13.16 3.21
CA ASP B 472 -15.42 -12.55 4.46
C ASP B 472 -16.51 -12.39 5.51
N LEU B 473 -17.78 -12.35 5.11
CA LEU B 473 -18.83 -11.95 6.06
C LEU B 473 -18.95 -12.92 7.23
N CYS B 474 -18.88 -14.22 6.96
CA CYS B 474 -19.13 -15.20 8.01
C CYS B 474 -18.10 -15.12 9.13
N ARG B 475 -16.82 -14.95 8.77
CA ARG B 475 -15.76 -14.89 9.77
C ARG B 475 -15.95 -13.71 10.72
N PHE B 476 -16.10 -12.52 10.15
CA PHE B 476 -16.21 -11.32 10.96
C PHE B 476 -17.51 -11.31 11.73
N MET B 477 -18.60 -11.79 11.12
CA MET B 477 -19.86 -11.82 11.83
C MET B 477 -19.83 -12.80 12.98
N PHE B 478 -19.15 -13.95 12.81
CA PHE B 478 -19.02 -14.89 13.91
C PHE B 478 -18.29 -14.25 15.08
N VAL B 479 -17.15 -13.62 14.81
CA VAL B 479 -16.39 -13.02 15.92
C VAL B 479 -17.18 -11.90 16.58
N TYR B 480 -17.79 -11.04 15.76
CA TYR B 480 -18.55 -9.92 16.31
C TYR B 480 -19.73 -10.41 17.14
N LEU B 481 -20.46 -11.42 16.64
CA LEU B 481 -21.59 -11.95 17.39
C LEU B 481 -21.14 -12.64 18.66
N VAL B 482 -19.96 -13.26 18.66
CA VAL B 482 -19.45 -13.85 19.89
C VAL B 482 -19.25 -12.77 20.94
N PHE B 483 -18.58 -11.67 20.56
CA PHE B 483 -18.37 -10.59 21.51
C PHE B 483 -19.69 -9.98 21.97
N LEU B 484 -20.59 -9.72 21.02
CA LEU B 484 -21.87 -9.11 21.35
C LEU B 484 -22.67 -9.98 22.30
N PHE B 485 -22.77 -11.28 21.99
CA PHE B 485 -23.56 -12.16 22.83
C PHE B 485 -22.94 -12.32 24.21
N GLY B 486 -21.62 -12.43 24.29
CA GLY B 486 -20.98 -12.54 25.59
C GLY B 486 -21.26 -11.33 26.47
N PHE B 487 -21.07 -10.13 25.93
CA PHE B 487 -21.27 -8.96 26.76
C PHE B 487 -22.75 -8.72 27.04
N SER B 488 -23.63 -9.08 26.10
CA SER B 488 -25.06 -8.96 26.35
C SER B 488 -25.51 -9.89 27.46
N THR B 489 -25.00 -11.12 27.46
CA THR B 489 -25.33 -12.05 28.54
C THR B 489 -24.82 -11.54 29.87
N ALA B 490 -23.61 -11.00 29.90
CA ALA B 490 -23.09 -10.43 31.15
C ALA B 490 -23.96 -9.28 31.64
N VAL B 491 -24.32 -8.37 30.74
CA VAL B 491 -25.08 -7.19 31.16
C VAL B 491 -26.49 -7.59 31.60
N VAL B 492 -27.15 -8.47 30.85
CA VAL B 492 -28.51 -8.84 31.22
C VAL B 492 -28.52 -9.66 32.50
N THR B 493 -27.46 -10.43 32.75
CA THR B 493 -27.33 -11.09 34.05
C THR B 493 -27.20 -10.07 35.16
N LEU B 494 -26.45 -8.99 34.91
CA LEU B 494 -26.29 -7.96 35.95
C LEU B 494 -27.61 -7.25 36.24
N ILE B 495 -28.44 -7.02 35.22
CA ILE B 495 -29.68 -6.29 35.40
C ILE B 495 -30.67 -7.13 36.19
N GLU B 496 -31.39 -6.50 37.11
CA GLU B 496 -32.36 -7.15 37.98
C GLU B 496 -33.74 -6.55 37.79
N ASP B 497 -34.64 -7.31 37.17
CA ASP B 497 -36.06 -6.98 37.07
C ASP B 497 -36.27 -5.57 36.52
N GLY B 498 -35.51 -5.24 35.48
CA GLY B 498 -35.63 -3.95 34.82
C GLY B 498 -36.59 -4.00 33.64
N LYS B 499 -36.67 -2.87 32.95
CA LYS B 499 -37.40 -2.83 31.69
C LYS B 499 -36.75 -3.76 30.67
N TYR B 500 -35.43 -3.80 30.63
CA TYR B 500 -34.76 -4.54 29.56
C TYR B 500 -34.72 -6.04 29.89
N ASN B 501 -33.92 -6.42 30.89
CA ASN B 501 -33.93 -7.72 31.57
C ASN B 501 -34.20 -8.90 30.65
N SER B 502 -33.65 -8.88 29.44
CA SER B 502 -33.92 -9.93 28.47
C SER B 502 -32.82 -9.91 27.43
N LEU B 503 -32.57 -11.06 26.83
CA LEU B 503 -31.48 -11.16 25.86
C LEU B 503 -31.76 -10.28 24.65
N TYR B 504 -33.01 -10.24 24.18
CA TYR B 504 -33.30 -9.46 22.99
C TYR B 504 -33.06 -7.97 23.23
N SER B 505 -33.61 -7.44 24.32
CA SER B 505 -33.50 -6.00 24.56
C SER B 505 -32.05 -5.60 24.80
N THR B 506 -31.32 -6.36 25.60
CA THR B 506 -29.93 -6.01 25.89
C THR B 506 -29.06 -6.20 24.66
N CYS B 507 -29.29 -7.25 23.88
CA CYS B 507 -28.51 -7.43 22.66
C CYS B 507 -28.74 -6.29 21.68
N LEU B 508 -30.00 -5.86 21.53
CA LEU B 508 -30.28 -4.73 20.65
C LEU B 508 -29.63 -3.46 21.18
N GLU B 509 -29.70 -3.25 22.48
CA GLU B 509 -29.18 -2.01 23.06
C GLU B 509 -27.66 -1.96 22.97
N LEU B 510 -26.99 -3.10 23.08
CA LEU B 510 -25.55 -3.14 22.87
C LEU B 510 -25.20 -3.04 21.38
N PHE B 511 -26.04 -3.59 20.51
CA PHE B 511 -25.83 -3.42 19.07
C PHE B 511 -25.89 -1.95 18.68
N LYS B 512 -26.71 -1.17 19.38
CA LYS B 512 -26.82 0.26 19.09
C LYS B 512 -25.47 0.98 19.19
N PHE B 513 -24.53 0.46 19.99
CA PHE B 513 -23.21 1.08 20.06
C PHE B 513 -22.49 1.00 18.72
N THR B 514 -22.71 -0.08 17.97
CA THR B 514 -22.02 -0.24 16.69
C THR B 514 -22.48 0.79 15.67
N ILE B 515 -23.74 1.22 15.75
CA ILE B 515 -24.30 2.17 14.79
C ILE B 515 -24.24 3.61 15.33
N GLY B 516 -23.45 3.86 16.37
CA GLY B 516 -23.31 5.20 16.88
C GLY B 516 -24.51 5.72 17.63
N MET B 517 -25.29 4.83 18.27
CA MET B 517 -26.47 5.22 19.01
C MET B 517 -26.52 4.60 20.40
N GLY B 518 -25.40 4.08 20.90
CA GLY B 518 -25.40 3.44 22.20
C GLY B 518 -25.61 4.46 23.30
N ASP B 519 -26.57 4.17 24.19
CA ASP B 519 -26.93 5.15 25.21
C ASP B 519 -25.88 5.24 26.31
N LEU B 520 -25.36 4.10 26.76
CA LEU B 520 -24.33 3.99 27.79
C LEU B 520 -24.86 4.23 29.21
N GLU B 521 -26.12 4.65 29.34
CA GLU B 521 -26.81 4.73 30.63
C GLU B 521 -28.25 4.30 30.46
N PHE B 522 -28.48 3.25 29.67
CA PHE B 522 -29.84 2.93 29.26
C PHE B 522 -30.68 2.36 30.40
N THR B 523 -30.07 1.94 31.50
CA THR B 523 -30.83 1.42 32.63
C THR B 523 -30.06 1.70 33.91
N GLU B 524 -30.80 1.73 35.01
CA GLU B 524 -30.24 1.77 36.35
C GLU B 524 -30.73 0.64 37.24
N ASN B 525 -31.41 -0.36 36.67
CA ASN B 525 -31.97 -1.46 37.44
C ASN B 525 -30.88 -2.51 37.67
N TYR B 526 -29.89 -2.12 38.47
CA TYR B 526 -28.80 -3.01 38.82
C TYR B 526 -28.17 -2.52 40.10
N ASP B 527 -27.38 -3.39 40.72
CA ASP B 527 -26.38 -3.01 41.68
C ASP B 527 -25.02 -2.98 40.97
N PHE B 528 -24.01 -2.46 41.64
CA PHE B 528 -22.64 -2.44 41.13
C PHE B 528 -22.58 -1.69 39.79
N LYS B 529 -22.84 -0.38 39.87
CA LYS B 529 -22.78 0.46 38.68
C LYS B 529 -21.42 0.40 38.01
N ALA B 530 -20.35 0.25 38.82
CA ALA B 530 -19.02 0.17 38.26
C ALA B 530 -18.89 -1.03 37.33
N VAL B 531 -19.50 -2.15 37.69
CA VAL B 531 -19.44 -3.34 36.84
C VAL B 531 -20.16 -3.08 35.52
N PHE B 532 -21.33 -2.46 35.59
CA PHE B 532 -22.11 -2.17 34.39
C PHE B 532 -21.33 -1.27 33.44
N ILE B 533 -20.77 -0.18 33.96
CA ILE B 533 -20.09 0.76 33.08
C ILE B 533 -18.78 0.15 32.58
N ILE B 534 -18.10 -0.64 33.41
CA ILE B 534 -16.87 -1.29 32.95
C ILE B 534 -17.17 -2.27 31.82
N LEU B 535 -18.25 -3.04 31.95
CA LEU B 535 -18.63 -3.97 30.89
C LEU B 535 -18.93 -3.22 29.60
N LEU B 536 -19.70 -2.13 29.68
CA LEU B 536 -20.04 -1.41 28.46
C LEU B 536 -18.81 -0.79 27.82
N LEU B 537 -17.92 -0.19 28.61
CA LEU B 537 -16.72 0.41 28.04
C LEU B 537 -15.81 -0.64 27.42
N ALA B 538 -15.67 -1.79 28.08
CA ALA B 538 -14.87 -2.86 27.51
C ALA B 538 -15.47 -3.35 26.20
N TYR B 539 -16.79 -3.48 26.15
CA TYR B 539 -17.44 -3.89 24.91
C TYR B 539 -17.19 -2.89 23.80
N VAL B 540 -17.30 -1.60 24.11
CA VAL B 540 -17.08 -0.56 23.10
C VAL B 540 -15.66 -0.63 22.56
N ILE B 541 -14.68 -0.72 23.46
CA ILE B 541 -13.28 -0.71 23.03
C ILE B 541 -12.97 -1.97 22.22
N LEU B 542 -13.47 -3.11 22.67
CA LEU B 542 -13.22 -4.36 21.94
C LEU B 542 -13.89 -4.34 20.58
N THR B 543 -15.09 -3.76 20.49
CA THR B 543 -15.77 -3.67 19.21
C THR B 543 -14.99 -2.79 18.23
N TYR B 544 -14.47 -1.66 18.71
CA TYR B 544 -13.66 -0.83 17.83
C TYR B 544 -12.38 -1.53 17.43
N ILE B 545 -11.79 -2.32 18.33
CA ILE B 545 -10.64 -3.12 17.96
C ILE B 545 -11.01 -4.12 16.86
N LEU B 546 -12.19 -4.74 16.99
CA LEU B 546 -12.64 -5.70 15.98
C LEU B 546 -12.79 -5.03 14.62
N LEU B 547 -13.47 -3.89 14.58
CA LEU B 547 -13.71 -3.23 13.31
C LEU B 547 -12.41 -2.74 12.70
N LEU B 548 -11.50 -2.24 13.53
CA LEU B 548 -10.20 -1.81 13.04
C LEU B 548 -9.43 -2.98 12.45
N ASN B 549 -9.47 -4.14 13.09
CA ASN B 549 -8.80 -5.32 12.56
C ASN B 549 -9.47 -5.82 11.29
N MET B 550 -10.78 -5.69 11.17
CA MET B 550 -11.44 -6.00 9.92
C MET B 550 -10.89 -5.14 8.80
N LEU B 551 -10.76 -3.85 9.07
CA LEU B 551 -10.25 -2.92 8.05
C LEU B 551 -8.83 -3.32 7.65
N ILE B 552 -7.96 -3.55 8.64
CA ILE B 552 -6.58 -3.89 8.36
C ILE B 552 -6.49 -5.21 7.59
N ALA B 553 -7.26 -6.21 8.01
CA ALA B 553 -7.21 -7.51 7.36
C ALA B 553 -7.66 -7.41 5.91
N LEU B 554 -8.72 -6.66 5.64
CA LEU B 554 -9.14 -6.50 4.25
C LEU B 554 -8.13 -5.68 3.45
N MET B 555 -7.41 -4.78 4.12
CA MET B 555 -6.37 -4.02 3.41
C MET B 555 -5.21 -4.90 2.96
N GLY B 556 -5.05 -6.09 3.55
CA GLY B 556 -3.99 -6.99 3.14
C GLY B 556 -4.12 -7.49 1.71
N GLU B 557 -5.32 -7.45 1.15
CA GLU B 557 -5.59 -7.91 -0.21
C GLU B 557 -5.66 -6.79 -1.23
N THR B 558 -5.37 -5.55 -0.86
CA THR B 558 -5.45 -4.43 -1.79
C THR B 558 -4.18 -4.24 -2.61
N VAL B 559 -3.19 -5.12 -2.47
CA VAL B 559 -1.96 -4.93 -3.24
C VAL B 559 -2.19 -5.53 -4.61
N ASN B 560 -2.91 -4.79 -5.46
CA ASN B 560 -3.16 -5.15 -6.86
C ASN B 560 -4.02 -6.40 -7.05
N LYS B 561 -4.43 -7.05 -5.95
CA LYS B 561 -5.15 -8.31 -6.08
C LYS B 561 -6.64 -8.07 -6.28
N ILE B 562 -7.25 -7.24 -5.44
CA ILE B 562 -8.69 -7.04 -5.51
C ILE B 562 -9.08 -6.40 -6.83
N ALA B 563 -8.33 -5.39 -7.28
CA ALA B 563 -8.70 -4.68 -8.50
C ALA B 563 -8.67 -5.62 -9.71
N GLN B 564 -7.56 -6.33 -9.90
CA GLN B 564 -7.45 -7.20 -11.07
C GLN B 564 -8.39 -8.39 -10.96
N GLU B 565 -8.52 -8.95 -9.75
CA GLU B 565 -9.39 -10.11 -9.58
C GLU B 565 -10.84 -9.75 -9.84
N SER B 566 -11.29 -8.60 -9.32
CA SER B 566 -12.66 -8.17 -9.56
C SER B 566 -12.87 -7.83 -11.04
N LYS B 567 -11.87 -7.24 -11.69
CA LYS B 567 -12.02 -6.93 -13.10
C LYS B 567 -12.17 -8.20 -13.92
N ASN B 568 -11.34 -9.21 -13.66
CA ASN B 568 -11.44 -10.45 -14.41
C ASN B 568 -12.73 -11.18 -14.11
N ILE B 569 -13.21 -11.13 -12.86
CA ILE B 569 -14.48 -11.76 -12.53
C ILE B 569 -15.62 -11.06 -13.25
N TRP B 570 -15.56 -9.73 -13.33
CA TRP B 570 -16.57 -9.00 -14.09
C TRP B 570 -16.56 -9.40 -15.55
N LYS B 571 -15.37 -9.54 -16.14
CA LYS B 571 -15.29 -9.97 -17.52
C LYS B 571 -15.88 -11.35 -17.71
N LEU B 572 -15.63 -12.26 -16.77
CA LEU B 572 -16.23 -13.60 -16.85
C LEU B 572 -17.75 -13.53 -16.75
N GLN B 573 -18.26 -12.70 -15.85
CA GLN B 573 -19.70 -12.56 -15.71
C GLN B 573 -20.33 -11.99 -16.98
N ARG B 574 -19.68 -11.00 -17.60
CA ARG B 574 -20.20 -10.47 -18.85
C ARG B 574 -20.16 -11.52 -19.95
N ALA B 575 -19.11 -12.35 -19.97
CA ALA B 575 -19.05 -13.44 -20.96
C ALA B 575 -20.21 -14.41 -20.77
N ILE B 576 -20.53 -14.73 -19.52
CA ILE B 576 -21.66 -15.62 -19.25
C ILE B 576 -22.95 -14.97 -19.72
N THR B 577 -23.11 -13.67 -19.47
CA THR B 577 -24.30 -12.97 -19.93
C THR B 577 -24.41 -13.01 -21.45
N ILE B 578 -23.28 -12.82 -22.13
CA ILE B 578 -23.27 -12.85 -23.60
C ILE B 578 -23.72 -14.22 -24.10
N LEU B 579 -23.17 -15.28 -23.51
CA LEU B 579 -23.51 -16.61 -23.99
C LEU B 579 -24.97 -16.95 -23.71
N ASP B 580 -25.49 -16.55 -22.54
CA ASP B 580 -26.90 -16.78 -22.25
C ASP B 580 -27.79 -16.01 -23.22
N THR B 581 -27.43 -14.77 -23.53
CA THR B 581 -28.22 -13.97 -24.46
C THR B 581 -28.21 -14.61 -25.85
N GLU B 582 -27.05 -15.11 -26.28
CA GLU B 582 -26.99 -15.80 -27.57
C GLU B 582 -27.86 -17.04 -27.56
N LYS B 583 -27.84 -17.80 -26.46
CA LYS B 583 -28.66 -19.00 -26.40
C LYS B 583 -30.14 -18.67 -26.44
N SER B 584 -30.55 -17.55 -25.85
CA SER B 584 -31.96 -17.17 -25.88
C SER B 584 -32.38 -16.67 -27.25
N PHE B 585 -31.79 -15.54 -27.69
CA PHE B 585 -31.80 -14.92 -29.01
C PHE B 585 -33.16 -14.44 -29.51
N LEU B 586 -34.27 -14.94 -28.94
CA LEU B 586 -35.55 -14.24 -28.88
C LEU B 586 -36.28 -14.01 -30.21
N LYS B 587 -35.60 -14.19 -31.37
CA LYS B 587 -36.24 -13.90 -32.66
C LYS B 587 -35.74 -14.79 -33.79
N CYS B 588 -35.06 -15.90 -33.50
CA CYS B 588 -34.47 -16.75 -34.55
C CYS B 588 -33.55 -15.95 -35.47
N MET B 589 -32.73 -15.08 -34.88
CA MET B 589 -31.79 -14.26 -35.64
C MET B 589 -30.48 -14.99 -35.83
N ARG B 590 -29.89 -14.82 -37.03
CA ARG B 590 -28.62 -15.45 -37.39
C ARG B 590 -27.43 -14.50 -37.33
N LYS B 591 -27.66 -13.20 -37.08
CA LYS B 591 -26.56 -12.24 -37.07
C LYS B 591 -25.61 -12.45 -35.89
N ALA B 592 -25.98 -13.27 -34.90
CA ALA B 592 -25.09 -13.56 -33.80
C ALA B 592 -23.82 -14.30 -34.23
N PHE B 593 -23.82 -14.91 -35.40
CA PHE B 593 -22.64 -15.59 -35.92
C PHE B 593 -21.72 -14.52 -36.50
N ARG B 594 -20.66 -14.18 -35.76
CA ARG B 594 -19.84 -13.03 -36.08
C ARG B 594 -18.64 -13.41 -36.93
N SER B 595 -17.91 -12.37 -37.36
CA SER B 595 -16.59 -12.46 -37.97
C SER B 595 -16.58 -12.88 -39.45
N GLY B 596 -17.73 -13.27 -40.00
CA GLY B 596 -17.81 -13.55 -41.42
C GLY B 596 -16.99 -14.76 -41.84
N LYS B 597 -17.20 -15.18 -43.09
CA LYS B 597 -16.60 -16.39 -43.64
C LYS B 597 -15.51 -15.98 -44.63
N LEU B 598 -14.25 -16.11 -44.20
CA LEU B 598 -13.09 -15.73 -44.99
C LEU B 598 -12.31 -16.97 -45.40
N LEU B 599 -11.50 -16.80 -46.44
CA LEU B 599 -10.64 -17.86 -46.96
C LEU B 599 -9.24 -17.68 -46.41
N GLN B 600 -8.73 -18.72 -45.74
CA GLN B 600 -7.41 -18.65 -45.12
C GLN B 600 -6.31 -18.83 -46.16
N VAL B 601 -6.26 -20.00 -46.78
CA VAL B 601 -5.23 -20.39 -47.73
C VAL B 601 -5.83 -20.75 -49.07
N GLY B 602 -6.89 -21.55 -49.07
CA GLY B 602 -7.44 -22.10 -50.29
C GLY B 602 -6.68 -23.30 -50.82
N PHE B 603 -5.65 -23.76 -50.10
CA PHE B 603 -4.84 -24.90 -50.52
C PHE B 603 -4.66 -25.79 -49.29
N THR B 604 -5.59 -26.71 -49.11
CA THR B 604 -5.49 -27.74 -48.08
C THR B 604 -4.55 -28.83 -48.60
N PRO B 605 -4.30 -29.88 -47.81
CA PRO B 605 -3.49 -31.00 -48.33
C PRO B 605 -4.02 -31.60 -49.61
N ASP B 606 -5.34 -31.59 -49.81
CA ASP B 606 -5.96 -31.94 -51.07
C ASP B 606 -6.28 -30.65 -51.84
N GLY B 607 -6.95 -30.79 -52.98
CA GLY B 607 -7.21 -29.66 -53.83
C GLY B 607 -8.34 -28.75 -53.42
N LYS B 608 -8.95 -29.00 -52.26
CA LYS B 608 -10.07 -28.20 -51.80
C LYS B 608 -9.58 -26.92 -51.14
N ASP B 609 -10.50 -25.97 -50.99
CA ASP B 609 -10.25 -24.72 -50.29
C ASP B 609 -10.65 -24.86 -48.83
N ASP B 610 -10.37 -23.83 -48.02
CA ASP B 610 -10.67 -23.85 -46.58
C ASP B 610 -11.22 -22.49 -46.17
N TYR B 611 -12.55 -22.37 -46.21
CA TYR B 611 -13.26 -21.28 -45.56
C TYR B 611 -13.55 -21.69 -44.13
N ARG B 612 -13.07 -20.91 -43.15
CA ARG B 612 -13.05 -21.36 -41.75
C ARG B 612 -13.47 -20.26 -40.78
N TRP B 613 -14.28 -19.30 -41.22
CA TRP B 613 -14.92 -18.31 -40.35
C TRP B 613 -13.91 -17.58 -39.47
N CYS B 614 -13.08 -16.77 -40.12
CA CYS B 614 -12.00 -16.08 -39.44
C CYS B 614 -12.45 -14.75 -38.85
N PHE B 615 -11.72 -14.27 -37.85
CA PHE B 615 -11.95 -12.99 -37.21
C PHE B 615 -10.70 -12.13 -37.34
N ARG B 616 -10.88 -10.89 -37.78
CA ARG B 616 -9.78 -10.02 -38.17
C ARG B 616 -9.37 -9.13 -37.00
N VAL B 617 -8.06 -9.03 -36.77
CA VAL B 617 -7.49 -8.16 -35.75
C VAL B 617 -6.30 -7.43 -36.35
N ASP B 618 -6.30 -6.10 -36.22
CA ASP B 618 -5.22 -5.28 -36.73
C ASP B 618 -4.22 -4.97 -35.61
N GLU B 619 -2.94 -4.97 -35.95
CA GLU B 619 -1.88 -4.73 -34.99
C GLU B 619 -0.78 -3.92 -35.66
N VAL B 620 -0.02 -3.19 -34.83
CA VAL B 620 1.08 -2.34 -35.30
C VAL B 620 2.32 -2.70 -34.51
N ASN B 621 3.42 -2.95 -35.22
CA ASN B 621 4.71 -3.28 -34.61
C ASN B 621 5.76 -2.37 -35.23
N TRP B 622 6.37 -1.51 -34.42
CA TRP B 622 7.34 -0.54 -34.89
C TRP B 622 8.78 -1.07 -34.87
N THR B 623 8.99 -2.32 -34.51
CA THR B 623 10.30 -2.96 -34.57
C THR B 623 10.15 -4.32 -35.24
N THR B 624 11.28 -4.99 -35.46
CA THR B 624 11.31 -6.26 -36.19
C THR B 624 10.71 -6.08 -37.58
N TRP B 625 11.32 -5.19 -38.36
CA TRP B 625 10.86 -4.91 -39.71
C TRP B 625 11.22 -6.05 -40.65
N TYR C 94 33.18 41.66 -10.64
CA TYR C 94 32.42 40.47 -10.96
C TYR C 94 33.36 39.28 -11.16
N TYR C 95 34.28 39.41 -12.13
CA TYR C 95 35.34 38.45 -12.35
C TYR C 95 36.64 38.86 -11.68
N LYS C 96 36.56 39.72 -10.65
CA LYS C 96 37.73 40.26 -9.98
C LYS C 96 38.61 39.15 -9.42
N GLY C 97 39.92 39.27 -9.65
CA GLY C 97 40.89 38.35 -9.10
C GLY C 97 41.24 37.17 -9.98
N GLN C 98 40.46 36.91 -11.03
CA GLN C 98 40.73 35.76 -11.88
C GLN C 98 42.01 35.99 -12.67
N THR C 99 42.87 34.97 -12.71
CA THR C 99 44.14 35.03 -13.42
C THR C 99 44.23 33.87 -14.41
N ALA C 100 45.31 33.87 -15.18
CA ALA C 100 45.50 32.85 -16.21
C ALA C 100 45.59 31.46 -15.60
N LEU C 101 46.09 31.34 -14.37
CA LEU C 101 46.18 30.04 -13.73
C LEU C 101 44.80 29.46 -13.48
N HIS C 102 43.85 30.29 -13.06
CA HIS C 102 42.48 29.82 -12.88
C HIS C 102 41.89 29.33 -14.19
N ILE C 103 42.14 30.06 -15.28
CA ILE C 103 41.64 29.65 -16.59
C ILE C 103 42.25 28.33 -17.00
N ALA C 104 43.56 28.17 -16.75
CA ALA C 104 44.23 26.93 -17.11
C ALA C 104 43.64 25.76 -16.34
N ILE C 105 43.35 25.94 -15.06
CA ILE C 105 42.75 24.86 -14.28
C ILE C 105 41.34 24.57 -14.78
N GLU C 106 40.57 25.62 -15.10
CA GLU C 106 39.21 25.43 -15.58
C GLU C 106 39.18 24.61 -16.86
N ARG C 107 40.08 24.91 -17.80
CA ARG C 107 40.14 24.17 -19.06
C ARG C 107 40.80 22.80 -18.91
N ARG C 108 41.25 22.43 -17.72
CA ARG C 108 41.84 21.12 -17.47
C ARG C 108 43.07 20.88 -18.33
N ASN C 109 43.90 21.90 -18.46
CA ASN C 109 45.13 21.86 -19.26
C ASN C 109 46.30 21.79 -18.29
N MET C 110 46.80 20.57 -18.07
CA MET C 110 47.93 20.37 -17.17
C MET C 110 49.17 21.09 -17.67
N THR C 111 49.42 21.03 -18.98
CA THR C 111 50.60 21.66 -19.55
C THR C 111 50.59 23.17 -19.35
N LEU C 112 49.43 23.81 -19.57
CA LEU C 112 49.35 25.24 -19.40
C LEU C 112 49.56 25.64 -17.94
N VAL C 113 49.02 24.85 -17.00
CA VAL C 113 49.23 25.13 -15.58
C VAL C 113 50.71 25.01 -15.25
N THR C 114 51.37 23.97 -15.77
CA THR C 114 52.79 23.79 -15.52
C THR C 114 53.59 24.96 -16.05
N LEU C 115 53.29 25.41 -17.27
CA LEU C 115 54.01 26.54 -17.85
C LEU C 115 53.76 27.82 -17.06
N LEU C 116 52.51 28.06 -16.65
CA LEU C 116 52.19 29.28 -15.93
C LEU C 116 52.87 29.32 -14.57
N VAL C 117 52.88 28.20 -13.85
CA VAL C 117 53.60 28.15 -12.59
C VAL C 117 55.09 28.33 -12.82
N GLU C 118 55.62 27.71 -13.89
CA GLU C 118 57.03 27.89 -14.21
C GLU C 118 57.37 29.35 -14.51
N ASN C 119 56.45 30.09 -15.12
CA ASN C 119 56.70 31.46 -15.54
C ASN C 119 56.41 32.49 -14.45
N GLY C 120 56.21 32.05 -13.21
CA GLY C 120 56.03 32.95 -12.10
C GLY C 120 54.59 33.28 -11.74
N ALA C 121 53.63 32.44 -12.15
CA ALA C 121 52.25 32.66 -11.75
C ALA C 121 52.11 32.57 -10.24
N ASP C 122 51.22 33.38 -9.68
CA ASP C 122 50.99 33.42 -8.24
C ASP C 122 49.95 32.36 -7.88
N VAL C 123 50.42 31.26 -7.27
CA VAL C 123 49.52 30.16 -6.92
C VAL C 123 48.59 30.49 -5.78
N GLN C 124 48.76 31.63 -5.11
CA GLN C 124 47.90 32.06 -4.01
C GLN C 124 46.94 33.18 -4.40
N ALA C 125 46.79 33.45 -5.71
CA ALA C 125 45.89 34.50 -6.14
C ALA C 125 44.45 34.19 -5.74
N ALA C 126 43.75 35.22 -5.27
CA ALA C 126 42.39 35.08 -4.77
C ALA C 126 41.41 35.60 -5.81
N ALA C 127 40.60 34.70 -6.36
CA ALA C 127 39.54 35.06 -7.30
C ALA C 127 38.29 35.41 -6.49
N ASN C 128 38.28 36.62 -5.93
CA ASN C 128 37.27 37.04 -4.97
C ASN C 128 36.19 37.90 -5.61
N GLY C 129 35.91 37.71 -6.90
CA GLY C 129 34.82 38.40 -7.54
C GLY C 129 33.48 37.83 -7.14
N ASP C 130 32.42 38.60 -7.42
CA ASP C 130 31.07 38.17 -7.05
C ASP C 130 30.68 36.88 -7.75
N PHE C 131 31.19 36.66 -8.97
CA PHE C 131 30.91 35.42 -9.67
C PHE C 131 31.44 34.20 -8.94
N PHE C 132 32.50 34.35 -8.15
CA PHE C 132 33.16 33.24 -7.48
C PHE C 132 32.72 33.06 -6.03
N LYS C 133 31.70 33.78 -5.58
CA LYS C 133 31.17 33.66 -4.24
C LYS C 133 29.87 32.84 -4.27
N LYS C 134 29.38 32.49 -3.07
CA LYS C 134 28.14 31.73 -2.96
C LYS C 134 27.00 32.44 -3.66
N THR C 135 26.62 33.63 -3.15
CA THR C 135 25.71 34.57 -3.81
C THR C 135 24.48 33.91 -4.40
N LYS C 136 23.62 33.35 -3.55
CA LYS C 136 22.50 32.53 -3.99
C LYS C 136 21.57 33.24 -4.97
N GLY C 137 21.52 34.57 -4.93
CA GLY C 137 20.68 35.33 -5.82
C GLY C 137 21.26 35.64 -7.19
N ARG C 138 22.44 35.14 -7.49
CA ARG C 138 23.11 35.37 -8.77
C ARG C 138 23.76 34.07 -9.22
N PRO C 139 24.02 33.92 -10.52
CA PRO C 139 24.81 32.76 -10.97
C PRO C 139 26.25 32.88 -10.52
N GLY C 140 26.90 31.73 -10.39
CA GLY C 140 28.30 31.70 -9.99
C GLY C 140 28.71 30.30 -9.59
N PHE C 141 29.92 30.21 -9.06
CA PHE C 141 30.47 28.93 -8.62
C PHE C 141 31.52 29.21 -7.55
N TYR C 142 31.25 28.78 -6.32
CA TYR C 142 32.19 28.94 -5.22
C TYR C 142 33.08 27.71 -5.14
N PHE C 143 34.39 27.95 -5.02
CA PHE C 143 35.37 26.88 -4.92
C PHE C 143 36.45 27.14 -3.89
N GLY C 144 36.40 28.24 -3.16
CA GLY C 144 37.46 28.62 -2.23
C GLY C 144 38.37 29.72 -2.74
N GLU C 145 38.15 30.22 -3.96
CA GLU C 145 38.81 31.43 -4.47
C GLU C 145 40.28 31.21 -4.82
N LEU C 146 40.84 30.01 -4.56
CA LEU C 146 42.26 29.76 -4.73
C LEU C 146 42.50 28.70 -5.81
N PRO C 147 43.62 28.75 -6.54
CA PRO C 147 43.90 27.68 -7.53
C PRO C 147 43.92 26.28 -6.94
N LEU C 148 44.46 26.11 -5.73
CA LEU C 148 44.50 24.78 -5.13
C LEU C 148 43.10 24.25 -4.89
N SER C 149 42.23 25.07 -4.30
CA SER C 149 40.87 24.64 -4.05
C SER C 149 40.07 24.54 -5.35
N LEU C 150 40.44 25.30 -6.38
CA LEU C 150 39.81 25.15 -7.68
C LEU C 150 40.13 23.78 -8.27
N ALA C 151 41.39 23.37 -8.19
CA ALA C 151 41.78 22.05 -8.68
C ALA C 151 41.11 20.96 -7.86
N ALA C 152 41.05 21.15 -6.53
CA ALA C 152 40.45 20.13 -5.68
C ALA C 152 38.95 19.99 -5.95
N CYS C 153 38.25 21.10 -6.11
CA CYS C 153 36.81 21.05 -6.31
C CYS C 153 36.42 20.53 -7.68
N THR C 154 37.33 20.55 -8.66
CA THR C 154 37.05 20.12 -10.01
C THR C 154 37.54 18.69 -10.29
N ASN C 155 37.93 17.95 -9.26
CA ASN C 155 38.32 16.55 -9.41
C ASN C 155 39.55 16.40 -10.29
N GLN C 156 40.53 17.27 -10.08
CA GLN C 156 41.81 17.26 -10.79
C GLN C 156 42.91 17.02 -9.76
N LEU C 157 43.18 15.75 -9.47
CA LEU C 157 44.15 15.41 -8.45
C LEU C 157 45.57 15.72 -8.89
N ALA C 158 45.87 15.53 -10.18
CA ALA C 158 47.22 15.77 -10.68
C ALA C 158 47.62 17.23 -10.48
N ILE C 159 46.71 18.16 -10.75
CA ILE C 159 47.02 19.56 -10.58
C ILE C 159 47.21 19.89 -9.10
N VAL C 160 46.42 19.25 -8.23
CA VAL C 160 46.58 19.47 -6.79
C VAL C 160 47.97 19.03 -6.34
N LYS C 161 48.39 17.84 -6.79
CA LYS C 161 49.71 17.35 -6.43
C LYS C 161 50.80 18.27 -6.97
N PHE C 162 50.65 18.74 -8.21
CA PHE C 162 51.64 19.64 -8.78
C PHE C 162 51.72 20.94 -8.00
N LEU C 163 50.56 21.55 -7.71
CA LEU C 163 50.55 22.82 -7.00
C LEU C 163 51.15 22.69 -5.61
N LEU C 164 50.85 21.59 -4.92
CA LEU C 164 51.43 21.39 -3.60
C LEU C 164 52.92 21.03 -3.67
N GLN C 165 53.33 20.34 -4.73
CA GLN C 165 54.66 19.75 -4.83
C GLN C 165 55.34 20.14 -6.14
N ASN C 166 55.34 21.43 -6.46
CA ASN C 166 56.12 21.96 -7.57
C ASN C 166 57.51 22.36 -7.06
N SER C 167 58.35 22.81 -7.99
CA SER C 167 59.69 23.29 -7.66
C SER C 167 59.79 24.81 -7.55
N TRP C 168 58.87 25.55 -8.15
CA TRP C 168 59.00 27.00 -8.26
C TRP C 168 58.30 27.76 -7.14
N GLN C 169 57.07 27.39 -6.80
CA GLN C 169 56.30 28.12 -5.81
C GLN C 169 55.23 27.20 -5.23
N PRO C 170 55.54 26.42 -4.19
CA PRO C 170 54.54 25.48 -3.67
C PRO C 170 53.32 26.20 -3.11
N ALA C 171 52.15 25.60 -3.32
CA ALA C 171 50.91 26.17 -2.82
C ALA C 171 50.84 26.00 -1.31
N ASP C 172 50.22 26.99 -0.66
CA ASP C 172 50.03 26.97 0.79
C ASP C 172 48.79 26.15 1.10
N ILE C 173 48.98 24.93 1.61
CA ILE C 173 47.88 24.03 1.85
C ILE C 173 46.93 24.54 2.92
N SER C 174 47.39 25.44 3.80
CA SER C 174 46.58 25.99 4.88
C SER C 174 46.02 27.37 4.55
N ALA C 175 46.12 27.82 3.29
CA ALA C 175 45.64 29.14 2.94
C ALA C 175 44.13 29.23 3.12
N ARG C 176 43.67 30.43 3.48
CA ARG C 176 42.27 30.71 3.74
C ARG C 176 41.80 31.83 2.82
N ASP C 177 40.56 31.72 2.37
CA ASP C 177 39.97 32.72 1.48
C ASP C 177 39.34 33.83 2.32
N SER C 178 38.57 34.70 1.67
CA SER C 178 37.93 35.81 2.37
C SER C 178 36.92 35.31 3.41
N VAL C 179 36.27 34.18 3.14
CA VAL C 179 35.36 33.58 4.12
C VAL C 179 36.12 32.85 5.23
N GLY C 180 37.44 32.66 5.08
CA GLY C 180 38.20 31.86 6.01
C GLY C 180 38.27 30.39 5.66
N ASN C 181 37.68 29.97 4.56
CA ASN C 181 37.66 28.57 4.19
C ASN C 181 38.98 28.15 3.57
N THR C 182 39.45 26.96 3.98
CA THR C 182 40.60 26.32 3.38
C THR C 182 40.12 25.40 2.27
N VAL C 183 41.03 24.58 1.74
CA VAL C 183 40.65 23.63 0.70
C VAL C 183 39.66 22.62 1.24
N LEU C 184 39.80 22.20 2.49
CA LEU C 184 38.90 21.21 3.06
C LEU C 184 37.50 21.79 3.25
N HIS C 185 37.42 23.04 3.70
CA HIS C 185 36.13 23.71 3.79
C HIS C 185 35.49 23.83 2.41
N ALA C 186 36.29 24.14 1.39
CA ALA C 186 35.75 24.22 0.04
C ALA C 186 35.23 22.88 -0.43
N LEU C 187 35.95 21.79 -0.14
CA LEU C 187 35.48 20.47 -0.52
C LEU C 187 34.17 20.13 0.18
N VAL C 188 34.05 20.51 1.45
CA VAL C 188 32.78 20.30 2.14
C VAL C 188 31.67 21.11 1.48
N GLU C 189 31.98 22.35 1.08
CA GLU C 189 30.96 23.22 0.52
C GLU C 189 30.39 22.66 -0.78
N VAL C 190 31.23 22.11 -1.64
CA VAL C 190 30.76 21.63 -2.94
C VAL C 190 30.02 20.30 -2.86
N ALA C 191 29.97 19.67 -1.69
CA ALA C 191 29.21 18.44 -1.55
C ALA C 191 27.72 18.72 -1.67
N ASP C 192 27.00 17.78 -2.26
CA ASP C 192 25.55 17.84 -2.36
C ASP C 192 24.87 16.50 -2.10
N ASN C 193 25.59 15.54 -1.53
CA ASN C 193 25.05 14.26 -1.11
C ASN C 193 24.60 13.37 -2.28
N THR C 194 25.04 13.67 -3.50
CA THR C 194 24.85 12.76 -4.61
C THR C 194 25.99 11.73 -4.63
N VAL C 195 25.78 10.67 -5.41
CA VAL C 195 26.67 9.52 -5.34
C VAL C 195 28.06 9.87 -5.87
N ASP C 196 28.14 10.34 -7.11
CA ASP C 196 29.43 10.60 -7.72
C ASP C 196 30.13 11.78 -7.07
N ASN C 197 29.36 12.82 -6.73
CA ASN C 197 29.95 13.95 -6.03
C ASN C 197 30.53 13.52 -4.70
N THR C 198 29.79 12.68 -3.96
CA THR C 198 30.29 12.21 -2.68
C THR C 198 31.55 11.37 -2.85
N LYS C 199 31.57 10.51 -3.87
CA LYS C 199 32.73 9.66 -4.10
C LYS C 199 33.98 10.49 -4.36
N PHE C 200 33.90 11.43 -5.32
CA PHE C 200 35.10 12.17 -5.67
C PHE C 200 35.49 13.14 -4.57
N VAL C 201 34.52 13.73 -3.87
CA VAL C 201 34.86 14.62 -2.76
C VAL C 201 35.56 13.84 -1.66
N THR C 202 35.08 12.63 -1.36
CA THR C 202 35.73 11.79 -0.37
C THR C 202 37.16 11.48 -0.77
N SER C 203 37.36 11.06 -2.03
CA SER C 203 38.70 10.72 -2.47
C SER C 203 39.64 11.92 -2.40
N MET C 204 39.17 13.08 -2.86
CA MET C 204 40.01 14.27 -2.83
C MET C 204 40.34 14.67 -1.41
N TYR C 205 39.35 14.56 -0.50
CA TYR C 205 39.59 14.89 0.90
C TYR C 205 40.68 14.00 1.48
N ASN C 206 40.58 12.69 1.23
CA ASN C 206 41.56 11.76 1.75
C ASN C 206 42.96 12.05 1.20
N GLU C 207 43.04 12.30 -0.11
CA GLU C 207 44.34 12.56 -0.72
C GLU C 207 44.95 13.84 -0.18
N ILE C 208 44.15 14.89 0.00
CA ILE C 208 44.68 16.14 0.51
C ILE C 208 45.16 15.96 1.94
N LEU C 209 44.42 15.20 2.76
CA LEU C 209 44.89 14.95 4.12
C LEU C 209 46.23 14.22 4.12
N ILE C 210 46.38 13.22 3.26
CA ILE C 210 47.62 12.47 3.21
C ILE C 210 48.77 13.38 2.80
N LEU C 211 48.54 14.19 1.77
CA LEU C 211 49.59 15.10 1.30
C LEU C 211 49.95 16.12 2.38
N GLY C 212 48.96 16.65 3.08
CA GLY C 212 49.24 17.59 4.15
C GLY C 212 50.05 16.97 5.28
N ALA C 213 49.73 15.73 5.63
CA ALA C 213 50.51 15.04 6.64
C ALA C 213 51.94 14.82 6.19
N LYS C 214 52.14 14.47 4.92
CA LYS C 214 53.49 14.22 4.43
C LYS C 214 54.31 15.51 4.36
N LEU C 215 53.73 16.57 3.83
CA LEU C 215 54.47 17.82 3.67
C LEU C 215 54.62 18.57 4.99
N HIS C 216 53.59 18.52 5.83
CA HIS C 216 53.55 19.28 7.09
C HIS C 216 53.03 18.36 8.20
N PRO C 217 53.89 17.46 8.71
CA PRO C 217 53.43 16.54 9.76
C PRO C 217 52.92 17.22 11.01
N THR C 218 53.39 18.44 11.30
CA THR C 218 52.97 19.17 12.49
C THR C 218 51.75 20.04 12.25
N LEU C 219 51.17 20.02 11.06
CA LEU C 219 50.00 20.82 10.72
C LEU C 219 48.75 19.98 10.85
N LYS C 220 47.76 20.49 11.60
CA LYS C 220 46.47 19.85 11.78
C LYS C 220 45.45 20.65 10.96
N LEU C 221 45.22 20.19 9.72
CA LEU C 221 44.35 20.93 8.81
C LEU C 221 42.92 21.00 9.33
N GLU C 222 42.41 19.90 9.88
CA GLU C 222 41.00 19.83 10.26
C GLU C 222 40.68 20.64 11.50
N GLU C 223 41.67 21.16 12.21
CA GLU C 223 41.44 22.03 13.35
C GLU C 223 41.35 23.51 12.96
N ILE C 224 41.56 23.84 11.69
CA ILE C 224 41.48 25.22 11.23
C ILE C 224 40.03 25.61 11.08
N THR C 225 39.65 26.75 11.65
CA THR C 225 38.30 27.26 11.60
C THR C 225 38.19 28.41 10.62
N ASN C 226 37.04 28.49 9.95
CA ASN C 226 36.77 29.57 9.02
C ASN C 226 36.27 30.79 9.80
N ARG C 227 35.80 31.81 9.09
CA ARG C 227 35.38 33.05 9.75
C ARG C 227 34.18 32.82 10.67
N LYS C 228 33.36 31.81 10.39
CA LYS C 228 32.24 31.45 11.25
C LYS C 228 32.64 30.57 12.41
N GLY C 229 33.92 30.21 12.53
CA GLY C 229 34.38 29.38 13.62
C GLY C 229 34.17 27.90 13.42
N LEU C 230 33.84 27.46 12.21
CA LEU C 230 33.53 26.06 11.93
C LEU C 230 34.73 25.33 11.34
N THR C 231 35.00 24.15 11.86
CA THR C 231 35.94 23.24 11.26
C THR C 231 35.28 22.52 10.10
N PRO C 232 36.05 21.86 9.23
CA PRO C 232 35.42 21.11 8.13
C PRO C 232 34.43 20.06 8.58
N LEU C 233 34.70 19.39 9.70
CA LEU C 233 33.72 18.46 10.25
C LEU C 233 32.48 19.21 10.73
N ALA C 234 32.68 20.30 11.47
CA ALA C 234 31.54 21.09 11.94
C ALA C 234 30.79 21.70 10.77
N LEU C 235 31.50 22.13 9.72
CA LEU C 235 30.83 22.68 8.55
C LEU C 235 30.00 21.61 7.85
N ALA C 236 30.54 20.40 7.73
CA ALA C 236 29.78 19.31 7.11
C ALA C 236 28.53 18.99 7.93
N ALA C 237 28.65 18.96 9.26
CA ALA C 237 27.49 18.71 10.10
C ALA C 237 26.47 19.83 9.98
N SER C 238 26.92 21.08 9.94
CA SER C 238 26.00 22.21 9.88
C SER C 238 25.26 22.26 8.55
N SER C 239 25.96 22.04 7.44
CA SER C 239 25.34 22.15 6.12
C SER C 239 24.55 20.92 5.73
N GLY C 240 24.62 19.83 6.51
CA GLY C 240 23.86 18.65 6.18
C GLY C 240 24.50 17.77 5.11
N LYS C 241 25.81 17.87 4.93
CA LYS C 241 26.52 17.06 3.95
C LYS C 241 26.76 15.68 4.58
N ILE C 242 25.72 14.86 4.53
CA ILE C 242 25.75 13.57 5.23
C ILE C 242 26.81 12.65 4.66
N GLY C 243 27.07 12.72 3.35
CA GLY C 243 28.09 11.85 2.78
C GLY C 243 29.48 12.14 3.33
N VAL C 244 29.85 13.42 3.35
CA VAL C 244 31.17 13.79 3.84
C VAL C 244 31.28 13.53 5.34
N LEU C 245 30.22 13.84 6.08
CA LEU C 245 30.21 13.58 7.52
C LEU C 245 30.38 12.09 7.80
N ALA C 246 29.64 11.26 7.06
CA ALA C 246 29.75 9.82 7.24
C ALA C 246 31.15 9.33 6.91
N TYR C 247 31.76 9.86 5.85
CA TYR C 247 33.14 9.47 5.53
C TYR C 247 34.08 9.86 6.65
N ILE C 248 33.98 11.09 7.16
CA ILE C 248 34.95 11.58 8.12
C ILE C 248 34.83 10.82 9.44
N LEU C 249 33.59 10.62 9.92
CA LEU C 249 33.39 10.10 11.27
C LEU C 249 34.00 8.72 11.46
N GLN C 250 33.97 7.88 10.42
CA GLN C 250 34.51 6.53 10.47
C GLN C 250 35.64 6.37 9.45
N ARG C 251 36.46 7.40 9.33
CA ARG C 251 37.61 7.36 8.43
C ARG C 251 38.72 6.52 9.03
N GLU C 252 39.24 5.60 8.23
CA GLU C 252 40.38 4.76 8.61
C GLU C 252 41.33 4.67 7.43
N ILE C 253 42.59 5.03 7.67
CA ILE C 253 43.61 5.11 6.61
C ILE C 253 44.66 4.04 6.90
N HIS C 254 44.79 3.09 5.98
CA HIS C 254 45.65 1.92 6.17
C HIS C 254 46.97 2.13 5.42
N GLU C 255 47.87 2.88 6.05
CA GLU C 255 49.26 2.92 5.57
C GLU C 255 50.13 3.49 6.67
N PRO C 256 51.44 3.22 6.65
CA PRO C 256 52.32 3.83 7.64
C PRO C 256 52.38 5.34 7.47
N GLU C 257 52.64 6.03 8.58
CA GLU C 257 52.79 7.48 8.64
C GLU C 257 51.49 8.23 8.34
N CYS C 258 50.35 7.53 8.31
CA CYS C 258 49.05 8.16 8.19
C CYS C 258 48.03 7.61 9.18
N ARG C 259 48.47 6.77 10.12
CA ARG C 259 47.53 6.23 11.11
C ARG C 259 46.96 7.33 11.99
N HIS C 260 47.77 8.33 12.33
CA HIS C 260 47.31 9.41 13.19
C HIS C 260 46.17 10.20 12.56
N LEU C 261 46.05 10.20 11.24
CA LEU C 261 44.94 10.87 10.56
C LEU C 261 43.63 10.12 10.69
N SER C 262 43.66 8.83 11.01
CA SER C 262 42.43 8.06 11.09
C SER C 262 41.62 8.43 12.32
N ARG C 263 40.30 8.35 12.18
CA ARG C 263 39.38 8.52 13.29
C ARG C 263 38.72 7.21 13.72
N LYS C 264 38.67 6.21 12.85
CA LYS C 264 38.27 4.86 13.20
C LYS C 264 39.51 3.99 13.27
N PHE C 265 39.73 3.36 14.43
CA PHE C 265 40.90 2.54 14.68
C PHE C 265 40.46 1.15 15.10
N THR C 266 41.19 0.14 14.65
CA THR C 266 40.91 -1.26 14.98
C THR C 266 41.71 -1.63 16.21
N GLU C 267 41.03 -1.93 17.31
CA GLU C 267 41.73 -2.25 18.55
C GLU C 267 42.29 -3.66 18.52
N TRP C 268 41.44 -4.63 18.17
CA TRP C 268 41.88 -6.02 18.06
C TRP C 268 40.89 -6.77 17.19
N ALA C 269 41.32 -7.94 16.72
CA ALA C 269 40.46 -8.83 15.94
C ALA C 269 40.92 -10.25 16.18
N TYR C 270 40.03 -11.09 16.72
CA TYR C 270 40.40 -12.45 17.07
C TYR C 270 40.09 -13.41 15.93
N GLY C 271 38.81 -13.56 15.61
CA GLY C 271 38.37 -14.36 14.49
C GLY C 271 37.53 -13.54 13.53
N PRO C 272 36.24 -13.86 13.38
CA PRO C 272 35.36 -12.93 12.65
C PRO C 272 34.98 -11.70 13.44
N VAL C 273 35.29 -11.64 14.73
CA VAL C 273 34.88 -10.56 15.61
C VAL C 273 36.05 -9.62 15.81
N HIS C 274 35.80 -8.32 15.71
CA HIS C 274 36.82 -7.32 15.95
C HIS C 274 36.19 -6.14 16.70
N SER C 275 37.07 -5.36 17.34
CA SER C 275 36.70 -4.20 18.12
C SER C 275 37.27 -2.96 17.45
N SER C 276 36.39 -2.02 17.11
CA SER C 276 36.77 -0.75 16.52
C SER C 276 36.66 0.36 17.55
N LEU C 277 37.46 1.40 17.34
CA LEU C 277 37.48 2.58 18.20
C LEU C 277 37.20 3.80 17.36
N TYR C 278 36.19 4.57 17.77
CA TYR C 278 35.84 5.82 17.11
C TYR C 278 36.34 6.99 17.94
N ASP C 279 36.76 8.06 17.26
CA ASP C 279 37.59 9.07 17.91
C ASP C 279 36.83 9.84 18.98
N LEU C 280 35.64 10.34 18.64
CA LEU C 280 34.79 11.21 19.45
C LEU C 280 35.34 12.63 19.62
N SER C 281 36.51 12.95 19.07
CA SER C 281 37.02 14.31 19.20
C SER C 281 36.13 15.25 18.40
N CYS C 282 35.69 16.34 19.05
CA CYS C 282 34.78 17.32 18.47
C CYS C 282 33.41 16.74 18.14
N ILE C 283 33.08 15.57 18.69
CA ILE C 283 31.74 14.98 18.56
C ILE C 283 31.01 15.00 19.90
N ASP C 284 31.62 14.43 20.94
CA ASP C 284 30.99 14.43 22.25
C ASP C 284 31.00 15.83 22.86
N THR C 285 32.12 16.55 22.73
CA THR C 285 32.22 17.87 23.30
C THR C 285 33.45 18.56 22.74
N CYS C 286 33.39 19.88 22.68
CA CYS C 286 34.53 20.71 22.31
C CYS C 286 34.18 22.14 22.68
N GLU C 287 35.09 23.07 22.35
CA GLU C 287 34.92 24.44 22.82
C GLU C 287 33.73 25.13 22.17
N LYS C 288 33.58 25.02 20.85
CA LYS C 288 32.62 25.83 20.11
C LYS C 288 31.50 25.02 19.48
N ASN C 289 31.79 24.06 18.61
CA ASN C 289 30.77 23.41 17.78
C ASN C 289 31.05 21.92 17.72
N SER C 290 30.46 21.17 18.66
CA SER C 290 30.47 19.73 18.55
C SER C 290 29.48 19.28 17.48
N VAL C 291 29.72 18.09 16.94
CA VAL C 291 28.84 17.55 15.89
C VAL C 291 27.43 17.36 16.43
N LEU C 292 27.30 16.83 17.65
CA LEU C 292 25.98 16.62 18.22
C LEU C 292 25.24 17.93 18.43
N GLU C 293 25.93 18.95 18.95
CA GLU C 293 25.29 20.25 19.15
C GLU C 293 24.89 20.85 17.82
N VAL C 294 25.76 20.74 16.80
CA VAL C 294 25.47 21.34 15.50
C VAL C 294 24.26 20.68 14.87
N ILE C 295 24.20 19.34 14.93
CA ILE C 295 23.07 18.65 14.31
C ILE C 295 21.79 18.91 15.08
N ALA C 296 21.84 18.76 16.40
CA ALA C 296 20.61 18.85 17.19
C ALA C 296 20.02 20.25 17.16
N TYR C 297 20.85 21.27 17.28
CA TYR C 297 20.40 22.66 17.31
C TYR C 297 20.44 23.31 15.94
N SER C 298 20.22 22.52 14.88
CA SER C 298 20.12 23.08 13.55
C SER C 298 18.87 23.95 13.45
N SER C 299 18.81 24.73 12.38
CA SER C 299 17.72 25.67 12.16
C SER C 299 16.53 25.03 11.44
N SER C 300 16.54 23.72 11.24
CA SER C 300 15.56 22.93 10.49
C SER C 300 15.73 23.09 8.98
N GLU C 301 16.62 23.97 8.51
CA GLU C 301 16.92 24.10 7.09
C GLU C 301 18.03 23.15 6.65
N THR C 302 18.71 22.49 7.58
CA THR C 302 19.69 21.48 7.22
C THR C 302 18.98 20.34 6.53
N PRO C 303 19.35 19.98 5.29
CA PRO C 303 18.54 18.97 4.57
C PRO C 303 18.47 17.60 5.24
N ASN C 304 19.53 17.15 5.92
CA ASN C 304 19.64 15.78 6.41
C ASN C 304 19.76 15.71 7.92
N ARG C 305 19.18 16.66 8.66
CA ARG C 305 19.30 16.63 10.11
C ARG C 305 18.70 15.37 10.72
N HIS C 306 17.68 14.80 10.08
CA HIS C 306 17.11 13.55 10.58
C HIS C 306 18.04 12.37 10.34
N ASP C 307 18.75 12.37 9.21
CA ASP C 307 19.50 11.21 8.77
C ASP C 307 20.94 11.19 9.27
N MET C 308 21.51 12.36 9.58
CA MET C 308 22.91 12.41 9.99
C MET C 308 23.15 11.64 11.28
N LEU C 309 22.15 11.58 12.17
CA LEU C 309 22.32 10.85 13.42
C LEU C 309 22.34 9.34 13.24
N LEU C 310 22.00 8.84 12.05
CA LEU C 310 22.05 7.41 11.80
C LEU C 310 23.46 6.89 11.53
N VAL C 311 24.45 7.79 11.40
CA VAL C 311 25.84 7.36 11.24
C VAL C 311 26.29 6.70 12.53
N GLU C 312 26.89 5.51 12.40
CA GLU C 312 27.13 4.53 13.47
C GLU C 312 27.62 5.12 14.78
N PRO C 313 28.75 5.84 14.82
CA PRO C 313 29.22 6.35 16.12
C PRO C 313 28.23 7.27 16.79
N LEU C 314 27.49 8.08 16.03
CA LEU C 314 26.54 9.00 16.65
C LEU C 314 25.37 8.27 17.27
N ASN C 315 24.80 7.30 16.54
CA ASN C 315 23.67 6.55 17.07
C ASN C 315 24.08 5.75 18.31
N ARG C 316 25.24 5.08 18.23
CA ARG C 316 25.71 4.32 19.38
C ARG C 316 26.00 5.23 20.56
N LEU C 317 26.61 6.39 20.31
CA LEU C 317 26.94 7.31 21.39
C LEU C 317 25.68 7.84 22.06
N LEU C 318 24.66 8.17 21.27
CA LEU C 318 23.43 8.68 21.85
C LEU C 318 22.72 7.62 22.67
N GLN C 319 22.69 6.37 22.18
CA GLN C 319 22.08 5.30 22.96
C GLN C 319 22.83 5.07 24.25
N ASP C 320 24.17 5.12 24.20
CA ASP C 320 24.97 4.95 25.40
C ASP C 320 24.72 6.08 26.40
N LYS C 321 24.68 7.31 25.91
CA LYS C 321 24.42 8.45 26.79
C LYS C 321 23.06 8.30 27.46
N TRP C 322 22.04 7.92 26.68
CA TRP C 322 20.72 7.67 27.22
C TRP C 322 20.80 6.66 28.36
N ASP C 323 21.19 5.42 28.05
CA ASP C 323 21.14 4.33 29.01
C ASP C 323 22.01 4.59 30.23
N ARG C 324 23.13 5.27 30.07
CA ARG C 324 24.04 5.46 31.19
C ARG C 324 23.65 6.61 32.09
N PHE C 325 23.24 7.75 31.52
CA PHE C 325 23.10 8.99 32.27
C PHE C 325 21.70 9.57 32.24
N VAL C 326 21.03 9.56 31.08
CA VAL C 326 19.90 10.47 30.88
C VAL C 326 18.57 9.79 31.17
N LYS C 327 18.51 8.47 31.04
CA LYS C 327 17.25 7.75 31.23
C LYS C 327 16.64 8.03 32.60
N ARG C 328 17.45 7.92 33.66
CA ARG C 328 16.94 8.10 35.00
C ARG C 328 16.51 9.55 35.24
N ILE C 329 17.30 10.51 34.76
CA ILE C 329 16.96 11.91 34.97
C ILE C 329 15.69 12.25 34.22
N PHE C 330 15.53 11.73 33.01
CA PHE C 330 14.32 11.97 32.23
C PHE C 330 13.09 11.40 32.94
N TYR C 331 13.20 10.18 33.46
CA TYR C 331 12.07 9.61 34.17
C TYR C 331 11.77 10.38 35.45
N PHE C 332 12.80 10.89 36.13
CA PHE C 332 12.57 11.72 37.31
C PHE C 332 11.82 12.99 36.93
N ASN C 333 12.22 13.63 35.83
CA ASN C 333 11.51 14.81 35.37
C ASN C 333 10.07 14.49 35.03
N PHE C 334 9.83 13.34 34.39
CA PHE C 334 8.48 12.93 34.07
C PHE C 334 7.65 12.75 35.33
N PHE C 335 8.23 12.11 36.35
CA PHE C 335 7.53 11.93 37.62
C PHE C 335 7.21 13.27 38.28
N VAL C 336 8.16 14.20 38.27
CA VAL C 336 7.93 15.50 38.88
C VAL C 336 6.83 16.24 38.14
N TYR C 337 6.83 16.16 36.81
CA TYR C 337 5.77 16.82 36.05
C TYR C 337 4.42 16.16 36.31
N CYS C 338 4.40 14.84 36.49
CA CYS C 338 3.16 14.17 36.89
C CYS C 338 2.64 14.72 38.21
N LEU C 339 3.52 14.87 39.20
CA LEU C 339 3.10 15.42 40.48
C LEU C 339 2.61 16.85 40.32
N TYR C 340 3.30 17.65 39.51
CA TYR C 340 2.90 19.02 39.28
C TYR C 340 1.51 19.09 38.68
N MET C 341 1.25 18.28 37.65
CA MET C 341 -0.07 18.31 37.02
C MET C 341 -1.14 17.78 37.93
N ILE C 342 -0.84 16.79 38.77
CA ILE C 342 -1.83 16.30 39.72
C ILE C 342 -2.18 17.39 40.71
N ILE C 343 -1.17 18.09 41.22
CA ILE C 343 -1.42 19.17 42.19
C ILE C 343 -2.22 20.28 41.53
N PHE C 344 -1.88 20.64 40.30
CA PHE C 344 -2.60 21.68 39.59
C PHE C 344 -4.06 21.28 39.37
N THR C 345 -4.29 20.03 38.96
CA THR C 345 -5.65 19.55 38.75
C THR C 345 -6.44 19.59 40.04
N ALA C 346 -5.84 19.15 41.15
CA ALA C 346 -6.54 19.17 42.43
C ALA C 346 -6.86 20.59 42.87
N ALA C 347 -5.90 21.51 42.72
CA ALA C 347 -6.13 22.89 43.15
C ALA C 347 -7.22 23.55 42.30
N ALA C 348 -7.20 23.30 40.99
CA ALA C 348 -8.21 23.90 40.11
C ALA C 348 -9.58 23.30 40.36
N TYR C 349 -9.64 21.99 40.62
CA TYR C 349 -10.92 21.31 40.79
C TYR C 349 -11.70 21.87 41.97
N TYR C 350 -11.01 22.14 43.08
CA TYR C 350 -11.64 22.61 44.30
C TYR C 350 -11.61 24.12 44.44
N ARG C 351 -11.64 24.86 43.34
CA ARG C 351 -11.68 26.31 43.44
C ARG C 351 -13.00 26.73 44.08
N PRO C 352 -13.03 27.82 44.85
CA PRO C 352 -14.30 28.29 45.39
C PRO C 352 -15.18 28.89 44.30
N VAL C 353 -16.49 28.87 44.57
CA VAL C 353 -17.49 29.28 43.59
C VAL C 353 -18.06 30.65 43.87
N GLU C 354 -17.76 31.26 45.01
CA GLU C 354 -18.22 32.62 45.26
C GLU C 354 -17.56 33.56 44.27
N GLY C 355 -18.19 34.70 44.03
CA GLY C 355 -17.70 35.64 43.04
C GLY C 355 -16.59 36.52 43.58
N LEU C 356 -16.04 37.32 42.67
CA LEU C 356 -15.10 38.38 43.02
C LEU C 356 -13.84 37.85 43.71
N PRO C 357 -12.92 37.22 42.98
CA PRO C 357 -11.62 36.90 43.55
C PRO C 357 -10.85 38.18 43.88
N PRO C 358 -9.74 38.08 44.62
CA PRO C 358 -9.17 36.90 45.28
C PRO C 358 -9.99 36.51 46.50
N TYR C 359 -9.86 35.26 46.92
CA TYR C 359 -10.72 34.69 47.96
C TYR C 359 -9.99 34.65 49.28
N LYS C 360 -10.73 34.93 50.35
CA LYS C 360 -10.15 34.91 51.69
C LYS C 360 -9.77 33.48 52.07
N LEU C 361 -8.60 33.34 52.69
CA LEU C 361 -8.15 32.05 53.17
C LEU C 361 -8.82 31.75 54.50
N LYS C 362 -9.58 30.67 54.56
CA LYS C 362 -10.24 30.25 55.79
C LYS C 362 -9.30 29.38 56.61
N ASN C 363 -9.46 29.45 57.93
CA ASN C 363 -8.60 28.71 58.85
C ASN C 363 -9.10 27.27 58.95
N THR C 364 -8.89 26.53 57.86
CA THR C 364 -9.30 25.14 57.78
C THR C 364 -8.32 24.39 56.89
N VAL C 365 -8.22 23.08 57.14
CA VAL C 365 -7.16 22.27 56.53
C VAL C 365 -7.30 22.22 55.01
N GLY C 366 -8.54 22.02 54.53
CA GLY C 366 -8.74 21.91 53.09
C GLY C 366 -8.32 23.14 52.34
N ASP C 367 -8.57 24.32 52.91
CA ASP C 367 -8.17 25.55 52.24
C ASP C 367 -6.67 25.78 52.33
N TYR C 368 -6.01 25.33 53.39
CA TYR C 368 -4.56 25.40 53.42
C TYR C 368 -3.95 24.53 52.32
N PHE C 369 -4.48 23.33 52.14
CA PHE C 369 -4.00 22.50 51.04
C PHE C 369 -4.29 23.15 49.69
N ARG C 370 -5.47 23.75 49.55
CA ARG C 370 -5.84 24.37 48.29
C ARG C 370 -4.90 25.52 47.94
N VAL C 371 -4.64 26.41 48.90
CA VAL C 371 -3.78 27.54 48.60
C VAL C 371 -2.34 27.08 48.38
N THR C 372 -1.91 26.04 49.09
CA THR C 372 -0.57 25.49 48.83
C THR C 372 -0.48 24.97 47.40
N GLY C 373 -1.50 24.24 46.95
CA GLY C 373 -1.50 23.74 45.58
C GLY C 373 -1.52 24.86 44.56
N GLU C 374 -2.28 25.91 44.83
CA GLU C 374 -2.30 27.05 43.91
C GLU C 374 -0.94 27.72 43.84
N ILE C 375 -0.26 27.88 44.97
CA ILE C 375 1.06 28.49 44.98
C ILE C 375 2.03 27.62 44.18
N LEU C 376 1.97 26.31 44.38
CA LEU C 376 2.85 25.42 43.62
C LEU C 376 2.55 25.50 42.12
N SER C 377 1.27 25.60 41.76
CA SER C 377 0.91 25.70 40.35
C SER C 377 1.47 26.97 39.73
N VAL C 378 1.35 28.09 40.43
CA VAL C 378 1.87 29.34 39.91
C VAL C 378 3.40 29.28 39.83
N SER C 379 4.04 28.65 40.82
CA SER C 379 5.49 28.52 40.79
C SER C 379 5.94 27.72 39.57
N GLY C 380 5.26 26.62 39.28
CA GLY C 380 5.60 25.84 38.09
C GLY C 380 5.37 26.63 36.81
N GLY C 381 4.29 27.39 36.75
CA GLY C 381 4.06 28.24 35.60
C GLY C 381 5.17 29.25 35.39
N VAL C 382 5.63 29.87 36.48
CA VAL C 382 6.74 30.81 36.38
C VAL C 382 8.00 30.11 35.90
N TYR C 383 8.24 28.91 36.43
CA TYR C 383 9.41 28.14 36.01
C TYR C 383 9.40 27.87 34.52
N PHE C 384 8.27 27.41 33.99
CA PHE C 384 8.19 27.13 32.57
C PHE C 384 8.27 28.40 31.74
N PHE C 385 7.74 29.51 32.26
CA PHE C 385 7.86 30.79 31.59
C PHE C 385 9.33 31.18 31.40
N PHE C 386 10.10 31.15 32.48
CA PHE C 386 11.50 31.52 32.37
C PHE C 386 12.29 30.51 31.54
N ARG C 387 11.93 29.23 31.62
CA ARG C 387 12.61 28.24 30.78
C ARG C 387 12.36 28.51 29.31
N GLY C 388 11.12 28.86 28.95
CA GLY C 388 10.84 29.18 27.56
C GLY C 388 11.58 30.41 27.09
N ILE C 389 11.66 31.45 27.94
CA ILE C 389 12.40 32.64 27.56
C ILE C 389 13.87 32.30 27.36
N GLN C 390 14.45 31.51 28.26
CA GLN C 390 15.86 31.13 28.12
C GLN C 390 16.08 30.36 26.83
N TYR C 391 15.18 29.44 26.50
CA TYR C 391 15.30 28.69 25.25
C TYR C 391 15.28 29.62 24.05
N PHE C 392 14.30 30.53 24.00
CA PHE C 392 14.17 31.40 22.84
C PHE C 392 15.36 32.34 22.72
N LEU C 393 15.89 32.81 23.85
CA LEU C 393 17.07 33.66 23.79
C LEU C 393 18.29 32.90 23.31
N GLN C 394 18.45 31.65 23.77
CA GLN C 394 19.63 30.89 23.37
C GLN C 394 19.58 30.51 21.90
N ARG C 395 18.40 30.08 21.42
CA ARG C 395 18.29 29.56 20.06
C ARG C 395 18.00 30.65 19.03
N ARG C 396 17.17 31.63 19.38
CA ARG C 396 16.72 32.66 18.45
C ARG C 396 16.08 32.05 17.21
N PRO C 397 14.92 31.42 17.32
CA PRO C 397 14.27 30.88 16.11
C PRO C 397 13.89 31.99 15.15
N SER C 398 13.80 31.62 13.87
CA SER C 398 13.64 32.57 12.78
C SER C 398 12.19 32.74 12.34
N LEU C 399 11.22 32.40 13.20
CA LEU C 399 9.80 32.59 12.94
C LEU C 399 9.24 31.71 11.82
N LYS C 400 10.06 30.84 11.24
CA LYS C 400 9.63 29.77 10.35
C LYS C 400 10.08 28.42 10.89
N SER C 401 11.33 28.34 11.34
CA SER C 401 11.77 27.24 12.20
C SER C 401 11.10 27.27 13.55
N LEU C 402 10.43 28.38 13.90
CA LEU C 402 9.83 28.52 15.22
C LEU C 402 8.81 27.42 15.51
N PHE C 403 8.01 27.05 14.52
CA PHE C 403 6.93 26.08 14.70
C PHE C 403 7.28 24.68 14.20
N VAL C 404 7.90 24.56 13.02
CA VAL C 404 8.23 23.24 12.52
C VAL C 404 9.27 22.55 13.41
N ASP C 405 10.09 23.32 14.11
CA ASP C 405 10.90 22.85 15.21
C ASP C 405 10.47 23.61 16.46
N SER C 406 11.05 23.26 17.61
CA SER C 406 10.76 23.96 18.88
C SER C 406 9.28 23.92 19.23
N TYR C 407 8.57 22.88 18.79
CA TYR C 407 7.12 22.81 18.98
C TYR C 407 6.77 22.65 20.46
N SER C 408 7.40 21.69 21.13
CA SER C 408 7.09 21.43 22.53
C SER C 408 7.46 22.61 23.41
N GLU C 409 8.54 23.31 23.08
CA GLU C 409 8.91 24.49 23.85
C GLU C 409 7.83 25.56 23.74
N ILE C 410 7.26 25.73 22.55
CA ILE C 410 6.18 26.69 22.39
C ILE C 410 4.97 26.26 23.21
N LEU C 411 4.63 24.97 23.19
CA LEU C 411 3.45 24.54 23.95
C LEU C 411 3.64 24.77 25.44
N PHE C 412 4.82 24.44 25.97
CA PHE C 412 5.06 24.70 27.39
C PHE C 412 5.04 26.19 27.70
N PHE C 413 5.62 27.01 26.82
CA PHE C 413 5.61 28.45 27.04
C PHE C 413 4.20 29.01 27.02
N VAL C 414 3.36 28.54 26.10
CA VAL C 414 1.99 29.03 26.01
C VAL C 414 1.20 28.60 27.23
N GLN C 415 1.43 27.38 27.73
CA GLN C 415 0.85 26.96 28.99
C GLN C 415 1.21 27.93 30.11
N SER C 416 2.49 28.28 30.21
CA SER C 416 2.90 29.20 31.25
C SER C 416 2.29 30.58 31.06
N LEU C 417 2.13 31.01 29.81
CA LEU C 417 1.49 32.29 29.56
C LEU C 417 0.04 32.29 30.04
N PHE C 418 -0.68 31.20 29.77
CA PHE C 418 -2.05 31.11 30.27
C PHE C 418 -2.08 31.13 31.80
N MET C 419 -1.13 30.44 32.43
CA MET C 419 -1.06 30.46 33.90
C MET C 419 -0.84 31.87 34.42
N LEU C 420 0.08 32.61 33.82
CA LEU C 420 0.40 33.95 34.32
C LEU C 420 -0.76 34.91 34.07
N VAL C 421 -1.41 34.80 32.91
CA VAL C 421 -2.60 35.61 32.66
C VAL C 421 -3.68 35.29 33.67
N SER C 422 -3.81 34.01 34.04
CA SER C 422 -4.77 33.63 35.06
C SER C 422 -4.44 34.28 36.39
N VAL C 423 -3.16 34.32 36.76
CA VAL C 423 -2.79 34.97 38.02
C VAL C 423 -3.14 36.45 37.98
N VAL C 424 -2.82 37.11 36.87
CA VAL C 424 -3.08 38.55 36.76
C VAL C 424 -4.57 38.83 36.86
N LEU C 425 -5.39 38.04 36.15
CA LEU C 425 -6.84 38.21 36.25
C LEU C 425 -7.35 37.88 37.64
N TYR C 426 -6.75 36.90 38.29
CA TYR C 426 -7.17 36.51 39.63
C TYR C 426 -7.01 37.68 40.60
N PHE C 427 -5.83 38.29 40.62
CA PHE C 427 -5.63 39.42 41.52
C PHE C 427 -6.23 40.72 41.00
N SER C 428 -6.68 40.76 39.74
CA SER C 428 -7.40 41.92 39.22
C SER C 428 -8.89 41.89 39.51
N GLN C 429 -9.37 40.94 40.30
CA GLN C 429 -10.79 40.83 40.65
C GLN C 429 -11.65 40.60 39.42
N ARG C 430 -11.22 39.69 38.55
CA ARG C 430 -11.99 39.28 37.38
C ARG C 430 -12.15 37.77 37.41
N LYS C 431 -13.39 37.31 37.37
CA LYS C 431 -13.67 35.88 37.33
C LYS C 431 -13.14 35.23 36.05
N GLU C 432 -12.89 36.02 35.01
CA GLU C 432 -12.34 35.53 33.75
C GLU C 432 -11.02 34.79 33.93
N TYR C 433 -10.36 34.89 35.08
CA TYR C 433 -9.16 34.10 35.32
C TYR C 433 -9.44 32.61 35.12
N VAL C 434 -10.65 32.16 35.45
CA VAL C 434 -10.98 30.76 35.26
C VAL C 434 -10.84 30.39 33.80
N ALA C 435 -11.31 31.26 32.90
CA ALA C 435 -11.19 31.01 31.47
C ALA C 435 -9.74 30.77 31.07
N SER C 436 -8.81 31.51 31.66
CA SER C 436 -7.42 31.24 31.35
C SER C 436 -6.96 29.93 31.97
N MET C 437 -7.32 29.72 33.24
CA MET C 437 -6.75 28.62 34.01
C MET C 437 -7.05 27.28 33.36
N VAL C 438 -8.31 27.09 32.97
CA VAL C 438 -8.72 25.82 32.40
C VAL C 438 -7.93 25.54 31.12
N PHE C 439 -7.68 26.57 30.30
CA PHE C 439 -6.89 26.32 29.10
C PHE C 439 -5.51 25.81 29.46
N SER C 440 -4.87 26.46 30.44
CA SER C 440 -3.57 25.98 30.89
C SER C 440 -3.67 24.55 31.38
N LEU C 441 -4.74 24.27 32.14
CA LEU C 441 -4.91 22.92 32.67
C LEU C 441 -5.00 21.92 31.53
N ALA C 442 -5.80 22.23 30.50
CA ALA C 442 -5.90 21.34 29.37
C ALA C 442 -4.55 21.16 28.71
N MET C 443 -3.85 22.27 28.45
CA MET C 443 -2.54 22.16 27.83
C MET C 443 -1.59 21.41 28.73
N GLY C 444 -1.71 21.64 30.04
CA GLY C 444 -0.80 20.99 30.97
C GLY C 444 -0.88 19.47 30.87
N TRP C 445 -2.05 18.94 30.53
CA TRP C 445 -2.16 17.50 30.38
C TRP C 445 -1.71 17.05 29.00
N THR C 446 -2.01 17.82 27.95
CA THR C 446 -1.62 17.37 26.63
C THR C 446 -0.11 17.44 26.45
N ASN C 447 0.55 18.34 27.16
CA ASN C 447 2.00 18.41 27.14
C ASN C 447 2.64 17.18 27.76
N MET C 448 1.87 16.31 28.42
CA MET C 448 2.40 15.00 28.80
C MET C 448 2.97 14.26 27.61
N LEU C 449 2.41 14.49 26.41
CA LEU C 449 2.93 13.84 25.22
C LEU C 449 4.39 14.17 24.96
N TYR C 450 4.88 15.31 25.46
CA TYR C 450 6.30 15.63 25.34
C TYR C 450 7.16 14.52 25.87
N TYR C 451 6.73 13.88 26.96
CA TYR C 451 7.53 12.84 27.59
C TYR C 451 7.38 11.49 26.92
N THR C 452 6.66 11.38 25.81
CA THR C 452 6.62 10.11 25.11
C THR C 452 7.94 9.80 24.41
N ARG C 453 8.77 10.80 24.17
CA ARG C 453 10.13 10.53 23.73
C ARG C 453 10.88 9.81 24.86
N GLY C 454 11.76 8.89 24.47
CA GLY C 454 12.29 7.90 25.37
C GLY C 454 11.55 6.57 25.30
N PHE C 455 10.37 6.56 24.71
CA PHE C 455 9.64 5.35 24.36
C PHE C 455 9.45 5.38 22.85
N GLN C 456 10.02 4.39 22.15
CA GLN C 456 10.10 4.44 20.69
C GLN C 456 8.72 4.57 20.05
N GLN C 457 7.81 3.67 20.39
CA GLN C 457 6.52 3.63 19.70
C GLN C 457 5.63 4.80 20.11
N MET C 458 5.57 5.09 21.41
CA MET C 458 4.77 6.21 21.87
C MET C 458 5.32 7.53 21.36
N GLY C 459 6.65 7.67 21.34
CA GLY C 459 7.25 8.85 20.78
C GLY C 459 6.95 9.01 19.30
N ILE C 460 6.97 7.89 18.56
CA ILE C 460 6.64 7.95 17.14
C ILE C 460 5.19 8.41 16.95
N TYR C 461 4.29 7.89 17.78
CA TYR C 461 2.89 8.30 17.66
C TYR C 461 2.71 9.78 17.98
N ALA C 462 3.40 10.27 19.02
CA ALA C 462 3.34 11.70 19.34
C ALA C 462 3.91 12.55 18.21
N VAL C 463 4.98 12.07 17.57
CA VAL C 463 5.56 12.78 16.44
C VAL C 463 4.56 12.85 15.29
N MET C 464 3.84 11.74 15.05
CA MET C 464 2.81 11.74 14.01
C MET C 464 1.74 12.78 14.32
N ILE C 465 1.32 12.87 15.58
CA ILE C 465 0.31 13.86 15.96
C ILE C 465 0.83 15.27 15.71
N GLU C 466 2.06 15.54 16.15
CA GLU C 466 2.64 16.87 15.99
C GLU C 466 2.72 17.26 14.52
N LYS C 467 3.22 16.36 13.68
CA LYS C 467 3.40 16.69 12.27
C LYS C 467 2.07 16.78 11.54
N MET C 468 1.07 15.98 11.94
CA MET C 468 -0.25 16.14 11.35
C MET C 468 -0.83 17.50 11.68
N ILE C 469 -0.68 17.96 12.93
CA ILE C 469 -1.20 19.27 13.30
C ILE C 469 -0.47 20.37 12.53
N LEU C 470 0.86 20.27 12.46
CA LEU C 470 1.63 21.36 11.88
C LEU C 470 1.49 21.42 10.36
N ARG C 471 1.44 20.26 9.71
CA ARG C 471 1.50 20.18 8.25
C ARG C 471 0.12 20.18 7.62
N ASP C 472 -0.74 19.27 8.05
CA ASP C 472 -1.95 18.92 7.33
C ASP C 472 -3.22 19.60 7.83
N LEU C 473 -3.24 20.05 9.09
CA LEU C 473 -4.50 20.48 9.69
C LEU C 473 -5.07 21.70 8.99
N CYS C 474 -4.22 22.67 8.61
CA CYS C 474 -4.73 23.91 8.05
C CYS C 474 -5.45 23.69 6.73
N ARG C 475 -4.90 22.83 5.86
CA ARG C 475 -5.51 22.58 4.56
C ARG C 475 -6.91 22.03 4.70
N PHE C 476 -7.04 20.93 5.44
CA PHE C 476 -8.33 20.28 5.56
C PHE C 476 -9.31 21.13 6.37
N MET C 477 -8.82 21.85 7.38
CA MET C 477 -9.72 22.71 8.14
C MET C 477 -10.22 23.86 7.28
N PHE C 478 -9.37 24.42 6.41
CA PHE C 478 -9.84 25.48 5.53
C PHE C 478 -10.95 24.96 4.62
N VAL C 479 -10.72 23.83 3.96
CA VAL C 479 -11.74 23.33 3.05
C VAL C 479 -13.02 22.96 3.79
N TYR C 480 -12.89 22.27 4.92
CA TYR C 480 -14.07 21.88 5.69
C TYR C 480 -14.84 23.10 6.18
N LEU C 481 -14.14 24.11 6.69
CA LEU C 481 -14.81 25.31 7.16
C LEU C 481 -15.46 26.07 6.02
N VAL C 482 -14.87 26.04 4.82
CA VAL C 482 -15.51 26.66 3.68
C VAL C 482 -16.85 26.00 3.39
N PHE C 483 -16.86 24.67 3.34
CA PHE C 483 -18.12 23.96 3.10
C PHE C 483 -19.13 24.20 4.21
N LEU C 484 -18.67 24.12 5.46
CA LEU C 484 -19.56 24.30 6.61
C LEU C 484 -20.16 25.69 6.61
N PHE C 485 -19.34 26.72 6.42
CA PHE C 485 -19.85 28.08 6.46
C PHE C 485 -20.77 28.36 5.29
N GLY C 486 -20.45 27.86 4.10
CA GLY C 486 -21.35 28.06 2.97
C GLY C 486 -22.72 27.47 3.20
N PHE C 487 -22.76 26.21 3.64
CA PHE C 487 -24.07 25.59 3.83
C PHE C 487 -24.78 26.15 5.05
N SER C 488 -24.05 26.57 6.08
CA SER C 488 -24.68 27.20 7.23
C SER C 488 -25.32 28.53 6.84
N THR C 489 -24.61 29.32 6.03
CA THR C 489 -25.19 30.58 5.56
C THR C 489 -26.42 30.34 4.72
N ALA C 490 -26.38 29.33 3.84
CA ALA C 490 -27.56 29.02 3.03
C ALA C 490 -28.74 28.62 3.92
N VAL C 491 -28.49 27.75 4.90
CA VAL C 491 -29.58 27.25 5.73
C VAL C 491 -30.14 28.35 6.62
N VAL C 492 -29.27 29.17 7.22
CA VAL C 492 -29.77 30.21 8.10
C VAL C 492 -30.48 31.30 7.30
N THR C 493 -30.06 31.53 6.06
CA THR C 493 -30.82 32.42 5.19
C THR C 493 -32.20 31.83 4.90
N LEU C 494 -32.28 30.52 4.69
CA LEU C 494 -33.58 29.91 4.44
C LEU C 494 -34.49 29.99 5.66
N ILE C 495 -33.93 29.82 6.86
CA ILE C 495 -34.73 29.85 8.08
C ILE C 495 -35.28 31.25 8.29
N GLU C 496 -36.55 31.34 8.65
CA GLU C 496 -37.28 32.60 8.76
C GLU C 496 -37.83 32.75 10.18
N ASP C 497 -37.23 33.65 10.95
CA ASP C 497 -37.69 34.01 12.30
C ASP C 497 -37.88 32.76 13.17
N GLY C 498 -36.88 31.88 13.14
CA GLY C 498 -36.93 30.65 13.91
C GLY C 498 -36.22 30.79 15.24
N LYS C 499 -36.21 29.68 15.97
CA LYS C 499 -35.43 29.62 17.21
C LYS C 499 -33.94 29.64 16.93
N TYR C 500 -33.51 29.03 15.82
CA TYR C 500 -32.08 28.99 15.51
C TYR C 500 -31.63 30.30 14.88
N ASN C 501 -32.07 30.55 13.64
CA ASN C 501 -31.99 31.83 12.92
C ASN C 501 -30.74 32.65 13.22
N SER C 502 -29.59 32.01 13.25
CA SER C 502 -28.34 32.71 13.55
C SER C 502 -27.19 31.87 13.04
N LEU C 503 -26.08 32.54 12.74
CA LEU C 503 -24.93 31.81 12.20
C LEU C 503 -24.38 30.82 13.21
N TYR C 504 -24.33 31.20 14.49
CA TYR C 504 -23.76 30.32 15.49
C TYR C 504 -24.59 29.05 15.63
N SER C 505 -25.90 29.19 15.80
CA SER C 505 -26.74 28.02 16.04
C SER C 505 -26.77 27.10 14.83
N THR C 506 -26.90 27.66 13.63
CA THR C 506 -26.95 26.83 12.42
C THR C 506 -25.60 26.18 12.15
N CYS C 507 -24.50 26.91 12.38
CA CYS C 507 -23.19 26.32 12.22
C CYS C 507 -22.99 25.16 13.18
N LEU C 508 -23.45 25.32 14.43
CA LEU C 508 -23.34 24.23 15.39
C LEU C 508 -24.18 23.03 14.97
N GLU C 509 -25.40 23.28 14.48
CA GLU C 509 -26.26 22.18 14.07
C GLU C 509 -25.69 21.44 12.87
N LEU C 510 -25.08 22.15 11.92
CA LEU C 510 -24.45 21.48 10.79
C LEU C 510 -23.17 20.78 11.22
N PHE C 511 -22.44 21.34 12.18
CA PHE C 511 -21.26 20.66 12.70
C PHE C 511 -21.63 19.34 13.36
N LYS C 512 -22.80 19.29 14.00
CA LYS C 512 -23.24 18.06 14.65
C LYS C 512 -23.31 16.88 13.70
N PHE C 513 -23.49 17.12 12.40
CA PHE C 513 -23.48 16.02 11.44
C PHE C 513 -22.11 15.35 11.37
N THR C 514 -21.05 16.12 11.56
CA THR C 514 -19.71 15.55 11.48
C THR C 514 -19.44 14.58 12.63
N ILE C 515 -20.04 14.82 13.80
CA ILE C 515 -19.83 13.99 14.97
C ILE C 515 -20.92 12.94 15.15
N GLY C 516 -21.71 12.69 14.12
CA GLY C 516 -22.74 11.67 14.20
C GLY C 516 -23.92 12.02 15.06
N MET C 517 -24.25 13.32 15.17
CA MET C 517 -25.36 13.78 15.98
C MET C 517 -26.27 14.75 15.23
N GLY C 518 -26.16 14.81 13.90
CA GLY C 518 -26.96 15.74 13.14
C GLY C 518 -28.43 15.36 13.18
N ASP C 519 -29.28 16.32 13.52
CA ASP C 519 -30.70 16.02 13.67
C ASP C 519 -31.37 15.77 12.33
N LEU C 520 -31.09 16.61 11.34
CA LEU C 520 -31.66 16.54 9.99
C LEU C 520 -33.10 17.03 9.92
N GLU C 521 -33.72 17.32 11.07
CA GLU C 521 -35.01 17.99 11.13
C GLU C 521 -35.03 18.95 12.31
N PHE C 522 -33.93 19.68 12.52
CA PHE C 522 -33.80 20.45 13.75
C PHE C 522 -34.72 21.65 13.80
N THR C 523 -35.32 22.06 12.68
CA THR C 523 -36.24 23.17 12.69
C THR C 523 -37.27 22.98 11.58
N GLU C 524 -38.41 23.66 11.73
CA GLU C 524 -39.43 23.75 10.70
C GLU C 524 -39.79 25.20 10.39
N ASN C 525 -39.02 26.17 10.88
CA ASN C 525 -39.32 27.59 10.68
C ASN C 525 -38.76 28.03 9.33
N TYR C 526 -39.36 27.50 8.27
CA TYR C 526 -38.97 27.84 6.92
C TYR C 526 -40.12 27.54 5.98
N ASP C 527 -40.04 28.11 4.78
CA ASP C 527 -40.78 27.62 3.64
C ASP C 527 -39.84 26.76 2.82
N PHE C 528 -40.40 26.07 1.82
CA PHE C 528 -39.61 25.26 0.88
C PHE C 528 -38.81 24.19 1.64
N LYS C 529 -39.54 23.25 2.23
CA LYS C 529 -38.91 22.16 2.95
C LYS C 529 -37.96 21.36 2.06
N ALA C 530 -38.31 21.24 0.78
CA ALA C 530 -37.44 20.53 -0.15
C ALA C 530 -36.07 21.17 -0.24
N VAL C 531 -36.02 22.51 -0.23
CA VAL C 531 -34.74 23.19 -0.29
C VAL C 531 -33.92 22.90 0.96
N PHE C 532 -34.56 22.95 2.12
CA PHE C 532 -33.88 22.70 3.39
C PHE C 532 -33.28 21.30 3.41
N ILE C 533 -34.09 20.30 3.07
CA ILE C 533 -33.60 18.93 3.14
C ILE C 533 -32.55 18.68 2.07
N ILE C 534 -32.70 19.27 0.88
CA ILE C 534 -31.70 19.11 -0.16
C ILE C 534 -30.37 19.72 0.28
N LEU C 535 -30.41 20.89 0.89
CA LEU C 535 -29.18 21.50 1.38
C LEU C 535 -28.51 20.63 2.42
N LEU C 536 -29.27 20.09 3.37
CA LEU C 536 -28.66 19.27 4.41
C LEU C 536 -28.08 17.98 3.83
N LEU C 537 -28.80 17.33 2.92
CA LEU C 537 -28.29 16.10 2.34
C LEU C 537 -27.04 16.36 1.50
N ALA C 538 -27.02 17.45 0.74
CA ALA C 538 -25.83 17.80 -0.02
C ALA C 538 -24.66 18.07 0.90
N TYR C 539 -24.90 18.78 2.00
CA TYR C 539 -23.83 19.03 2.96
C TYR C 539 -23.28 17.74 3.52
N VAL C 540 -24.16 16.80 3.88
CA VAL C 540 -23.72 15.53 4.44
C VAL C 540 -22.86 14.77 3.44
N ILE C 541 -23.33 14.67 2.20
CA ILE C 541 -22.60 13.90 1.20
C ILE C 541 -21.25 14.55 0.89
N LEU C 542 -21.24 15.88 0.77
CA LEU C 542 -19.99 16.56 0.49
C LEU C 542 -19.02 16.44 1.65
N THR C 543 -19.52 16.48 2.88
CA THR C 543 -18.64 16.32 4.04
C THR C 543 -18.03 14.93 4.07
N TYR C 544 -18.81 13.90 3.77
CA TYR C 544 -18.22 12.56 3.72
C TYR C 544 -17.23 12.44 2.57
N ILE C 545 -17.47 13.11 1.45
CA ILE C 545 -16.48 13.14 0.37
C ILE C 545 -15.20 13.79 0.86
N LEU C 546 -15.31 14.89 1.61
CA LEU C 546 -14.14 15.57 2.14
C LEU C 546 -13.34 14.66 3.06
N LEU C 547 -14.03 14.00 3.99
CA LEU C 547 -13.32 13.14 4.93
C LEU C 547 -12.67 11.96 4.22
N LEU C 548 -13.36 11.40 3.23
CA LEU C 548 -12.80 10.29 2.47
C LEU C 548 -11.55 10.71 1.70
N ASN C 549 -11.59 11.89 1.09
CA ASN C 549 -10.43 12.37 0.35
C ASN C 549 -9.29 12.73 1.30
N MET C 550 -9.61 13.19 2.50
CA MET C 550 -8.57 13.39 3.52
C MET C 550 -7.89 12.06 3.83
N LEU C 551 -8.69 11.01 4.00
CA LEU C 551 -8.14 9.69 4.29
C LEU C 551 -7.22 9.24 3.17
N ILE C 552 -7.67 9.35 1.93
CA ILE C 552 -6.88 8.90 0.78
C ILE C 552 -5.60 9.72 0.65
N ALA C 553 -5.70 11.04 0.83
CA ALA C 553 -4.53 11.89 0.69
C ALA C 553 -3.48 11.53 1.73
N LEU C 554 -3.91 11.28 2.97
CA LEU C 554 -2.94 10.89 3.98
C LEU C 554 -2.40 9.48 3.72
N MET C 555 -3.22 8.59 3.15
CA MET C 555 -2.73 7.26 2.80
C MET C 555 -1.70 7.32 1.67
N GLY C 556 -1.75 8.38 0.86
CA GLY C 556 -0.80 8.53 -0.22
C GLY C 556 0.66 8.59 0.22
N GLU C 557 0.90 8.93 1.49
CA GLU C 557 2.25 9.05 2.04
C GLU C 557 2.65 7.87 2.93
N THR C 558 1.85 6.81 3.01
CA THR C 558 2.15 5.70 3.91
C THR C 558 3.11 4.67 3.31
N VAL C 559 3.66 4.92 2.13
CA VAL C 559 4.54 3.92 1.52
C VAL C 559 5.92 4.11 2.12
N ASN C 560 6.11 3.58 3.33
CA ASN C 560 7.39 3.56 4.03
C ASN C 560 7.91 4.93 4.43
N LYS C 561 7.19 6.01 4.10
CA LYS C 561 7.69 7.35 4.35
C LYS C 561 7.36 7.80 5.77
N ILE C 562 6.09 7.68 6.17
CA ILE C 562 5.66 8.20 7.46
C ILE C 562 6.34 7.45 8.60
N ALA C 563 6.42 6.12 8.50
CA ALA C 563 7.00 5.34 9.58
C ALA C 563 8.47 5.69 9.80
N GLN C 564 9.27 5.65 8.73
CA GLN C 564 10.69 5.92 8.86
C GLN C 564 10.95 7.38 9.22
N GLU C 565 10.19 8.29 8.64
CA GLU C 565 10.39 9.70 8.93
C GLU C 565 10.05 10.02 10.38
N SER C 566 8.96 9.45 10.90
CA SER C 566 8.61 9.65 12.29
C SER C 566 9.64 9.03 13.21
N LYS C 567 10.18 7.85 12.83
CA LYS C 567 11.20 7.22 13.65
C LYS C 567 12.45 8.09 13.74
N ASN C 568 12.90 8.61 12.60
CA ASN C 568 14.08 9.45 12.60
C ASN C 568 13.84 10.76 13.36
N ILE C 569 12.64 11.33 13.23
CA ILE C 569 12.32 12.55 13.98
C ILE C 569 12.33 12.26 15.47
N TRP C 570 11.79 11.11 15.87
CA TRP C 570 11.84 10.74 17.28
C TRP C 570 13.26 10.61 17.77
N LYS C 571 14.13 9.98 16.97
CA LYS C 571 15.53 9.87 17.36
C LYS C 571 16.17 11.24 17.52
N LEU C 572 15.87 12.17 16.62
CA LEU C 572 16.39 13.53 16.74
C LEU C 572 15.89 14.20 18.01
N GLN C 573 14.60 14.02 18.32
CA GLN C 573 14.05 14.62 19.54
C GLN C 573 14.70 14.05 20.78
N ARG C 574 14.95 12.74 20.80
CA ARG C 574 15.63 12.14 21.94
C ARG C 574 17.06 12.65 22.05
N ALA C 575 17.73 12.86 20.91
CA ALA C 575 19.07 13.42 20.95
C ALA C 575 19.07 14.83 21.55
N ILE C 576 18.07 15.63 21.18
CA ILE C 576 17.95 16.97 21.75
C ILE C 576 17.73 16.88 23.25
N THR C 577 16.87 15.95 23.68
CA THR C 577 16.63 15.77 25.11
C THR C 577 17.91 15.39 25.83
N ILE C 578 18.70 14.49 25.23
CA ILE C 578 19.96 14.07 25.85
C ILE C 578 20.89 15.26 26.01
N LEU C 579 21.03 16.07 24.97
CA LEU C 579 21.96 17.19 25.04
C LEU C 579 21.49 18.23 26.05
N ASP C 580 20.18 18.50 26.12
CA ASP C 580 19.68 19.43 27.11
C ASP C 580 19.91 18.91 28.52
N THR C 581 19.69 17.62 28.74
CA THR C 581 19.91 17.04 30.06
C THR C 581 21.37 17.13 30.45
N GLU C 582 22.28 16.87 29.51
CA GLU C 582 23.70 17.01 29.80
C GLU C 582 24.05 18.46 30.13
N LYS C 583 23.46 19.42 29.41
CA LYS C 583 23.75 20.81 29.69
C LYS C 583 23.24 21.22 31.07
N SER C 584 22.14 20.62 31.53
CA SER C 584 21.63 20.96 32.86
C SER C 584 22.46 20.30 33.95
N PHE C 585 22.46 18.96 33.98
CA PHE C 585 23.30 18.01 34.73
C PHE C 585 23.16 18.09 36.26
N LEU C 586 22.63 19.17 36.81
CA LEU C 586 21.94 19.21 38.10
C LEU C 586 22.78 18.91 39.34
N LYS C 587 24.00 18.38 39.20
CA LYS C 587 24.80 18.02 40.37
C LYS C 587 26.31 18.16 40.14
N CYS C 588 26.74 18.87 39.10
CA CYS C 588 28.15 18.99 38.76
C CYS C 588 28.81 17.61 38.59
N MET C 589 28.12 16.72 37.90
CA MET C 589 28.61 15.36 37.66
C MET C 589 29.46 15.32 36.39
N ARG C 590 30.57 14.59 36.46
CA ARG C 590 31.48 14.42 35.33
C ARG C 590 31.25 13.11 34.58
N LYS C 591 30.34 12.25 35.05
CA LYS C 591 30.12 10.96 34.40
C LYS C 591 29.51 11.09 33.01
N ALA C 592 29.02 12.28 32.63
CA ALA C 592 28.50 12.47 31.29
C ALA C 592 29.56 12.34 30.21
N PHE C 593 30.84 12.46 30.56
CA PHE C 593 31.93 12.30 29.60
C PHE C 593 32.17 10.80 29.45
N ARG C 594 31.65 10.24 28.37
CA ARG C 594 31.61 8.79 28.20
C ARG C 594 32.85 8.29 27.44
N SER C 595 32.96 6.97 27.39
CA SER C 595 33.84 6.18 26.55
C SER C 595 35.29 6.10 27.04
N GLY C 596 35.67 6.81 28.10
CA GLY C 596 36.98 6.65 28.69
C GLY C 596 38.10 7.12 27.76
N LYS C 597 39.28 7.30 28.38
CA LYS C 597 40.45 7.84 27.70
C LYS C 597 41.36 6.66 27.30
N LEU C 598 41.35 6.33 26.01
CA LEU C 598 42.10 5.20 25.48
C LEU C 598 43.25 5.69 24.61
N LEU C 599 44.30 4.87 24.57
CA LEU C 599 45.46 5.14 23.72
C LEU C 599 45.23 4.48 22.36
N GLN C 600 45.06 5.30 21.32
CA GLN C 600 44.71 4.76 20.01
C GLN C 600 45.92 4.15 19.32
N VAL C 601 46.94 4.98 19.08
CA VAL C 601 48.17 4.55 18.42
C VAL C 601 49.38 4.73 19.33
N GLY C 602 49.50 5.90 19.95
CA GLY C 602 50.67 6.20 20.74
C GLY C 602 51.88 6.61 19.94
N PHE C 603 51.76 6.75 18.62
CA PHE C 603 52.86 7.13 17.75
C PHE C 603 52.34 8.23 16.82
N THR C 604 52.45 9.46 17.28
CA THR C 604 52.13 10.64 16.48
C THR C 604 53.30 10.92 15.53
N PRO C 605 53.18 11.92 14.66
CA PRO C 605 54.33 12.30 13.83
C PRO C 605 55.59 12.65 14.63
N ASP C 606 55.41 13.18 15.84
CA ASP C 606 56.49 13.38 16.78
C ASP C 606 56.47 12.24 17.80
N GLY C 607 57.32 12.33 18.82
CA GLY C 607 57.45 11.26 19.79
C GLY C 607 56.35 11.20 20.84
N LYS C 608 55.33 12.03 20.73
CA LYS C 608 54.25 12.03 21.70
C LYS C 608 53.29 10.88 21.43
N ASP C 609 52.57 10.48 22.48
CA ASP C 609 51.53 9.46 22.41
C ASP C 609 50.17 10.14 22.52
N ASP C 610 49.18 9.62 21.78
CA ASP C 610 47.90 10.29 21.57
C ASP C 610 46.78 9.52 22.26
N TYR C 611 46.24 10.10 23.32
CA TYR C 611 45.01 9.64 23.96
C TYR C 611 43.87 10.49 23.43
N ARG C 612 42.84 9.86 22.86
CA ARG C 612 41.85 10.56 22.06
C ARG C 612 40.40 10.27 22.48
N TRP C 613 40.18 9.73 23.69
CA TRP C 613 38.84 9.53 24.24
C TRP C 613 37.93 8.77 23.27
N CYS C 614 38.25 7.50 23.06
CA CYS C 614 37.63 6.73 21.99
C CYS C 614 36.48 5.86 22.49
N PHE C 615 35.55 5.59 21.57
CA PHE C 615 34.35 4.79 21.84
C PHE C 615 34.49 3.42 21.19
N ARG C 616 34.27 2.37 21.97
CA ARG C 616 34.49 1.00 21.52
C ARG C 616 33.21 0.41 20.95
N VAL C 617 33.33 -0.24 19.80
CA VAL C 617 32.21 -0.93 19.14
C VAL C 617 32.67 -2.31 18.70
N ASP C 618 31.89 -3.33 19.02
CA ASP C 618 32.18 -4.70 18.62
C ASP C 618 31.40 -5.04 17.35
N GLU C 619 32.10 -5.63 16.37
CA GLU C 619 31.52 -6.00 15.10
C GLU C 619 31.94 -7.42 14.75
N VAL C 620 31.09 -8.09 13.98
CA VAL C 620 31.32 -9.48 13.55
C VAL C 620 31.14 -9.54 12.03
N ASN C 621 32.11 -10.16 11.35
CA ASN C 621 32.07 -10.30 9.90
C ASN C 621 32.44 -11.74 9.58
N TRP C 622 31.50 -12.49 9.01
CA TRP C 622 31.69 -13.89 8.71
C TRP C 622 32.24 -14.14 7.31
N THR C 623 32.54 -13.10 6.55
CA THR C 623 33.19 -13.21 5.25
C THR C 623 34.41 -12.30 5.24
N THR C 624 35.19 -12.38 4.17
CA THR C 624 36.44 -11.63 4.05
C THR C 624 37.39 -11.99 5.19
N TRP C 625 37.76 -13.27 5.26
CA TRP C 625 38.66 -13.75 6.29
C TRP C 625 40.07 -13.19 6.08
N TYR D 94 -9.59 3.56 -53.45
CA TYR D 94 -9.13 2.96 -52.22
C TYR D 94 -7.60 2.97 -52.16
N TYR D 95 -6.98 2.36 -53.17
CA TYR D 95 -5.53 2.41 -53.37
C TYR D 95 -5.13 3.49 -54.38
N LYS D 96 -5.98 4.50 -54.56
CA LYS D 96 -5.73 5.54 -55.54
C LYS D 96 -4.40 6.25 -55.31
N GLY D 97 -3.65 6.42 -56.39
CA GLY D 97 -2.40 7.15 -56.36
C GLY D 97 -1.17 6.32 -56.11
N GLN D 98 -1.31 5.08 -55.67
CA GLN D 98 -0.15 4.25 -55.37
C GLN D 98 0.57 3.89 -56.66
N THR D 99 1.89 4.00 -56.65
CA THR D 99 2.75 3.70 -57.80
C THR D 99 3.81 2.69 -57.39
N ALA D 100 4.61 2.28 -58.38
CA ALA D 100 5.65 1.29 -58.14
C ALA D 100 6.69 1.77 -57.13
N LEU D 101 6.93 3.08 -57.08
CA LEU D 101 7.89 3.61 -56.13
C LEU D 101 7.44 3.36 -54.69
N HIS D 102 6.14 3.54 -54.42
CA HIS D 102 5.61 3.26 -53.10
C HIS D 102 5.80 1.79 -52.74
N ILE D 103 5.54 0.90 -53.69
CA ILE D 103 5.71 -0.53 -53.44
C ILE D 103 7.17 -0.85 -53.17
N ALA D 104 8.08 -0.23 -53.93
CA ALA D 104 9.51 -0.46 -53.71
C ALA D 104 9.94 -0.02 -52.32
N ILE D 105 9.43 1.14 -51.87
CA ILE D 105 9.78 1.61 -50.53
C ILE D 105 9.18 0.69 -49.47
N GLU D 106 7.94 0.23 -49.69
CA GLU D 106 7.29 -0.65 -48.72
C GLU D 106 8.07 -1.95 -48.55
N ARG D 107 8.53 -2.54 -49.65
CA ARG D 107 9.30 -3.78 -49.58
C ARG D 107 10.73 -3.57 -49.14
N ARG D 108 11.15 -2.33 -48.89
CA ARG D 108 12.50 -2.03 -48.39
C ARG D 108 13.56 -2.50 -49.37
N ASN D 109 13.34 -2.26 -50.66
CA ASN D 109 14.25 -2.65 -51.74
C ASN D 109 14.91 -1.37 -52.26
N MET D 110 16.13 -1.12 -51.78
CA MET D 110 16.86 0.07 -52.20
C MET D 110 17.16 0.02 -53.70
N THR D 111 17.53 -1.15 -54.20
CA THR D 111 17.87 -1.28 -55.62
C THR D 111 16.67 -0.97 -56.51
N LEU D 112 15.50 -1.48 -56.14
CA LEU D 112 14.31 -1.22 -56.95
C LEU D 112 13.96 0.26 -56.94
N VAL D 113 14.08 0.91 -55.79
CA VAL D 113 13.83 2.35 -55.71
C VAL D 113 14.80 3.10 -56.61
N THR D 114 16.07 2.72 -56.57
CA THR D 114 17.07 3.37 -57.40
C THR D 114 16.75 3.21 -58.87
N LEU D 115 16.37 2.00 -59.28
CA LEU D 115 16.04 1.77 -60.68
C LEU D 115 14.79 2.54 -61.09
N LEU D 116 13.77 2.56 -60.23
CA LEU D 116 12.53 3.26 -60.57
C LEU D 116 12.76 4.76 -60.70
N VAL D 117 13.52 5.35 -59.79
CA VAL D 117 13.83 6.77 -59.90
C VAL D 117 14.67 7.03 -61.14
N GLU D 118 15.62 6.14 -61.44
CA GLU D 118 16.43 6.27 -62.64
C GLU D 118 15.57 6.23 -63.90
N ASN D 119 14.51 5.43 -63.90
CA ASN D 119 13.68 5.22 -65.08
C ASN D 119 12.56 6.26 -65.21
N GLY D 120 12.59 7.33 -64.44
CA GLY D 120 11.63 8.40 -64.56
C GLY D 120 10.43 8.32 -63.64
N ALA D 121 10.52 7.59 -62.54
CA ALA D 121 9.43 7.55 -61.58
C ALA D 121 9.21 8.94 -60.97
N ASP D 122 7.95 9.26 -60.70
CA ASP D 122 7.58 10.56 -60.14
C ASP D 122 7.70 10.48 -58.63
N VAL D 123 8.76 11.10 -58.08
CA VAL D 123 8.99 11.07 -56.65
C VAL D 123 8.00 11.90 -55.84
N GLN D 124 7.14 12.69 -56.51
CA GLN D 124 6.14 13.51 -55.84
C GLN D 124 4.74 12.94 -55.97
N ALA D 125 4.59 11.69 -56.41
CA ALA D 125 3.27 11.09 -56.56
C ALA D 125 2.56 11.01 -55.21
N ALA D 126 1.27 11.34 -55.21
CA ALA D 126 0.46 11.38 -54.01
C ALA D 126 -0.43 10.14 -53.96
N ALA D 127 -0.18 9.28 -52.98
CA ALA D 127 -1.02 8.10 -52.74
C ALA D 127 -2.15 8.51 -51.82
N ASN D 128 -3.15 9.17 -52.40
CA ASN D 128 -4.24 9.79 -51.66
C ASN D 128 -5.50 8.93 -51.61
N GLY D 129 -5.35 7.61 -51.70
CA GLY D 129 -6.49 6.73 -51.54
C GLY D 129 -6.95 6.66 -50.10
N ASP D 130 -8.15 6.12 -49.92
CA ASP D 130 -8.73 6.03 -48.58
C ASP D 130 -7.89 5.14 -47.67
N PHE D 131 -7.24 4.13 -48.24
CA PHE D 131 -6.37 3.27 -47.44
C PHE D 131 -5.20 4.03 -46.83
N PHE D 132 -4.76 5.12 -47.46
CA PHE D 132 -3.58 5.86 -47.02
C PHE D 132 -3.92 7.09 -46.18
N LYS D 133 -5.18 7.28 -45.81
CA LYS D 133 -5.61 8.39 -44.97
C LYS D 133 -5.78 7.91 -43.53
N LYS D 134 -5.99 8.87 -42.62
CA LYS D 134 -6.20 8.55 -41.21
C LYS D 134 -7.35 7.58 -41.04
N THR D 135 -8.57 8.03 -41.39
CA THR D 135 -9.76 7.19 -41.53
C THR D 135 -9.95 6.20 -40.38
N LYS D 136 -10.20 6.72 -39.18
CA LYS D 136 -10.22 5.89 -37.97
C LYS D 136 -11.21 4.74 -38.05
N GLY D 137 -12.26 4.85 -38.86
CA GLY D 137 -13.25 3.81 -38.99
C GLY D 137 -12.93 2.72 -39.98
N ARG D 138 -11.75 2.74 -40.59
CA ARG D 138 -11.34 1.74 -41.57
C ARG D 138 -9.87 1.41 -41.32
N PRO D 139 -9.41 0.23 -41.77
CA PRO D 139 -7.97 -0.04 -41.72
C PRO D 139 -7.21 0.82 -42.70
N GLY D 140 -5.94 1.04 -42.40
CA GLY D 140 -5.10 1.83 -43.26
C GLY D 140 -3.82 2.23 -42.54
N PHE D 141 -3.05 3.09 -43.21
CA PHE D 141 -1.80 3.57 -42.66
C PHE D 141 -1.48 4.93 -43.29
N TYR D 142 -1.51 5.97 -42.48
CA TYR D 142 -1.19 7.32 -42.94
C TYR D 142 0.30 7.57 -42.78
N PHE D 143 0.92 8.11 -43.83
CA PHE D 143 2.35 8.39 -43.83
C PHE D 143 2.69 9.72 -44.49
N GLY D 144 1.72 10.51 -44.94
CA GLY D 144 1.97 11.72 -45.67
C GLY D 144 1.78 11.61 -47.17
N GLU D 145 1.42 10.42 -47.68
CA GLU D 145 0.98 10.22 -49.06
C GLU D 145 2.11 10.31 -50.08
N LEU D 146 3.36 10.63 -49.65
CA LEU D 146 4.47 10.89 -50.55
C LEU D 146 5.56 9.85 -50.36
N PRO D 147 6.34 9.51 -51.42
CA PRO D 147 7.45 8.57 -51.21
C PRO D 147 8.46 9.00 -50.16
N LEU D 148 8.78 10.29 -50.09
CA LEU D 148 9.75 10.75 -49.11
C LEU D 148 9.23 10.55 -47.70
N SER D 149 7.98 10.94 -47.45
CA SER D 149 7.40 10.75 -46.12
C SER D 149 7.18 9.27 -45.82
N LEU D 150 6.96 8.46 -46.86
CA LEU D 150 6.85 7.02 -46.66
C LEU D 150 8.18 6.44 -46.20
N ALA D 151 9.27 6.85 -46.84
CA ALA D 151 10.58 6.38 -46.42
C ALA D 151 10.92 6.87 -45.01
N ALA D 152 10.57 8.12 -44.71
CA ALA D 152 10.86 8.66 -43.38
C ALA D 152 10.05 7.94 -42.31
N CYS D 153 8.78 7.67 -42.56
CA CYS D 153 7.92 7.04 -41.56
C CYS D 153 8.26 5.57 -41.33
N THR D 154 8.92 4.92 -42.29
CA THR D 154 9.25 3.50 -42.19
C THR D 154 10.67 3.26 -41.72
N ASN D 155 11.37 4.28 -41.23
CA ASN D 155 12.70 4.13 -40.65
C ASN D 155 13.71 3.65 -41.70
N GLN D 156 13.64 4.24 -42.88
CA GLN D 156 14.55 3.94 -43.99
C GLN D 156 15.29 5.23 -44.34
N LEU D 157 16.40 5.47 -43.63
CA LEU D 157 17.14 6.71 -43.83
C LEU D 157 17.85 6.73 -45.17
N ALA D 158 18.34 5.57 -45.64
CA ALA D 158 19.07 5.52 -46.90
C ALA D 158 18.19 5.95 -48.06
N ILE D 159 16.94 5.50 -48.09
CA ILE D 159 16.03 5.88 -49.15
C ILE D 159 15.74 7.37 -49.07
N VAL D 160 15.61 7.91 -47.85
CA VAL D 160 15.38 9.34 -47.69
C VAL D 160 16.53 10.14 -48.29
N LYS D 161 17.77 9.73 -47.96
CA LYS D 161 18.93 10.43 -48.49
C LYS D 161 18.98 10.33 -50.01
N PHE D 162 18.68 9.15 -50.55
CA PHE D 162 18.68 8.99 -52.00
C PHE D 162 17.62 9.89 -52.65
N LEU D 163 16.39 9.87 -52.13
CA LEU D 163 15.32 10.64 -52.72
C LEU D 163 15.62 12.13 -52.68
N LEU D 164 16.17 12.60 -51.57
CA LEU D 164 16.51 14.02 -51.48
C LEU D 164 17.72 14.37 -52.34
N GLN D 165 18.64 13.43 -52.53
CA GLN D 165 19.93 13.67 -53.17
C GLN D 165 20.20 12.65 -54.27
N ASN D 166 19.23 12.45 -55.16
CA ASN D 166 19.44 11.65 -56.35
C ASN D 166 20.00 12.53 -57.46
N SER D 167 20.24 11.94 -58.64
CA SER D 167 20.75 12.66 -59.78
C SER D 167 19.67 13.08 -60.77
N TRP D 168 18.53 12.38 -60.82
CA TRP D 168 17.55 12.54 -61.88
C TRP D 168 16.38 13.44 -61.50
N GLN D 169 15.86 13.32 -60.28
CA GLN D 169 14.67 14.08 -59.88
C GLN D 169 14.63 14.19 -58.35
N PRO D 170 15.32 15.17 -57.76
CA PRO D 170 15.34 15.26 -56.29
C PRO D 170 13.96 15.48 -55.72
N ALA D 171 13.71 14.85 -54.57
CA ALA D 171 12.43 15.01 -53.90
C ALA D 171 12.30 16.40 -53.30
N ASP D 172 11.07 16.91 -53.29
CA ASP D 172 10.78 18.22 -52.72
C ASP D 172 10.57 18.06 -51.23
N ILE D 173 11.55 18.49 -50.44
CA ILE D 173 11.50 18.30 -49.00
C ILE D 173 10.37 19.10 -48.35
N SER D 174 9.88 20.15 -49.00
CA SER D 174 8.81 20.99 -48.48
C SER D 174 7.44 20.63 -49.04
N ALA D 175 7.32 19.52 -49.76
CA ALA D 175 6.05 19.17 -50.37
C ALA D 175 5.00 18.86 -49.30
N ARG D 176 3.75 19.19 -49.62
CA ARG D 176 2.62 19.02 -48.71
C ARG D 176 1.60 18.10 -49.36
N ASP D 177 0.96 17.27 -48.54
CA ASP D 177 -0.04 16.32 -49.01
C ASP D 177 -1.41 17.01 -49.06
N SER D 178 -2.46 16.21 -49.25
CA SER D 178 -3.81 16.77 -49.34
C SER D 178 -4.24 17.43 -48.05
N VAL D 179 -3.73 16.96 -46.90
CA VAL D 179 -4.02 17.58 -45.61
C VAL D 179 -3.16 18.81 -45.38
N GLY D 180 -2.10 19.01 -46.16
CA GLY D 180 -1.13 20.06 -45.89
C GLY D 180 0.07 19.62 -45.09
N ASN D 181 0.17 18.34 -44.75
CA ASN D 181 1.27 17.85 -43.94
C ASN D 181 2.51 17.62 -44.79
N THR D 182 3.66 18.02 -44.27
CA THR D 182 4.95 17.75 -44.87
C THR D 182 5.51 16.47 -44.24
N VAL D 183 6.80 16.21 -44.51
CA VAL D 183 7.45 15.04 -43.92
C VAL D 183 7.48 15.15 -42.40
N LEU D 184 7.77 16.34 -41.88
CA LEU D 184 7.86 16.51 -40.44
C LEU D 184 6.51 16.31 -39.77
N HIS D 185 5.44 16.80 -40.40
CA HIS D 185 4.11 16.56 -39.87
C HIS D 185 3.79 15.08 -39.85
N ALA D 186 4.16 14.35 -40.91
CA ALA D 186 3.93 12.91 -40.94
C ALA D 186 4.71 12.21 -39.84
N LEU D 187 5.96 12.63 -39.62
CA LEU D 187 6.77 12.04 -38.56
C LEU D 187 6.14 12.26 -37.19
N VAL D 188 5.57 13.46 -36.98
CA VAL D 188 4.85 13.70 -35.74
C VAL D 188 3.63 12.79 -35.65
N GLU D 189 2.93 12.60 -36.78
CA GLU D 189 1.69 11.82 -36.76
C GLU D 189 1.94 10.37 -36.37
N VAL D 190 3.01 9.77 -36.88
CA VAL D 190 3.28 8.35 -36.61
C VAL D 190 3.80 8.10 -35.20
N ALA D 191 4.08 9.15 -34.44
CA ALA D 191 4.53 8.94 -33.06
C ALA D 191 3.38 8.41 -32.21
N ASP D 192 3.73 7.55 -31.25
CA ASP D 192 2.77 7.02 -30.29
C ASP D 192 3.34 6.93 -28.88
N ASN D 193 4.46 7.60 -28.61
CA ASN D 193 5.04 7.73 -27.28
C ASN D 193 5.58 6.41 -26.73
N THR D 194 5.79 5.41 -27.58
CA THR D 194 6.53 4.23 -27.18
C THR D 194 8.03 4.46 -27.36
N VAL D 195 8.83 3.58 -26.75
CA VAL D 195 10.26 3.82 -26.66
C VAL D 195 10.91 3.75 -28.04
N ASP D 196 10.74 2.63 -28.74
CA ASP D 196 11.42 2.46 -30.01
C ASP D 196 10.86 3.38 -31.08
N ASN D 197 9.54 3.56 -31.08
CA ASN D 197 8.94 4.48 -32.03
C ASN D 197 9.44 5.90 -31.80
N THR D 198 9.49 6.33 -30.53
CA THR D 198 9.99 7.66 -30.24
C THR D 198 11.45 7.80 -30.63
N LYS D 199 12.25 6.76 -30.39
CA LYS D 199 13.67 6.81 -30.73
C LYS D 199 13.85 7.02 -32.23
N PHE D 200 13.21 6.18 -33.05
CA PHE D 200 13.45 6.29 -34.49
C PHE D 200 12.80 7.54 -35.06
N VAL D 201 11.66 7.96 -34.53
CA VAL D 201 11.04 9.20 -35.01
C VAL D 201 11.94 10.38 -34.70
N THR D 202 12.51 10.41 -33.49
CA THR D 202 13.43 11.49 -33.13
C THR D 202 14.64 11.51 -34.08
N SER D 203 15.24 10.34 -34.32
CA SER D 203 16.41 10.30 -35.18
C SER D 203 16.07 10.74 -36.60
N MET D 204 14.94 10.27 -37.13
CA MET D 204 14.56 10.64 -38.49
C MET D 204 14.25 12.13 -38.58
N TYR D 205 13.59 12.68 -37.55
CA TYR D 205 13.31 14.12 -37.54
C TYR D 205 14.59 14.92 -37.57
N ASN D 206 15.57 14.52 -36.76
CA ASN D 206 16.86 15.22 -36.74
C ASN D 206 17.54 15.13 -38.10
N GLU D 207 17.55 13.94 -38.71
CA GLU D 207 18.21 13.78 -40.00
C GLU D 207 17.53 14.62 -41.08
N ILE D 208 16.19 14.65 -41.07
CA ILE D 208 15.47 15.46 -42.04
C ILE D 208 15.83 16.93 -41.88
N LEU D 209 15.91 17.41 -40.63
CA LEU D 209 16.27 18.80 -40.43
C LEU D 209 17.67 19.10 -40.94
N ILE D 210 18.62 18.20 -40.69
CA ILE D 210 19.99 18.42 -41.15
C ILE D 210 20.04 18.48 -42.66
N LEU D 211 19.37 17.53 -43.32
CA LEU D 211 19.39 17.51 -44.78
C LEU D 211 18.70 18.73 -45.36
N GLY D 212 17.60 19.16 -44.76
CA GLY D 212 16.92 20.36 -45.24
C GLY D 212 17.78 21.59 -45.11
N ALA D 213 18.48 21.73 -43.98
CA ALA D 213 19.37 22.88 -43.80
C ALA D 213 20.50 22.84 -44.81
N LYS D 214 21.07 21.67 -45.07
CA LYS D 214 22.20 21.59 -45.99
C LYS D 214 21.77 21.88 -47.42
N LEU D 215 20.65 21.29 -47.85
CA LEU D 215 20.20 21.47 -49.23
C LEU D 215 19.55 22.82 -49.45
N HIS D 216 18.81 23.31 -48.45
CA HIS D 216 18.06 24.57 -48.55
C HIS D 216 18.29 25.37 -47.28
N PRO D 217 19.44 26.04 -47.16
CA PRO D 217 19.70 26.82 -45.94
C PRO D 217 18.69 27.91 -45.67
N THR D 218 18.03 28.43 -46.70
CA THR D 218 17.05 29.51 -46.52
C THR D 218 15.64 29.00 -46.29
N LEU D 219 15.45 27.68 -46.19
CA LEU D 219 14.13 27.08 -45.97
C LEU D 219 13.95 26.78 -44.49
N LYS D 220 12.84 27.23 -43.92
CA LYS D 220 12.47 26.96 -42.53
C LYS D 220 11.34 25.95 -42.55
N LEU D 221 11.71 24.67 -42.43
CA LEU D 221 10.71 23.60 -42.54
C LEU D 221 9.69 23.67 -41.41
N GLU D 222 10.14 23.95 -40.19
CA GLU D 222 9.26 23.88 -39.03
C GLU D 222 8.26 25.02 -38.96
N GLU D 223 8.39 26.04 -39.82
CA GLU D 223 7.41 27.12 -39.89
C GLU D 223 6.29 26.84 -40.88
N ILE D 224 6.34 25.72 -41.59
CA ILE D 224 5.30 25.38 -42.56
C ILE D 224 4.11 24.80 -41.80
N THR D 225 2.92 25.30 -42.12
CA THR D 225 1.69 24.90 -41.47
C THR D 225 0.83 24.07 -42.42
N ASN D 226 0.11 23.11 -41.86
CA ASN D 226 -0.84 22.31 -42.62
C ASN D 226 -2.15 23.06 -42.73
N ARG D 227 -3.18 22.42 -43.28
CA ARG D 227 -4.46 23.10 -43.49
C ARG D 227 -5.13 23.50 -42.18
N LYS D 228 -4.78 22.86 -41.07
CA LYS D 228 -5.27 23.26 -39.75
C LYS D 228 -4.47 24.41 -39.15
N GLY D 229 -3.42 24.88 -39.83
CA GLY D 229 -2.60 25.95 -39.32
C GLY D 229 -1.57 25.52 -38.30
N LEU D 230 -1.31 24.23 -38.15
CA LEU D 230 -0.43 23.71 -37.12
C LEU D 230 0.96 23.46 -37.69
N THR D 231 1.97 23.96 -37.00
CA THR D 231 3.34 23.58 -37.27
C THR D 231 3.61 22.20 -36.67
N PRO D 232 4.71 21.55 -37.05
CA PRO D 232 5.03 20.24 -36.45
C PRO D 232 5.13 20.29 -34.94
N LEU D 233 5.67 21.38 -34.37
CA LEU D 233 5.69 21.52 -32.93
C LEU D 233 4.29 21.66 -32.38
N ALA D 234 3.47 22.51 -33.00
CA ALA D 234 2.09 22.67 -32.57
C ALA D 234 1.31 21.38 -32.75
N LEU D 235 1.57 20.65 -33.84
CA LEU D 235 0.89 19.37 -34.03
C LEU D 235 1.28 18.37 -32.96
N ALA D 236 2.56 18.31 -32.60
CA ALA D 236 2.99 17.42 -31.54
C ALA D 236 2.34 17.78 -30.21
N ALA D 237 2.25 19.08 -29.91
CA ALA D 237 1.61 19.51 -28.67
C ALA D 237 0.12 19.16 -28.69
N SER D 238 -0.55 19.38 -29.82
CA SER D 238 -1.98 19.11 -29.89
C SER D 238 -2.30 17.64 -29.76
N SER D 239 -1.53 16.78 -30.44
CA SER D 239 -1.82 15.36 -30.45
C SER D 239 -1.30 14.63 -29.21
N GLY D 240 -0.55 15.31 -28.34
CA GLY D 240 -0.05 14.67 -27.14
C GLY D 240 1.15 13.79 -27.34
N LYS D 241 1.93 14.03 -28.40
CA LYS D 241 3.14 13.25 -28.67
C LYS D 241 4.25 13.81 -27.79
N ILE D 242 4.25 13.40 -26.53
CA ILE D 242 5.14 13.97 -25.54
C ILE D 242 6.60 13.67 -25.88
N GLY D 243 6.88 12.51 -26.48
CA GLY D 243 8.26 12.20 -26.84
C GLY D 243 8.83 13.17 -27.86
N VAL D 244 8.08 13.42 -28.93
CA VAL D 244 8.55 14.32 -29.98
C VAL D 244 8.61 15.74 -29.45
N LEU D 245 7.62 16.15 -28.67
CA LEU D 245 7.62 17.49 -28.08
C LEU D 245 8.85 17.68 -27.19
N ALA D 246 9.13 16.69 -26.35
CA ALA D 246 10.29 16.77 -25.47
C ALA D 246 11.57 16.85 -26.28
N TYR D 247 11.69 16.06 -27.35
CA TYR D 247 12.88 16.13 -28.18
C TYR D 247 13.04 17.53 -28.78
N ILE D 248 11.95 18.07 -29.34
CA ILE D 248 12.06 19.34 -30.07
C ILE D 248 12.40 20.47 -29.11
N LEU D 249 11.72 20.53 -27.96
CA LEU D 249 11.81 21.71 -27.10
C LEU D 249 13.23 21.94 -26.59
N GLN D 250 13.96 20.88 -26.27
CA GLN D 250 15.34 20.95 -25.78
C GLN D 250 16.30 20.32 -26.78
N ARG D 251 16.05 20.56 -28.06
CA ARG D 251 16.92 20.04 -29.11
C ARG D 251 18.19 20.87 -29.19
N GLU D 252 19.33 20.19 -29.18
CA GLU D 252 20.64 20.82 -29.35
C GLU D 252 21.43 20.00 -30.35
N ILE D 253 21.96 20.66 -31.38
CA ILE D 253 22.67 20.02 -32.48
C ILE D 253 24.11 20.52 -32.47
N HIS D 254 25.05 19.59 -32.31
CA HIS D 254 26.47 19.92 -32.17
C HIS D 254 27.20 19.59 -33.47
N GLU D 255 27.18 20.53 -34.41
CA GLU D 255 28.05 20.45 -35.58
C GLU D 255 28.03 21.80 -36.28
N PRO D 256 29.07 22.13 -37.05
CA PRO D 256 29.05 23.40 -37.78
C PRO D 256 27.95 23.43 -38.83
N GLU D 257 27.46 24.64 -39.12
CA GLU D 257 26.45 24.92 -40.14
C GLU D 257 25.07 24.35 -39.79
N CYS D 258 24.89 23.82 -38.58
CA CYS D 258 23.59 23.36 -38.10
C CYS D 258 23.30 23.83 -36.68
N ARG D 259 24.14 24.69 -36.11
CA ARG D 259 23.87 25.22 -34.77
C ARG D 259 22.58 26.02 -34.75
N HIS D 260 22.28 26.75 -35.81
CA HIS D 260 21.09 27.59 -35.85
C HIS D 260 19.81 26.80 -35.73
N LEU D 261 19.82 25.51 -36.08
CA LEU D 261 18.64 24.67 -35.93
C LEU D 261 18.35 24.33 -34.48
N SER D 262 19.31 24.49 -33.58
CA SER D 262 19.11 24.12 -32.19
C SER D 262 18.11 25.07 -31.53
N ARG D 263 17.33 24.52 -30.59
CA ARG D 263 16.48 25.30 -29.72
C ARG D 263 17.02 25.40 -28.30
N LYS D 264 17.87 24.47 -27.88
CA LYS D 264 18.61 24.56 -26.63
C LYS D 264 20.05 24.92 -26.97
N PHE D 265 20.52 26.03 -26.40
CA PHE D 265 21.87 26.54 -26.65
C PHE D 265 22.59 26.72 -25.33
N THR D 266 23.88 26.38 -25.31
CA THR D 266 24.71 26.49 -24.12
C THR D 266 25.37 27.86 -24.13
N GLU D 267 25.00 28.72 -23.17
CA GLU D 267 25.54 30.07 -23.14
C GLU D 267 26.98 30.08 -22.61
N TRP D 268 27.21 29.42 -21.49
CA TRP D 268 28.54 29.34 -20.92
C TRP D 268 28.61 28.15 -19.97
N ALA D 269 29.83 27.74 -19.66
CA ALA D 269 30.07 26.68 -18.68
C ALA D 269 31.41 26.94 -18.03
N TYR D 270 31.42 27.08 -16.71
CA TYR D 270 32.64 27.43 -16.01
C TYR D 270 33.36 26.18 -15.51
N GLY D 271 32.73 25.46 -14.59
CA GLY D 271 33.24 24.19 -14.11
C GLY D 271 32.20 23.10 -14.31
N PRO D 272 31.66 22.53 -13.21
CA PRO D 272 30.51 21.64 -13.35
C PRO D 272 29.21 22.37 -13.65
N VAL D 273 29.19 23.70 -13.54
CA VAL D 273 27.98 24.49 -13.72
C VAL D 273 27.97 25.06 -15.12
N HIS D 274 26.83 24.95 -15.80
CA HIS D 274 26.66 25.55 -17.11
C HIS D 274 25.25 26.12 -17.23
N SER D 275 25.13 27.16 -18.04
CA SER D 275 23.88 27.87 -18.26
C SER D 275 23.43 27.67 -19.69
N SER D 276 22.23 27.14 -19.86
CA SER D 276 21.65 26.86 -21.15
C SER D 276 20.54 27.85 -21.45
N LEU D 277 20.24 28.00 -22.74
CA LEU D 277 19.21 28.90 -23.22
C LEU D 277 18.21 28.10 -24.03
N TYR D 278 16.93 28.22 -23.67
CA TYR D 278 15.84 27.60 -24.40
C TYR D 278 15.17 28.64 -25.29
N ASP D 279 14.67 28.20 -26.45
CA ASP D 279 14.35 29.15 -27.51
C ASP D 279 13.13 29.99 -27.17
N LEU D 280 12.05 29.36 -26.73
CA LEU D 280 10.74 29.96 -26.47
C LEU D 280 10.01 30.42 -27.74
N SER D 281 10.57 30.21 -28.93
CA SER D 281 9.90 30.68 -30.13
C SER D 281 8.60 29.92 -30.33
N CYS D 282 7.49 30.67 -30.31
CA CYS D 282 6.14 30.12 -30.44
C CYS D 282 5.83 29.09 -29.35
N ILE D 283 6.48 29.21 -28.20
CA ILE D 283 6.08 28.54 -26.98
C ILE D 283 5.38 29.51 -26.04
N ASP D 284 6.00 30.66 -25.80
CA ASP D 284 5.38 31.70 -24.98
C ASP D 284 4.26 32.39 -25.74
N THR D 285 4.48 32.69 -27.01
CA THR D 285 3.46 33.37 -27.80
C THR D 285 3.82 33.29 -29.28
N CYS D 286 2.80 33.24 -30.11
CA CYS D 286 2.94 33.35 -31.57
C CYS D 286 1.55 33.64 -32.12
N GLU D 287 1.47 33.75 -33.45
CA GLU D 287 0.26 34.29 -34.07
C GLU D 287 -0.93 33.37 -33.85
N LYS D 288 -0.75 32.05 -34.05
CA LYS D 288 -1.89 31.13 -34.10
C LYS D 288 -1.90 30.13 -32.96
N ASN D 289 -0.85 29.31 -32.80
CA ASN D 289 -0.89 28.16 -31.90
C ASN D 289 0.44 28.06 -31.13
N SER D 290 0.49 28.71 -29.97
CA SER D 290 1.61 28.50 -29.07
C SER D 290 1.48 27.15 -28.37
N VAL D 291 2.61 26.62 -27.93
CA VAL D 291 2.62 25.32 -27.27
C VAL D 291 1.80 25.37 -25.98
N LEU D 292 1.96 26.44 -25.20
CA LEU D 292 1.21 26.56 -23.96
C LEU D 292 -0.28 26.65 -24.20
N GLU D 293 -0.69 27.44 -25.21
CA GLU D 293 -2.11 27.53 -25.52
C GLU D 293 -2.66 26.20 -26.01
N VAL D 294 -1.89 25.51 -26.84
CA VAL D 294 -2.35 24.23 -27.39
C VAL D 294 -2.52 23.20 -26.28
N ILE D 295 -1.55 23.13 -25.37
CA ILE D 295 -1.62 22.15 -24.30
C ILE D 295 -2.74 22.50 -23.33
N ALA D 296 -2.79 23.75 -22.89
CA ALA D 296 -3.73 24.13 -21.85
C ALA D 296 -5.16 24.05 -22.32
N TYR D 297 -5.44 24.52 -23.54
CA TYR D 297 -6.80 24.54 -24.08
C TYR D 297 -7.11 23.31 -24.91
N SER D 298 -6.50 22.17 -24.57
CA SER D 298 -6.83 20.92 -25.23
C SER D 298 -8.26 20.51 -24.89
N SER D 299 -8.80 19.59 -25.68
CA SER D 299 -10.17 19.13 -25.52
C SER D 299 -10.32 18.00 -24.52
N SER D 300 -9.26 17.67 -23.78
CA SER D 300 -9.14 16.56 -22.84
C SER D 300 -8.97 15.22 -23.54
N GLU D 301 -9.01 15.17 -24.88
CA GLU D 301 -8.71 13.96 -25.62
C GLU D 301 -7.22 13.81 -25.91
N THR D 302 -6.43 14.84 -25.65
CA THR D 302 -4.98 14.73 -25.78
C THR D 302 -4.47 13.75 -24.73
N PRO D 303 -3.82 12.64 -25.11
CA PRO D 303 -3.48 11.62 -24.10
C PRO D 303 -2.58 12.10 -22.97
N ASN D 304 -1.64 13.00 -23.24
CA ASN D 304 -0.60 13.37 -22.28
C ASN D 304 -0.66 14.84 -21.89
N ARG D 305 -1.84 15.45 -21.87
CA ARG D 305 -1.94 16.87 -21.52
C ARG D 305 -1.41 17.14 -20.11
N HIS D 306 -1.56 16.18 -19.20
CA HIS D 306 -1.02 16.37 -17.85
C HIS D 306 0.50 16.32 -17.83
N ASP D 307 1.10 15.47 -18.65
CA ASP D 307 2.53 15.19 -18.57
C ASP D 307 3.37 16.10 -19.44
N MET D 308 2.80 16.67 -20.50
CA MET D 308 3.59 17.50 -21.41
C MET D 308 4.13 18.74 -20.72
N LEU D 309 3.42 19.25 -19.72
CA LEU D 309 3.91 20.43 -19.00
C LEU D 309 5.09 20.12 -18.09
N LEU D 310 5.42 18.84 -17.88
CA LEU D 310 6.59 18.49 -17.09
C LEU D 310 7.90 18.61 -17.86
N VAL D 311 7.83 18.87 -19.17
CA VAL D 311 9.04 19.09 -19.96
C VAL D 311 9.69 20.38 -19.49
N GLU D 312 10.99 20.33 -19.23
CA GLU D 312 11.77 21.30 -18.46
C GLU D 312 11.46 22.77 -18.77
N PRO D 313 11.62 23.24 -20.03
CA PRO D 313 11.38 24.66 -20.28
C PRO D 313 9.96 25.09 -19.99
N LEU D 314 8.98 24.22 -20.22
CA LEU D 314 7.59 24.61 -19.97
C LEU D 314 7.32 24.77 -18.48
N ASN D 315 7.79 23.82 -17.66
CA ASN D 315 7.58 23.92 -16.23
C ASN D 315 8.27 25.13 -15.65
N ARG D 316 9.52 25.36 -16.03
CA ARG D 316 10.24 26.52 -15.51
C ARG D 316 9.60 27.82 -16.00
N LEU D 317 9.17 27.85 -17.26
CA LEU D 317 8.54 29.06 -17.80
C LEU D 317 7.25 29.37 -17.06
N LEU D 318 6.43 28.35 -16.79
CA LEU D 318 5.18 28.59 -16.08
C LEU D 318 5.45 29.06 -14.65
N GLN D 319 6.43 28.47 -13.97
CA GLN D 319 6.75 28.93 -12.62
C GLN D 319 7.23 30.37 -12.64
N ASP D 320 8.06 30.73 -13.63
CA ASP D 320 8.54 32.10 -13.74
C ASP D 320 7.40 33.07 -14.01
N LYS D 321 6.50 32.71 -14.94
CA LYS D 321 5.36 33.56 -15.23
C LYS D 321 4.51 33.77 -13.98
N TRP D 322 4.26 32.69 -13.24
CA TRP D 322 3.53 32.77 -11.98
C TRP D 322 4.17 33.79 -11.05
N ASP D 323 5.42 33.50 -10.64
CA ASP D 323 6.08 34.31 -9.62
C ASP D 323 6.25 35.76 -10.04
N ARG D 324 6.46 36.02 -11.33
CA ARG D 324 6.73 37.37 -11.77
C ARG D 324 5.47 38.20 -11.98
N PHE D 325 4.43 37.63 -12.57
CA PHE D 325 3.28 38.39 -13.03
C PHE D 325 1.99 37.97 -12.37
N VAL D 326 1.72 36.67 -12.26
CA VAL D 326 0.34 36.23 -12.07
C VAL D 326 0.00 36.02 -10.60
N LYS D 327 0.99 35.78 -9.75
CA LYS D 327 0.75 35.52 -8.34
C LYS D 327 -0.03 36.65 -7.68
N ARG D 328 0.42 37.89 -7.89
CA ARG D 328 -0.22 39.03 -7.24
C ARG D 328 -1.62 39.26 -7.79
N ILE D 329 -1.79 39.13 -9.10
CA ILE D 329 -3.11 39.35 -9.71
C ILE D 329 -4.08 38.28 -9.23
N PHE D 330 -3.62 37.03 -9.14
CA PHE D 330 -4.47 35.95 -8.66
C PHE D 330 -4.90 36.19 -7.21
N TYR D 331 -3.96 36.60 -6.36
CA TYR D 331 -4.32 36.88 -4.98
C TYR D 331 -5.28 38.07 -4.88
N PHE D 332 -5.09 39.08 -5.72
CA PHE D 332 -6.04 40.19 -5.75
C PHE D 332 -7.43 39.74 -6.14
N ASN D 333 -7.51 38.88 -7.17
CA ASN D 333 -8.81 38.33 -7.57
C ASN D 333 -9.44 37.53 -6.43
N PHE D 334 -8.64 36.74 -5.73
CA PHE D 334 -9.16 35.97 -4.60
C PHE D 334 -9.69 36.88 -3.52
N PHE D 335 -8.96 37.96 -3.22
CA PHE D 335 -9.41 38.92 -2.23
C PHE D 335 -10.73 39.58 -2.64
N VAL D 336 -10.83 39.96 -3.92
CA VAL D 336 -12.06 40.59 -4.40
C VAL D 336 -13.22 39.62 -4.32
N TYR D 337 -12.99 38.35 -4.66
CA TYR D 337 -14.05 37.37 -4.56
C TYR D 337 -14.48 37.15 -3.11
N CYS D 338 -13.51 37.17 -2.19
CA CYS D 338 -13.85 37.06 -0.77
C CYS D 338 -14.73 38.24 -0.33
N LEU D 339 -14.38 39.45 -0.76
CA LEU D 339 -15.22 40.61 -0.44
C LEU D 339 -16.62 40.45 -1.04
N TYR D 340 -16.68 39.98 -2.28
CA TYR D 340 -17.97 39.79 -2.94
C TYR D 340 -18.84 38.81 -2.18
N MET D 341 -18.26 37.67 -1.78
CA MET D 341 -19.04 36.68 -1.06
C MET D 341 -19.41 37.14 0.33
N ILE D 342 -18.56 37.93 0.99
CA ILE D 342 -18.94 38.48 2.28
C ILE D 342 -20.12 39.42 2.12
N ILE D 343 -20.09 40.29 1.11
CA ILE D 343 -21.19 41.21 0.88
C ILE D 343 -22.47 40.44 0.56
N PHE D 344 -22.35 39.41 -0.28
CA PHE D 344 -23.53 38.60 -0.62
C PHE D 344 -24.10 37.92 0.61
N THR D 345 -23.23 37.36 1.46
CA THR D 345 -23.70 36.70 2.68
C THR D 345 -24.40 37.69 3.59
N ALA D 346 -23.83 38.88 3.75
CA ALA D 346 -24.46 39.89 4.60
C ALA D 346 -25.80 40.32 4.04
N ALA D 347 -25.89 40.55 2.73
CA ALA D 347 -27.14 41.00 2.13
C ALA D 347 -28.21 39.93 2.25
N ALA D 348 -27.85 38.66 2.03
CA ALA D 348 -28.83 37.58 2.11
C ALA D 348 -29.26 37.34 3.55
N TYR D 349 -28.33 37.45 4.49
CA TYR D 349 -28.63 37.16 5.89
C TYR D 349 -29.70 38.09 6.42
N TYR D 350 -29.63 39.38 6.09
CA TYR D 350 -30.55 40.39 6.59
C TYR D 350 -31.71 40.66 5.64
N ARG D 351 -32.15 39.66 4.88
CA ARG D 351 -33.29 39.86 4.01
C ARG D 351 -34.53 40.13 4.86
N PRO D 352 -35.47 40.94 4.40
CA PRO D 352 -36.70 41.13 5.16
C PRO D 352 -37.58 39.89 5.11
N VAL D 353 -38.42 39.75 6.14
CA VAL D 353 -39.24 38.56 6.33
C VAL D 353 -40.69 38.77 5.96
N GLU D 354 -41.11 40.01 5.66
CA GLU D 354 -42.46 40.23 5.19
C GLU D 354 -42.66 39.55 3.84
N GLY D 355 -43.91 39.25 3.52
CA GLY D 355 -44.20 38.53 2.29
C GLY D 355 -44.23 39.44 1.09
N LEU D 356 -44.39 38.80 -0.08
CA LEU D 356 -44.65 39.50 -1.32
C LEU D 356 -43.54 40.48 -1.71
N PRO D 357 -42.39 39.99 -2.17
CA PRO D 357 -41.40 40.90 -2.74
C PRO D 357 -41.93 41.55 -4.01
N PRO D 358 -41.25 42.57 -4.55
CA PRO D 358 -40.08 43.28 -4.02
C PRO D 358 -40.46 44.15 -2.83
N TYR D 359 -39.47 44.48 -2.01
CA TYR D 359 -39.72 45.16 -0.73
C TYR D 359 -39.40 46.64 -0.85
N LYS D 360 -40.23 47.46 -0.20
CA LYS D 360 -40.03 48.90 -0.22
C LYS D 360 -38.75 49.26 0.52
N LEU D 361 -37.99 50.19 -0.05
CA LEU D 361 -36.78 50.67 0.59
C LEU D 361 -37.15 51.70 1.64
N LYS D 362 -36.81 51.42 2.90
CA LYS D 362 -37.07 52.35 3.99
C LYS D 362 -35.93 53.35 4.10
N ASN D 363 -36.26 54.56 4.54
CA ASN D 363 -35.27 55.64 4.66
C ASN D 363 -34.50 55.47 5.97
N THR D 364 -33.66 54.43 5.98
CA THR D 364 -32.84 54.12 7.14
C THR D 364 -31.53 53.51 6.68
N VAL D 365 -30.49 53.68 7.50
CA VAL D 365 -29.13 53.36 7.09
C VAL D 365 -28.97 51.87 6.79
N GLY D 366 -29.52 51.02 7.67
CA GLY D 366 -29.37 49.59 7.49
C GLY D 366 -29.94 49.10 6.17
N ASP D 367 -31.08 49.67 5.77
CA ASP D 367 -31.68 49.25 4.51
C ASP D 367 -30.94 49.80 3.31
N TYR D 368 -30.31 50.98 3.44
CA TYR D 368 -29.46 51.45 2.34
C TYR D 368 -28.27 50.52 2.16
N PHE D 369 -27.64 50.09 3.26
CA PHE D 369 -26.56 49.12 3.13
C PHE D 369 -27.07 47.81 2.54
N ARG D 370 -28.24 47.37 2.97
CA ARG D 370 -28.79 46.10 2.47
C ARG D 370 -29.02 46.15 0.97
N VAL D 371 -29.67 47.22 0.49
CA VAL D 371 -29.97 47.29 -0.93
C VAL D 371 -28.68 47.48 -1.74
N THR D 372 -27.70 48.20 -1.19
CA THR D 372 -26.41 48.31 -1.87
C THR D 372 -25.75 46.94 -2.01
N GLY D 373 -25.78 46.15 -0.94
CA GLY D 373 -25.21 44.81 -1.01
C GLY D 373 -25.94 43.92 -1.99
N GLU D 374 -27.27 44.03 -2.05
CA GLU D 374 -28.03 43.26 -3.01
C GLU D 374 -27.67 43.64 -4.44
N ILE D 375 -27.53 44.94 -4.69
CA ILE D 375 -27.17 45.40 -6.03
C ILE D 375 -25.79 44.87 -6.41
N LEU D 376 -24.83 44.92 -5.48
CA LEU D 376 -23.50 44.40 -5.76
C LEU D 376 -23.54 42.90 -6.01
N SER D 377 -24.38 42.17 -5.27
CA SER D 377 -24.50 40.73 -5.46
C SER D 377 -25.03 40.42 -6.86
N VAL D 378 -26.06 41.14 -7.28
CA VAL D 378 -26.62 40.91 -8.61
C VAL D 378 -25.61 41.29 -9.69
N SER D 379 -24.85 42.37 -9.46
CA SER D 379 -23.84 42.78 -10.42
C SER D 379 -22.78 41.69 -10.59
N GLY D 380 -22.31 41.12 -9.48
CA GLY D 380 -21.35 40.04 -9.57
C GLY D 380 -21.92 38.82 -10.26
N GLY D 381 -23.19 38.50 -10.00
CA GLY D 381 -23.82 37.40 -10.70
C GLY D 381 -23.87 37.63 -12.20
N VAL D 382 -24.21 38.84 -12.62
CA VAL D 382 -24.23 39.17 -14.04
C VAL D 382 -22.83 39.04 -14.63
N TYR D 383 -21.82 39.52 -13.90
CA TYR D 383 -20.44 39.41 -14.36
C TYR D 383 -20.05 37.96 -14.60
N PHE D 384 -20.33 37.08 -13.63
CA PHE D 384 -19.97 35.68 -13.81
C PHE D 384 -20.78 35.04 -14.92
N PHE D 385 -22.04 35.46 -15.09
CA PHE D 385 -22.85 34.95 -16.19
C PHE D 385 -22.21 35.25 -17.54
N PHE D 386 -21.84 36.50 -17.77
CA PHE D 386 -21.24 36.86 -19.05
C PHE D 386 -19.86 36.23 -19.20
N ARG D 387 -19.11 36.10 -18.11
CA ARG D 387 -17.82 35.43 -18.21
C ARG D 387 -17.98 33.98 -18.63
N GLY D 388 -18.97 33.29 -18.06
CA GLY D 388 -19.22 31.91 -18.46
C GLY D 388 -19.64 31.79 -19.92
N ILE D 389 -20.49 32.71 -20.38
CA ILE D 389 -20.90 32.67 -21.78
C ILE D 389 -19.69 32.90 -22.69
N GLN D 390 -18.84 33.87 -22.34
CA GLN D 390 -17.66 34.13 -23.13
C GLN D 390 -16.75 32.92 -23.18
N TYR D 391 -16.56 32.24 -22.05
CA TYR D 391 -15.73 31.04 -22.02
C TYR D 391 -16.30 29.98 -22.94
N PHE D 392 -17.61 29.71 -22.82
CA PHE D 392 -18.20 28.64 -23.62
C PHE D 392 -18.16 28.97 -25.11
N LEU D 393 -18.36 30.23 -25.46
CA LEU D 393 -18.27 30.62 -26.86
C LEU D 393 -16.85 30.49 -27.39
N GLN D 394 -15.85 30.84 -26.57
CA GLN D 394 -14.47 30.77 -27.05
C GLN D 394 -13.99 29.33 -27.18
N ARG D 395 -14.38 28.47 -26.24
CA ARG D 395 -13.84 27.12 -26.19
C ARG D 395 -14.67 26.10 -26.95
N ARG D 396 -15.99 26.24 -26.95
CA ARG D 396 -16.89 25.28 -27.57
C ARG D 396 -16.67 23.88 -27.02
N PRO D 397 -17.03 23.62 -25.76
CA PRO D 397 -16.88 22.25 -25.23
C PRO D 397 -17.76 21.27 -25.99
N SER D 398 -17.33 20.01 -25.98
CA SER D 398 -17.92 18.97 -26.79
C SER D 398 -19.06 18.22 -26.10
N LEU D 399 -19.47 18.63 -24.90
CA LEU D 399 -20.52 18.02 -24.08
C LEU D 399 -20.10 16.68 -23.46
N LYS D 400 -18.92 16.16 -23.78
CA LYS D 400 -18.26 15.10 -23.03
C LYS D 400 -17.04 15.61 -22.28
N SER D 401 -16.25 16.46 -22.95
CA SER D 401 -15.23 17.26 -22.30
C SER D 401 -15.81 18.37 -21.43
N LEU D 402 -17.13 18.61 -21.51
CA LEU D 402 -17.74 19.73 -20.83
C LEU D 402 -17.54 19.63 -19.32
N PHE D 403 -17.66 18.44 -18.75
CA PHE D 403 -17.57 18.25 -17.30
C PHE D 403 -16.20 17.77 -16.83
N VAL D 404 -15.58 16.83 -17.54
CA VAL D 404 -14.27 16.34 -17.11
C VAL D 404 -13.22 17.45 -17.18
N ASP D 405 -13.41 18.41 -18.06
CA ASP D 405 -12.70 19.68 -18.05
C ASP D 405 -13.71 20.79 -17.82
N SER D 406 -13.24 22.03 -17.71
CA SER D 406 -14.12 23.19 -17.57
C SER D 406 -15.05 23.09 -16.37
N TYR D 407 -14.65 22.35 -15.33
CA TYR D 407 -15.53 22.10 -14.20
C TYR D 407 -15.81 23.38 -13.41
N SER D 408 -14.77 24.12 -13.07
CA SER D 408 -14.96 25.33 -12.28
C SER D 408 -15.75 26.39 -13.05
N GLU D 409 -15.55 26.47 -14.37
CA GLU D 409 -16.33 27.40 -15.17
C GLU D 409 -17.81 27.06 -15.10
N ILE D 410 -18.14 25.77 -15.13
CA ILE D 410 -19.53 25.35 -15.00
C ILE D 410 -20.07 25.73 -13.64
N LEU D 411 -19.30 25.51 -12.59
CA LEU D 411 -19.81 25.83 -11.25
C LEU D 411 -20.07 27.32 -11.10
N PHE D 412 -19.16 28.16 -11.59
CA PHE D 412 -19.39 29.60 -11.52
C PHE D 412 -20.59 30.01 -12.36
N PHE D 413 -20.74 29.41 -13.55
CA PHE D 413 -21.87 29.75 -14.40
C PHE D 413 -23.19 29.34 -13.76
N VAL D 414 -23.23 28.16 -13.12
CA VAL D 414 -24.46 27.71 -12.47
C VAL D 414 -24.79 28.60 -11.28
N GLN D 415 -23.77 29.04 -10.54
CA GLN D 415 -23.98 30.02 -9.48
C GLN D 415 -24.65 31.27 -10.04
N SER D 416 -24.11 31.80 -11.14
CA SER D 416 -24.71 33.00 -11.72
C SER D 416 -26.13 32.74 -12.22
N LEU D 417 -26.38 31.54 -12.75
CA LEU D 417 -27.74 31.21 -13.18
C LEU D 417 -28.71 31.23 -12.01
N PHE D 418 -28.30 30.67 -10.88
CA PHE D 418 -29.15 30.72 -9.70
C PHE D 418 -29.40 32.15 -9.25
N MET D 419 -28.35 32.99 -9.31
CA MET D 419 -28.52 34.39 -8.95
C MET D 419 -29.53 35.09 -9.86
N LEU D 420 -29.43 34.85 -11.17
CA LEU D 420 -30.33 35.54 -12.09
C LEU D 420 -31.77 35.03 -11.96
N VAL D 421 -31.94 33.73 -11.75
CA VAL D 421 -33.27 33.19 -11.50
C VAL D 421 -33.83 33.80 -10.22
N SER D 422 -32.98 33.99 -9.21
CA SER D 422 -33.43 34.64 -7.98
C SER D 422 -33.90 36.05 -8.26
N VAL D 423 -33.18 36.81 -9.09
CA VAL D 423 -33.60 38.16 -9.41
C VAL D 423 -34.95 38.15 -10.12
N VAL D 424 -35.12 37.25 -11.09
CA VAL D 424 -36.37 37.19 -11.84
C VAL D 424 -37.53 36.85 -10.93
N LEU D 425 -37.35 35.87 -10.04
CA LEU D 425 -38.40 35.53 -9.10
C LEU D 425 -38.66 36.67 -8.12
N TYR D 426 -37.61 37.39 -7.74
CA TYR D 426 -37.76 38.50 -6.79
C TYR D 426 -38.68 39.57 -7.38
N PHE D 427 -38.41 39.99 -8.62
CA PHE D 427 -39.27 41.01 -9.23
C PHE D 427 -40.57 40.44 -9.77
N SER D 428 -40.72 39.12 -9.84
CA SER D 428 -41.98 38.50 -10.22
C SER D 428 -42.94 38.31 -9.05
N GLN D 429 -42.61 38.84 -7.87
CA GLN D 429 -43.47 38.73 -6.69
C GLN D 429 -43.68 37.28 -6.26
N ARG D 430 -42.60 36.50 -6.28
CA ARG D 430 -42.60 35.13 -5.82
C ARG D 430 -41.55 34.98 -4.72
N LYS D 431 -41.99 34.55 -3.54
CA LYS D 431 -41.07 34.30 -2.44
C LYS D 431 -40.07 33.19 -2.75
N GLU D 432 -40.38 32.33 -3.73
CA GLU D 432 -39.49 31.27 -4.16
C GLU D 432 -38.11 31.76 -4.58
N TYR D 433 -37.92 33.07 -4.81
CA TYR D 433 -36.59 33.59 -5.08
C TYR D 433 -35.61 33.20 -3.99
N VAL D 434 -36.07 33.11 -2.73
CA VAL D 434 -35.18 32.71 -1.65
C VAL D 434 -34.61 31.33 -1.93
N ALA D 435 -35.45 30.42 -2.42
CA ALA D 435 -34.99 29.07 -2.75
C ALA D 435 -33.84 29.12 -3.74
N SER D 436 -33.90 30.02 -4.73
CA SER D 436 -32.77 30.12 -5.64
C SER D 436 -31.57 30.74 -4.94
N MET D 437 -31.80 31.82 -4.20
CA MET D 437 -30.70 32.63 -3.68
C MET D 437 -29.78 31.81 -2.80
N VAL D 438 -30.38 31.04 -1.88
CA VAL D 438 -29.57 30.26 -0.95
C VAL D 438 -28.70 29.27 -1.70
N PHE D 439 -29.22 28.66 -2.77
CA PHE D 439 -28.37 27.74 -3.52
C PHE D 439 -27.16 28.46 -4.07
N SER D 440 -27.38 29.63 -4.68
CA SER D 440 -26.26 30.42 -5.17
C SER D 440 -25.30 30.72 -4.03
N LEU D 441 -25.84 31.10 -2.88
CA LEU D 441 -25.01 31.43 -1.74
C LEU D 441 -24.14 30.25 -1.36
N ALA D 442 -24.75 29.06 -1.30
CA ALA D 442 -23.96 27.87 -0.97
C ALA D 442 -22.88 27.65 -2.00
N MET D 443 -23.25 27.70 -3.28
CA MET D 443 -22.27 27.50 -4.33
C MET D 443 -21.22 28.58 -4.28
N GLY D 444 -21.65 29.81 -3.95
CA GLY D 444 -20.72 30.92 -3.92
C GLY D 444 -19.60 30.69 -2.94
N TRP D 445 -19.86 29.97 -1.86
CA TRP D 445 -18.81 29.68 -0.91
C TRP D 445 -17.96 28.50 -1.35
N THR D 446 -18.59 27.45 -1.89
CA THR D 446 -17.82 26.28 -2.26
C THR D 446 -16.91 26.56 -3.44
N ASN D 447 -17.27 27.51 -4.29
CA ASN D 447 -16.41 27.92 -5.38
C ASN D 447 -15.13 28.60 -4.90
N MET D 448 -15.02 28.91 -3.60
CA MET D 448 -13.73 29.32 -3.07
C MET D 448 -12.66 28.27 -3.33
N LEU D 449 -13.05 27.00 -3.44
CA LEU D 449 -12.08 25.96 -3.75
C LEU D 449 -11.39 26.19 -5.08
N TYR D 450 -12.02 26.93 -6.00
CA TYR D 450 -11.35 27.28 -7.25
C TYR D 450 -10.04 27.97 -6.99
N TYR D 451 -9.99 28.81 -5.98
CA TYR D 451 -8.79 29.58 -5.67
C TYR D 451 -7.76 28.79 -4.90
N THR D 452 -7.98 27.50 -4.64
CA THR D 452 -6.93 26.72 -3.99
C THR D 452 -5.77 26.44 -4.94
N ARG D 453 -5.98 26.53 -6.25
CA ARG D 453 -4.85 26.50 -7.16
C ARG D 453 -3.98 27.72 -6.92
N GLY D 454 -2.67 27.54 -7.06
CA GLY D 454 -1.69 28.47 -6.55
C GLY D 454 -1.14 28.07 -5.21
N PHE D 455 -1.80 27.16 -4.51
CA PHE D 455 -1.29 26.51 -3.32
C PHE D 455 -1.23 25.02 -3.64
N GLN D 456 -0.03 24.45 -3.62
CA GLN D 456 0.19 23.10 -4.13
C GLN D 456 -0.68 22.07 -3.41
N GLN D 457 -0.61 22.04 -2.07
CA GLN D 457 -1.29 20.99 -1.33
C GLN D 457 -2.80 21.21 -1.31
N MET D 458 -3.23 22.44 -1.10
CA MET D 458 -4.66 22.72 -1.08
C MET D 458 -5.26 22.53 -2.46
N GLY D 459 -4.54 22.94 -3.50
CA GLY D 459 -5.01 22.70 -4.86
C GLY D 459 -5.11 21.22 -5.17
N ILE D 460 -4.13 20.43 -4.70
CA ILE D 460 -4.20 18.99 -4.91
C ILE D 460 -5.42 18.40 -4.23
N TYR D 461 -5.71 18.85 -3.00
CA TYR D 461 -6.87 18.35 -2.29
C TYR D 461 -8.17 18.73 -3.01
N ALA D 462 -8.25 19.96 -3.53
CA ALA D 462 -9.43 20.37 -4.29
C ALA D 462 -9.58 19.55 -5.56
N VAL D 463 -8.45 19.22 -6.21
CA VAL D 463 -8.49 18.38 -7.40
C VAL D 463 -9.01 16.99 -7.05
N MET D 464 -8.56 16.46 -5.91
CA MET D 464 -9.07 15.16 -5.46
C MET D 464 -10.58 15.22 -5.26
N ILE D 465 -11.09 16.30 -4.67
CA ILE D 465 -12.52 16.43 -4.46
C ILE D 465 -13.26 16.46 -5.80
N GLU D 466 -12.74 17.26 -6.74
CA GLU D 466 -13.36 17.39 -8.05
C GLU D 466 -13.44 16.04 -8.76
N LYS D 467 -12.33 15.30 -8.77
CA LYS D 467 -12.33 14.03 -9.48
C LYS D 467 -13.13 12.97 -8.74
N MET D 468 -13.20 13.04 -7.41
CA MET D 468 -14.08 12.16 -6.67
C MET D 468 -15.52 12.37 -7.09
N ILE D 469 -15.95 13.63 -7.20
CA ILE D 469 -17.33 13.91 -7.59
C ILE D 469 -17.57 13.46 -9.02
N LEU D 470 -16.66 13.81 -9.94
CA LEU D 470 -16.91 13.57 -11.35
C LEU D 470 -16.84 12.09 -11.70
N ARG D 471 -15.92 11.35 -11.09
CA ARG D 471 -15.63 9.98 -11.46
C ARG D 471 -16.43 8.97 -10.64
N ASP D 472 -16.37 9.09 -9.31
CA ASP D 472 -16.78 8.02 -8.42
C ASP D 472 -18.16 8.22 -7.78
N LEU D 473 -18.70 9.44 -7.79
CA LEU D 473 -19.94 9.68 -7.07
C LEU D 473 -21.09 8.86 -7.64
N CYS D 474 -21.21 8.80 -8.96
CA CYS D 474 -22.37 8.16 -9.57
C CYS D 474 -22.40 6.67 -9.30
N ARG D 475 -21.26 5.99 -9.47
CA ARG D 475 -21.24 4.54 -9.36
C ARG D 475 -21.62 4.09 -7.95
N PHE D 476 -21.10 4.77 -6.93
CA PHE D 476 -21.44 4.39 -5.56
C PHE D 476 -22.82 4.88 -5.14
N MET D 477 -23.23 6.06 -5.61
CA MET D 477 -24.55 6.55 -5.23
C MET D 477 -25.66 5.71 -5.84
N PHE D 478 -25.46 5.19 -7.05
CA PHE D 478 -26.47 4.32 -7.63
C PHE D 478 -26.71 3.10 -6.76
N VAL D 479 -25.64 2.42 -6.36
CA VAL D 479 -25.78 1.21 -5.55
C VAL D 479 -26.35 1.56 -4.18
N TYR D 480 -25.87 2.63 -3.56
CA TYR D 480 -26.39 3.01 -2.26
C TYR D 480 -27.88 3.33 -2.32
N LEU D 481 -28.29 4.09 -3.34
CA LEU D 481 -29.69 4.43 -3.48
C LEU D 481 -30.53 3.20 -3.81
N VAL D 482 -29.97 2.23 -4.54
CA VAL D 482 -30.70 1.00 -4.81
C VAL D 482 -31.00 0.28 -3.52
N PHE D 483 -29.98 0.11 -2.67
CA PHE D 483 -30.20 -0.56 -1.39
C PHE D 483 -31.16 0.23 -0.51
N LEU D 484 -30.97 1.54 -0.43
CA LEU D 484 -31.82 2.39 0.40
C LEU D 484 -33.26 2.31 -0.05
N PHE D 485 -33.51 2.45 -1.35
CA PHE D 485 -34.87 2.46 -1.85
C PHE D 485 -35.52 1.09 -1.69
N GLY D 486 -34.78 0.01 -1.94
CA GLY D 486 -35.34 -1.31 -1.75
C GLY D 486 -35.78 -1.55 -0.32
N PHE D 487 -34.92 -1.24 0.64
CA PHE D 487 -35.30 -1.49 2.02
C PHE D 487 -36.34 -0.49 2.51
N SER D 488 -36.34 0.75 1.97
CA SER D 488 -37.39 1.70 2.32
C SER D 488 -38.74 1.20 1.84
N THR D 489 -38.80 0.68 0.61
CA THR D 489 -40.06 0.16 0.10
C THR D 489 -40.53 -1.03 0.91
N ALA D 490 -39.60 -1.93 1.28
CA ALA D 490 -39.99 -3.07 2.11
C ALA D 490 -40.55 -2.61 3.45
N VAL D 491 -39.86 -1.67 4.11
CA VAL D 491 -40.27 -1.25 5.45
C VAL D 491 -41.58 -0.49 5.38
N VAL D 492 -41.74 0.41 4.42
CA VAL D 492 -42.97 1.19 4.35
C VAL D 492 -44.14 0.31 3.95
N THR D 493 -43.89 -0.74 3.15
CA THR D 493 -44.94 -1.71 2.88
C THR D 493 -45.34 -2.45 4.15
N LEU D 494 -44.36 -2.76 5.00
CA LEU D 494 -44.67 -3.46 6.24
C LEU D 494 -45.50 -2.60 7.19
N ILE D 495 -45.25 -1.28 7.20
CA ILE D 495 -45.94 -0.38 8.12
C ILE D 495 -47.38 -0.21 7.67
N GLU D 496 -48.30 -0.22 8.64
CA GLU D 496 -49.74 -0.10 8.39
C GLU D 496 -50.30 1.11 9.10
N ASP D 497 -50.74 2.10 8.34
CA ASP D 497 -51.46 3.27 8.86
C ASP D 497 -50.71 3.94 10.00
N GLY D 498 -49.39 4.03 9.85
CA GLY D 498 -48.55 4.64 10.87
C GLY D 498 -48.37 6.12 10.64
N LYS D 499 -47.59 6.74 11.53
CA LYS D 499 -47.21 8.12 11.33
C LYS D 499 -46.25 8.26 10.16
N TYR D 500 -45.39 7.27 9.92
CA TYR D 500 -44.42 7.37 8.85
C TYR D 500 -45.06 7.03 7.50
N ASN D 501 -45.39 5.74 7.31
CA ASN D 501 -46.26 5.22 6.25
C ASN D 501 -46.13 5.92 4.91
N SER D 502 -44.91 6.27 4.51
CA SER D 502 -44.71 6.99 3.28
C SER D 502 -43.26 6.82 2.85
N LEU D 503 -43.02 6.90 1.54
CA LEU D 503 -41.68 6.68 1.03
C LEU D 503 -40.72 7.74 1.55
N TYR D 504 -41.15 8.99 1.63
CA TYR D 504 -40.25 10.04 2.07
C TYR D 504 -39.81 9.82 3.52
N SER D 505 -40.78 9.59 4.42
CA SER D 505 -40.44 9.46 5.83
C SER D 505 -39.57 8.25 6.08
N THR D 506 -39.91 7.11 5.47
CA THR D 506 -39.13 5.90 5.70
C THR D 506 -37.75 6.00 5.05
N CYS D 507 -37.66 6.60 3.86
CA CYS D 507 -36.36 6.79 3.24
C CYS D 507 -35.47 7.67 4.08
N LEU D 508 -36.02 8.77 4.61
CA LEU D 508 -35.23 9.64 5.48
C LEU D 508 -34.82 8.92 6.75
N GLU D 509 -35.72 8.14 7.32
CA GLU D 509 -35.43 7.47 8.58
C GLU D 509 -34.39 6.38 8.41
N LEU D 510 -34.37 5.71 7.25
CA LEU D 510 -33.31 4.75 6.98
C LEU D 510 -32.01 5.44 6.61
N PHE D 511 -32.09 6.59 5.95
CA PHE D 511 -30.88 7.37 5.68
C PHE D 511 -30.21 7.79 6.97
N LYS D 512 -31.00 8.03 8.03
CA LYS D 512 -30.41 8.39 9.31
C LYS D 512 -29.44 7.36 9.84
N PHE D 513 -29.57 6.09 9.45
CA PHE D 513 -28.61 5.08 9.86
C PHE D 513 -27.22 5.38 9.31
N THR D 514 -27.15 5.91 8.10
CA THR D 514 -25.86 6.19 7.49
C THR D 514 -25.10 7.28 8.24
N ILE D 515 -25.81 8.23 8.84
CA ILE D 515 -25.19 9.35 9.54
C ILE D 515 -25.10 9.09 11.05
N GLY D 516 -25.27 7.84 11.48
CA GLY D 516 -25.15 7.52 12.88
C GLY D 516 -26.28 8.02 13.74
N MET D 517 -27.48 8.11 13.19
CA MET D 517 -28.66 8.59 13.92
C MET D 517 -29.87 7.68 13.74
N GLY D 518 -29.67 6.46 13.26
CA GLY D 518 -30.80 5.57 13.03
C GLY D 518 -31.42 5.13 14.33
N ASP D 519 -32.74 5.29 14.43
CA ASP D 519 -33.41 5.02 15.70
C ASP D 519 -33.50 3.52 15.98
N LEU D 520 -33.84 2.72 14.96
CA LEU D 520 -33.95 1.27 15.03
C LEU D 520 -35.22 0.79 15.72
N GLU D 521 -35.99 1.71 16.32
CA GLU D 521 -37.32 1.41 16.85
C GLU D 521 -38.25 2.57 16.56
N PHE D 522 -38.14 3.16 15.37
CA PHE D 522 -38.81 4.44 15.13
C PHE D 522 -40.32 4.31 15.03
N THR D 523 -40.85 3.10 14.87
CA THR D 523 -42.29 2.93 14.81
C THR D 523 -42.64 1.55 15.34
N GLU D 524 -43.90 1.41 15.75
CA GLU D 524 -44.48 0.12 16.11
C GLU D 524 -45.78 -0.15 15.35
N ASN D 525 -46.10 0.64 14.34
CA ASN D 525 -47.34 0.48 13.58
C ASN D 525 -47.14 -0.59 12.51
N TYR D 526 -46.97 -1.82 12.98
CA TYR D 526 -46.80 -2.95 12.09
C TYR D 526 -47.17 -4.22 12.84
N ASP D 527 -47.37 -5.29 12.08
CA ASP D 527 -47.31 -6.64 12.59
C ASP D 527 -45.94 -7.21 12.24
N PHE D 528 -45.64 -8.39 12.79
CA PHE D 528 -44.39 -9.10 12.47
C PHE D 528 -43.17 -8.23 12.78
N LYS D 529 -42.99 -7.97 14.08
CA LYS D 529 -41.84 -7.18 14.54
C LYS D 529 -40.53 -7.82 14.11
N ALA D 530 -40.49 -9.15 14.05
CA ALA D 530 -39.27 -9.83 13.64
C ALA D 530 -38.89 -9.43 12.21
N VAL D 531 -39.87 -9.30 11.33
CA VAL D 531 -39.58 -8.91 9.96
C VAL D 531 -39.01 -7.49 9.93
N PHE D 532 -39.62 -6.58 10.69
CA PHE D 532 -39.16 -5.20 10.73
C PHE D 532 -37.72 -5.10 11.21
N ILE D 533 -37.41 -5.77 12.32
CA ILE D 533 -36.06 -5.66 12.86
C ILE D 533 -35.06 -6.38 11.97
N ILE D 534 -35.46 -7.50 11.36
CA ILE D 534 -34.56 -8.19 10.44
C ILE D 534 -34.25 -7.32 9.24
N LEU D 535 -35.25 -6.65 8.69
CA LEU D 535 -35.00 -5.75 7.57
C LEU D 535 -34.05 -4.62 7.96
N LEU D 536 -34.25 -4.02 9.13
CA LEU D 536 -33.37 -2.93 9.53
C LEU D 536 -31.94 -3.41 9.75
N LEU D 537 -31.76 -4.56 10.41
CA LEU D 537 -30.42 -5.06 10.66
C LEU D 537 -29.73 -5.45 9.35
N ALA D 538 -30.47 -6.06 8.42
CA ALA D 538 -29.90 -6.39 7.13
C ALA D 538 -29.48 -5.13 6.39
N TYR D 539 -30.32 -4.09 6.43
CA TYR D 539 -29.97 -2.84 5.76
C TYR D 539 -28.70 -2.24 6.37
N VAL D 540 -28.59 -2.26 7.70
CA VAL D 540 -27.41 -1.70 8.35
C VAL D 540 -26.16 -2.45 7.93
N ILE D 541 -26.21 -3.79 7.98
CA ILE D 541 -25.02 -4.57 7.66
C ILE D 541 -24.63 -4.39 6.20
N LEU D 542 -25.63 -4.40 5.30
CA LEU D 542 -25.34 -4.23 3.89
C LEU D 542 -24.78 -2.84 3.61
N THR D 543 -25.29 -1.81 4.29
CA THR D 543 -24.77 -0.47 4.10
C THR D 543 -23.32 -0.37 4.56
N TYR D 544 -22.99 -0.99 5.68
CA TYR D 544 -21.59 -0.97 6.10
C TYR D 544 -20.71 -1.76 5.15
N ILE D 545 -21.23 -2.85 4.57
CA ILE D 545 -20.49 -3.57 3.54
C ILE D 545 -20.24 -2.65 2.35
N LEU D 546 -21.26 -1.90 1.94
CA LEU D 546 -21.10 -0.98 0.81
C LEU D 546 -20.03 0.05 1.09
N LEU D 547 -20.08 0.69 2.26
CA LEU D 547 -19.09 1.72 2.57
C LEU D 547 -17.69 1.13 2.65
N LEU D 548 -17.57 -0.06 3.23
CA LEU D 548 -16.26 -0.71 3.34
C LEU D 548 -15.70 -1.04 1.96
N ASN D 549 -16.55 -1.56 1.06
CA ASN D 549 -16.08 -1.86 -0.28
C ASN D 549 -15.75 -0.60 -1.07
N MET D 550 -16.49 0.49 -0.83
CA MET D 550 -16.15 1.77 -1.44
C MET D 550 -14.77 2.22 -1.00
N LEU D 551 -14.50 2.09 0.30
CA LEU D 551 -13.18 2.44 0.84
C LEU D 551 -12.10 1.62 0.17
N ILE D 552 -12.30 0.30 0.09
CA ILE D 552 -11.27 -0.57 -0.48
C ILE D 552 -11.07 -0.26 -1.97
N ALA D 553 -12.17 -0.03 -2.70
CA ALA D 553 -12.05 0.25 -4.12
C ALA D 553 -11.27 1.52 -4.36
N LEU D 554 -11.52 2.56 -3.57
CA LEU D 554 -10.75 3.79 -3.72
C LEU D 554 -9.31 3.60 -3.26
N MET D 555 -9.07 2.73 -2.27
CA MET D 555 -7.71 2.43 -1.87
C MET D 555 -6.95 1.70 -2.96
N GLY D 556 -7.66 0.98 -3.83
CA GLY D 556 -7.02 0.26 -4.91
C GLY D 556 -6.21 1.14 -5.86
N GLU D 557 -6.49 2.44 -5.89
CA GLU D 557 -5.81 3.38 -6.77
C GLU D 557 -4.77 4.25 -6.06
N THR D 558 -4.47 3.99 -4.79
CA THR D 558 -3.56 4.83 -4.04
C THR D 558 -2.09 4.48 -4.25
N VAL D 559 -1.77 3.54 -5.13
CA VAL D 559 -0.38 3.14 -5.31
C VAL D 559 0.27 4.13 -6.26
N ASN D 560 0.64 5.30 -5.72
CA ASN D 560 1.38 6.34 -6.42
C ASN D 560 0.59 6.99 -7.57
N LYS D 561 -0.64 6.55 -7.83
CA LYS D 561 -1.39 7.07 -8.96
C LYS D 561 -2.13 8.35 -8.60
N ILE D 562 -2.88 8.33 -7.50
CA ILE D 562 -3.71 9.48 -7.13
C ILE D 562 -2.85 10.69 -6.82
N ALA D 563 -1.77 10.50 -6.08
CA ALA D 563 -0.93 11.64 -5.68
C ALA D 563 -0.32 12.32 -6.90
N GLN D 564 0.34 11.54 -7.75
CA GLN D 564 1.01 12.12 -8.91
C GLN D 564 0.00 12.68 -9.91
N GLU D 565 -1.11 11.96 -10.12
CA GLU D 565 -2.11 12.43 -11.07
C GLU D 565 -2.75 13.73 -10.61
N SER D 566 -3.06 13.83 -9.32
CA SER D 566 -3.62 15.07 -8.79
C SER D 566 -2.60 16.20 -8.86
N LYS D 567 -1.33 15.90 -8.60
CA LYS D 567 -0.31 16.94 -8.71
C LYS D 567 -0.21 17.47 -10.13
N ASN D 568 -0.18 16.57 -11.11
CA ASN D 568 -0.08 17.02 -12.50
C ASN D 568 -1.33 17.77 -12.93
N ILE D 569 -2.51 17.33 -12.47
CA ILE D 569 -3.73 18.05 -12.81
C ILE D 569 -3.72 19.44 -12.21
N TRP D 570 -3.22 19.56 -10.97
CA TRP D 570 -3.09 20.88 -10.36
C TRP D 570 -2.16 21.77 -11.16
N LYS D 571 -1.04 21.21 -11.62
CA LYS D 571 -0.11 21.99 -12.43
C LYS D 571 -0.79 22.46 -13.72
N LEU D 572 -1.57 21.59 -14.35
CA LEU D 572 -2.29 21.99 -15.56
C LEU D 572 -3.30 23.09 -15.26
N GLN D 573 -4.02 22.99 -14.14
CA GLN D 573 -4.98 24.01 -13.77
C GLN D 573 -4.29 25.34 -13.53
N ARG D 574 -3.15 25.33 -12.85
CA ARG D 574 -2.42 26.56 -12.63
C ARG D 574 -1.92 27.14 -13.95
N ALA D 575 -1.49 26.29 -14.89
CA ALA D 575 -1.08 26.78 -16.19
C ALA D 575 -2.22 27.47 -16.91
N ILE D 576 -3.43 26.88 -16.83
CA ILE D 576 -4.60 27.50 -17.44
C ILE D 576 -4.88 28.85 -16.79
N THR D 577 -4.77 28.91 -15.46
CA THR D 577 -4.97 30.18 -14.76
C THR D 577 -3.97 31.22 -15.21
N ILE D 578 -2.71 30.82 -15.37
CA ILE D 578 -1.66 31.75 -15.82
C ILE D 578 -2.00 32.30 -17.20
N LEU D 579 -2.38 31.41 -18.12
CA LEU D 579 -2.65 31.86 -19.48
C LEU D 579 -3.87 32.77 -19.52
N ASP D 580 -4.92 32.44 -18.76
CA ASP D 580 -6.10 33.32 -18.73
C ASP D 580 -5.76 34.67 -18.12
N THR D 581 -4.98 34.70 -17.05
CA THR D 581 -4.60 35.95 -16.43
C THR D 581 -3.79 36.82 -17.38
N GLU D 582 -2.85 36.21 -18.11
CA GLU D 582 -2.06 36.98 -19.06
C GLU D 582 -2.90 37.47 -20.22
N LYS D 583 -3.87 36.67 -20.69
CA LYS D 583 -4.73 37.14 -21.77
C LYS D 583 -5.64 38.27 -21.31
N SER D 584 -6.01 38.29 -20.03
CA SER D 584 -6.85 39.39 -19.53
C SER D 584 -6.03 40.67 -19.36
N PHE D 585 -5.08 40.65 -18.42
CA PHE D 585 -3.98 41.60 -18.15
C PHE D 585 -4.43 43.00 -17.73
N LEU D 586 -5.68 43.39 -17.98
CA LEU D 586 -6.40 44.42 -17.24
C LEU D 586 -5.83 45.85 -17.32
N LYS D 587 -4.64 46.05 -17.89
CA LYS D 587 -4.02 47.38 -17.88
C LYS D 587 -3.17 47.67 -19.10
N CYS D 588 -3.30 46.89 -20.18
CA CYS D 588 -2.47 47.06 -21.38
C CYS D 588 -0.98 47.02 -21.06
N MET D 589 -0.59 46.07 -20.20
CA MET D 589 0.81 45.92 -19.79
C MET D 589 1.53 44.95 -20.74
N ARG D 590 2.78 45.31 -21.06
CA ARG D 590 3.63 44.50 -21.93
C ARG D 590 4.68 43.69 -21.18
N LYS D 591 4.81 43.88 -19.86
CA LYS D 591 5.85 43.19 -19.10
C LYS D 591 5.60 41.69 -19.00
N ALA D 592 4.42 41.20 -19.39
CA ALA D 592 4.14 39.77 -19.32
C ALA D 592 5.00 38.95 -20.28
N PHE D 593 5.64 39.60 -21.27
CA PHE D 593 6.52 38.91 -22.21
C PHE D 593 7.88 38.81 -21.55
N ARG D 594 8.21 37.63 -21.03
CA ARG D 594 9.34 37.43 -20.14
C ARG D 594 10.51 36.81 -20.88
N SER D 595 11.60 36.60 -20.14
CA SER D 595 12.83 35.91 -20.50
C SER D 595 13.79 36.76 -21.33
N GLY D 596 13.40 37.97 -21.74
CA GLY D 596 14.33 38.89 -22.36
C GLY D 596 14.80 38.43 -23.73
N LYS D 597 15.35 39.38 -24.48
CA LYS D 597 15.76 39.18 -25.87
C LYS D 597 17.26 38.97 -25.90
N LEU D 598 17.68 37.72 -26.05
CA LEU D 598 19.10 37.35 -26.06
C LEU D 598 19.52 36.91 -27.45
N LEU D 599 20.81 37.09 -27.73
CA LEU D 599 21.41 36.65 -28.98
C LEU D 599 21.96 35.25 -28.80
N GLN D 600 21.40 34.28 -29.52
CA GLN D 600 21.79 32.89 -29.32
C GLN D 600 23.12 32.59 -30.01
N VAL D 601 23.17 32.78 -31.33
CA VAL D 601 24.34 32.47 -32.13
C VAL D 601 24.88 33.73 -32.82
N GLY D 602 24.01 34.47 -33.49
CA GLY D 602 24.45 35.60 -34.29
C GLY D 602 25.02 35.22 -35.64
N PHE D 603 24.96 33.94 -36.01
CA PHE D 603 25.46 33.45 -37.29
C PHE D 603 24.39 32.53 -37.86
N THR D 604 23.46 33.12 -38.60
CA THR D 604 22.45 32.40 -39.34
C THR D 604 23.06 31.88 -40.64
N PRO D 605 22.31 31.14 -41.45
CA PRO D 605 22.84 30.74 -42.76
C PRO D 605 23.28 31.91 -43.63
N ASP D 606 22.62 33.06 -43.49
CA ASP D 606 23.07 34.31 -44.09
C ASP D 606 23.80 35.13 -43.04
N GLY D 607 24.17 36.36 -43.39
CA GLY D 607 24.95 37.19 -42.49
C GLY D 607 24.19 37.87 -41.37
N LYS D 608 22.91 37.56 -41.21
CA LYS D 608 22.10 38.18 -40.17
C LYS D 608 22.38 37.52 -38.82
N ASP D 609 22.01 38.24 -37.76
CA ASP D 609 22.08 37.77 -36.39
C ASP D 609 20.68 37.44 -35.89
N ASP D 610 20.58 36.45 -35.01
CA ASP D 610 19.30 35.86 -34.60
C ASP D 610 19.07 36.07 -33.11
N TYR D 611 18.24 37.06 -32.78
CA TYR D 611 17.72 37.25 -31.43
C TYR D 611 16.42 36.47 -31.31
N ARG D 612 16.34 35.55 -30.34
CA ARG D 612 15.28 34.55 -30.32
C ARG D 612 14.52 34.49 -28.99
N TRP D 613 14.65 35.51 -28.14
CA TRP D 613 13.87 35.62 -26.90
C TRP D 613 13.99 34.35 -26.04
N CYS D 614 15.18 34.13 -25.51
CA CYS D 614 15.51 32.86 -24.88
C CYS D 614 15.33 32.91 -23.36
N PHE D 615 15.16 31.72 -22.77
CA PHE D 615 15.00 31.52 -21.34
C PHE D 615 16.25 30.87 -20.78
N ARG D 616 16.83 31.47 -19.75
CA ARG D 616 18.08 31.01 -19.17
C ARG D 616 17.82 30.02 -18.03
N VAL D 617 18.52 28.90 -18.04
CA VAL D 617 18.41 27.87 -17.01
C VAL D 617 19.82 27.42 -16.63
N ASP D 618 20.14 27.43 -15.35
CA ASP D 618 21.43 27.01 -14.85
C ASP D 618 21.33 25.57 -14.33
N GLU D 619 22.37 24.78 -14.59
CA GLU D 619 22.41 23.38 -14.17
C GLU D 619 23.82 23.04 -13.76
N VAL D 620 23.95 22.03 -12.89
CA VAL D 620 25.23 21.56 -12.38
C VAL D 620 25.31 20.06 -12.63
N ASN D 621 26.41 19.62 -13.24
CA ASN D 621 26.68 18.21 -13.50
C ASN D 621 28.08 17.89 -13.00
N TRP D 622 28.17 16.98 -12.04
CA TRP D 622 29.44 16.59 -11.44
C TRP D 622 30.10 15.43 -12.16
N THR D 623 29.55 14.97 -13.28
CA THR D 623 30.14 13.94 -14.12
C THR D 623 30.32 14.48 -15.53
N THR D 624 31.03 13.71 -16.35
CA THR D 624 31.33 14.09 -17.73
C THR D 624 32.05 15.44 -17.76
N TRP D 625 33.24 15.45 -17.15
CA TRP D 625 34.06 16.66 -17.13
C TRP D 625 34.58 16.99 -18.52
CBT 6EU E . -8.64 -17.39 24.92
OAH 6EU E . -7.79 -17.29 23.81
CBQ 6EU E . -8.05 -16.18 22.99
CBO 6EU E . -9.04 -15.38 23.28
CBS 6EU E . -7.19 -15.93 21.76
OAI 6EU E . -6.13 -16.79 21.45
CBR 6EU E . -7.43 -14.88 20.99
CBP 6EU E . -8.59 -13.94 21.33
CBN 6EU E . -9.33 -14.17 22.39
CBM 6EU E . -10.50 -13.23 22.74
CBK 6EU E . -9.92 -11.90 23.30
OAG 6EU E . -8.76 -11.74 23.40
OAF 6EU E . -10.81 -10.87 23.71
CBC 6EU E . -10.11 -9.75 24.22
CAX 6EU E . -10.36 -9.69 25.75
CAS 6EU E . -9.54 -8.95 26.48
CAK 6EU E . -8.98 -9.45 27.77
CAU 6EU E . -11.77 -10.04 26.26
CAR 6EU E . -11.92 -10.02 27.84
OAD 6EU E . -11.28 -11.13 28.39
CAZ 6EU E . -13.32 -10.07 28.21
OAE 6EU E . -14.15 -10.73 27.70
CBA 6EU E . -13.52 -9.06 29.42
CBF 6EU E . -14.72 -8.98 30.34
CAW 6EU E . -12.34 -8.23 29.48
CAO 6EU E . -11.37 -8.74 28.38
CAJ 6EU E . -9.97 -8.91 28.97
OAA 6EU E . -9.47 -7.41 29.33
CAN 6EU E . -9.53 -9.58 30.25
CAT 6EU E . -9.72 -8.69 31.44
CAP 6EU E . -8.01 -10.04 30.15
CAM 6EU E . -7.18 -9.00 29.40
CAV 6EU E . -5.69 -9.39 29.42
CBB 6EU E . -4.95 -9.07 28.14
CBD 6EU E . -5.46 -10.81 29.95
OAC 6EU E . -7.30 -7.92 29.91
CAL 6EU E . -7.68 -8.85 27.94
OAB 6EU E . -7.87 -7.64 27.77
CAQ 6EU E . -8.13 -7.18 28.97
CAY 6EU E . -7.84 -5.67 29.02
CBE 6EU E . -8.82 -4.97 28.07
CBG 6EU E . -9.93 -4.45 28.53
CBI 6EU E . -10.90 -3.77 27.59
CBL 6EU E . -10.62 -3.69 26.31
CBJ 6EU E . -9.33 -4.27 25.77
CBH 6EU E . -8.49 -4.87 26.59
NA NA F . -24.46 8.97 16.51
NA NA G . -21.50 7.88 14.51
CBT 6EU H . -28.55 -10.74 -8.19
OAH 6EU H . -27.20 -10.67 -8.54
CBQ 6EU H . -26.44 -9.86 -7.69
CBO 6EU H . -27.02 -9.21 -6.70
CBS 6EU H . -24.93 -9.71 -7.91
OAI 6EU H . -24.31 -10.39 -8.96
CBR 6EU H . -24.22 -8.95 -7.12
CBP 6EU H . -24.89 -8.21 -5.96
CBN 6EU H . -26.19 -8.33 -5.77
CBM 6EU H . -26.89 -7.58 -4.62
CBK 6EU H . -26.52 -8.26 -3.28
OAG 6EU H . -25.82 -9.21 -3.27
OAF 6EU H . -27.05 -7.75 -2.06
CBC 6EU H . -26.64 -8.52 -0.94
CAX 6EU H . -27.88 -9.30 -0.43
CAS 6EU H . -27.67 -10.33 0.37
CAK 6EU H . -28.39 -11.62 0.19
CAU 6EU H . -29.23 -8.57 -0.42
CAR 6EU H . -30.45 -9.47 0.06
OAD 6EU H . -30.78 -10.40 -0.92
CAZ 6EU H . -31.61 -8.63 0.31
OAE 6EU H . -31.97 -7.72 -0.36
CBA 6EU H . -32.30 -9.17 1.63
CBF 6EU H . -33.69 -8.83 2.14
CAW 6EU H . -31.35 -10.04 2.28
CAO 6EU H . -30.11 -10.13 1.35
CAJ 6EU H . -29.71 -11.59 1.17
OAA 6EU H . -29.20 -12.08 2.63
CAN 6EU H . -30.56 -12.80 0.85
CAT 6EU H . -31.25 -13.33 2.06
CAP 6EU H . -29.67 -13.93 0.19
CAM 6EU H . -28.29 -14.01 0.84
CAV 6EU H . -27.50 -15.20 0.26
CBB 6EU H . -26.01 -14.93 0.13
CBD 6EU H . -28.13 -15.80 -0.99
OAC 6EU H . -28.39 -14.16 2.02
CAL 6EU H . -27.51 -12.68 0.63
OAB 6EU H . -27.13 -12.33 1.76
CAQ 6EU H . -28.03 -12.85 2.57
CAY 6EU H . -27.41 -12.98 3.97
CBE 6EU H . -27.13 -11.58 4.49
CBG 6EU H . -28.01 -10.97 5.26
CBI 6EU H . -27.73 -9.57 5.79
CBL 6EU H . -26.62 -8.96 5.46
CBJ 6EU H . -25.60 -9.65 4.56
CBH 6EU H . -25.84 -10.86 4.12
CBT 6EU I . 4.55 19.54 24.38
OAH 6EU I . 5.16 18.74 23.41
CBQ 6EU I . 4.26 17.98 22.66
CBO 6EU I . 2.97 18.03 22.93
CBS 6EU I . 4.76 17.10 21.52
OAI 6EU I . 6.13 17.05 21.22
CBR 6EU I . 3.91 16.38 20.81
CBP 6EU I . 2.41 16.44 21.13
CBN 6EU I . 1.99 17.20 22.11
CBM 6EU I . 0.48 17.27 22.45
CBK 6EU I . -0.25 18.07 21.35
OAG 6EU I . 0.35 18.55 20.45
OAF 6EU I . -1.65 18.27 21.43
CBC 6EU I . -2.14 19.07 20.36
CAX 6EU I . -2.53 20.45 20.95
CAS 6EU I . -2.69 21.46 20.11
CAK 6EU I . -2.13 22.81 20.40
CAU 6EU I . -3.22 20.47 22.32
CAR 6EU I . -3.53 21.93 22.87
OAD 6EU I . -2.35 22.54 23.29
CAZ 6EU I . -4.43 21.85 24.01
OAE 6EU I . -4.38 21.05 24.89
CBA 6EU I . -5.49 23.02 23.86
CBF 6EU I . -6.43 23.54 24.93
CAW 6EU I . -5.39 23.50 22.50
CAO 6EU I . -4.24 22.72 21.83
CAJ 6EU I . -3.31 23.69 21.10
OAA 6EU I . -4.19 24.32 19.89
CAN 6EU I . -2.69 24.99 21.59
CAT 6EU I . -3.66 26.13 21.49
CAP 6EU I . -1.38 25.31 20.76
CAM 6EU I . -1.54 24.94 19.28
CAV 6EU I . -0.31 25.40 18.48
CBB 6EU I . 0.08 24.43 17.38
CBD 6EU I . 0.86 25.82 19.37
OAC 6EU I . -2.51 25.48 18.83
CAL 6EU I . -1.78 23.41 19.13
OAB 6EU I . -2.81 23.31 18.44
CAQ 6EU I . -3.49 24.40 18.69
CAY 6EU I . -4.46 24.66 17.54
CBE 6EU I . -5.48 23.53 17.52
CBG 6EU I . -6.64 23.67 18.12
CBI 6EU I . -7.65 22.54 18.09
CBL 6EU I . -7.37 21.41 17.48
CBJ 6EU I . -6.02 21.24 16.78
CBH 6EU I . -5.15 22.22 16.79
CBT 6EU J . -15.33 26.18 -8.73
OAH 6EU J . -14.22 25.36 -8.94
CBQ 6EU J . -14.11 24.31 -8.02
CBO 6EU J . -15.00 24.19 -7.06
CBS 6EU J . -12.98 23.30 -8.14
OAI 6EU J . -12.04 23.43 -9.17
CBR 6EU J . -12.88 22.31 -7.28
CBP 6EU J . -13.90 22.17 -6.16
CBN 6EU J . -14.88 23.04 -6.06
CBM 6EU J . -15.93 22.92 -4.94
CBK 6EU J . -16.86 21.71 -5.24
OAG 6EU J . -16.71 21.07 -6.22
OAF 6EU J . -17.90 21.38 -4.32
CBC 6EU J . -18.69 20.29 -4.78
CAX 6EU J . -20.06 20.85 -5.22
CAS 6EU J . -20.81 20.09 -5.99
CAK 6EU J . -21.53 20.65 -7.17
CAU 6EU J . -20.69 21.94 -4.34
CAR 6EU J . -22.09 22.49 -4.90
OAD 6EU J . -21.87 23.29 -6.01
CAZ 6EU J . -22.73 23.29 -3.87
OAE 6EU J . -22.21 24.06 -3.14
CBA 6EU J . -24.28 22.92 -3.91
CBF 6EU J . -25.41 23.69 -3.26
CAW 6EU J . -24.40 21.70 -4.67
CAO 6EU J . -22.99 21.34 -5.19
CAJ 6EU J . -23.06 21.02 -6.68
OAA 6EU J . -23.91 19.66 -6.80
CAN 6EU J . -23.73 21.78 -7.81
CAT 6EU J . -25.19 21.48 -7.87
CAP 6EU J . -23.04 21.42 -9.20
CAM 6EU J . -22.65 19.95 -9.27
CAV 6EU J . -22.11 19.62 -10.67
CBB 6EU J . -21.00 18.58 -10.66
CBD 6EU J . -21.80 20.84 -11.51
OAC 6EU J . -23.60 19.26 -9.05
CAL 6EU J . -21.61 19.61 -8.17
OAB 6EU J . -22.07 18.62 -7.57
CAQ 6EU J . -23.36 18.73 -7.71
CAY 6EU J . -24.01 17.36 -7.51
CBE 6EU J . -23.81 16.94 -6.05
CBG 6EU J . -24.76 17.16 -5.18
CBI 6EU J . -24.55 16.74 -3.73
CBL 6EU J . -23.43 16.17 -3.37
CBJ 6EU J . -22.33 15.92 -4.38
CBH 6EU J . -22.51 16.28 -5.63
#